data_9DCN
#
_entry.id   9DCN
#
_entity_poly.entity_id   1
_entity_poly.type   'polypeptide(L)'
_entity_poly.pdbx_seq_one_letter_code
;MAHHHHHHMAKEDTIQMQGEILETLPNATFKVKLENDHIVLGHISGKMRMHYIRISPGDKVTVELTPYDLTRARIVFRAR
;
_entity_poly.pdbx_strand_id   A
#
# COMPACT_ATOMS: atom_id res chain seq x y z
N MET A 1 9.79 -4.88 -39.11
CA MET A 1 10.74 -5.48 -38.14
C MET A 1 10.33 -6.94 -37.87
N ALA A 2 11.31 -7.85 -38.00
CA ALA A 2 11.09 -9.32 -38.01
C ALA A 2 10.47 -9.84 -36.70
N HIS A 3 9.16 -10.17 -36.74
CA HIS A 3 8.43 -10.81 -35.62
C HIS A 3 8.39 -9.88 -34.39
N HIS A 4 8.21 -8.56 -34.64
CA HIS A 4 8.20 -7.53 -33.59
C HIS A 4 7.00 -7.75 -32.62
N HIS A 5 7.31 -8.03 -31.35
CA HIS A 5 6.28 -8.33 -30.34
C HIS A 5 5.65 -7.05 -29.78
N HIS A 6 4.31 -7.06 -29.68
CA HIS A 6 3.53 -5.91 -29.21
C HIS A 6 3.64 -5.78 -27.69
N HIS A 7 4.00 -4.58 -27.23
CA HIS A 7 4.10 -4.27 -25.78
C HIS A 7 2.70 -4.07 -25.19
N HIS A 8 2.08 -5.22 -24.91
CA HIS A 8 0.73 -5.32 -24.39
C HIS A 8 0.76 -6.43 -23.32
N MET A 9 0.90 -6.01 -22.06
CA MET A 9 0.99 -6.93 -20.91
C MET A 9 -0.41 -7.44 -20.52
N ALA A 10 -0.46 -8.64 -19.92
CA ALA A 10 -1.69 -9.30 -19.47
C ALA A 10 -1.44 -10.00 -18.14
N LYS A 11 -2.55 -10.32 -17.42
CA LYS A 11 -2.52 -10.91 -16.07
C LYS A 11 -1.87 -9.92 -15.09
N GLU A 12 -2.69 -9.07 -14.47
CA GLU A 12 -2.23 -8.17 -13.39
C GLU A 12 -2.24 -8.93 -12.08
N ASP A 13 -1.11 -8.88 -11.35
CA ASP A 13 -0.94 -9.59 -10.07
C ASP A 13 -0.31 -8.62 -9.05
N THR A 14 -1.15 -8.10 -8.15
CA THR A 14 -0.73 -7.21 -7.07
C THR A 14 -0.45 -8.06 -5.81
N ILE A 15 0.46 -7.61 -4.93
CA ILE A 15 0.93 -8.40 -3.76
C ILE A 15 0.77 -7.56 -2.50
N GLN A 16 0.07 -8.09 -1.48
CA GLN A 16 0.00 -7.45 -0.18
C GLN A 16 1.26 -7.84 0.60
N MET A 17 2.04 -6.83 0.97
CA MET A 17 3.31 -6.99 1.69
C MET A 17 3.19 -6.20 2.99
N GLN A 18 3.57 -6.81 4.10
CA GLN A 18 3.30 -6.28 5.46
C GLN A 18 4.62 -5.97 6.17
N GLY A 19 4.70 -4.73 6.71
CA GLY A 19 5.84 -4.29 7.51
C GLY A 19 5.43 -3.33 8.61
N GLU A 20 6.12 -2.18 8.70
CA GLU A 20 5.95 -1.20 9.78
C GLU A 20 6.33 0.19 9.26
N ILE A 21 5.68 1.24 9.79
CA ILE A 21 5.94 2.63 9.38
C ILE A 21 7.35 3.05 9.86
N LEU A 22 8.24 3.31 8.90
CA LEU A 22 9.58 3.87 9.17
C LEU A 22 9.42 5.38 9.45
N GLU A 23 8.60 6.05 8.62
CA GLU A 23 8.41 7.50 8.70
C GLU A 23 7.00 7.91 8.21
N THR A 24 6.37 8.79 8.99
CA THR A 24 5.11 9.43 8.65
C THR A 24 5.39 10.63 7.75
N LEU A 25 4.62 10.75 6.66
CA LEU A 25 4.71 11.87 5.72
C LEU A 25 3.31 12.49 5.54
N PRO A 26 3.19 13.86 5.53
CA PRO A 26 1.89 14.56 5.31
C PRO A 26 1.46 14.62 3.82
N ASN A 27 2.18 13.85 2.97
CA ASN A 27 1.92 13.76 1.52
C ASN A 27 0.83 12.72 1.21
N ALA A 28 0.02 12.35 2.25
CA ALA A 28 -1.03 11.30 2.17
C ALA A 28 -0.40 9.91 1.90
N THR A 29 0.91 9.82 2.12
CA THR A 29 1.74 8.67 1.81
C THR A 29 2.63 8.41 3.02
N PHE A 30 2.87 7.13 3.34
CA PHE A 30 3.66 6.75 4.52
C PHE A 30 4.86 5.90 4.08
N LYS A 31 6.04 6.24 4.61
CA LYS A 31 7.29 5.54 4.33
C LYS A 31 7.34 4.25 5.18
N VAL A 32 6.91 3.13 4.58
CA VAL A 32 6.76 1.83 5.28
C VAL A 32 7.98 0.94 4.95
N LYS A 33 8.64 0.47 5.99
CA LYS A 33 9.75 -0.50 5.88
C LYS A 33 9.17 -1.92 6.04
N LEU A 34 9.40 -2.78 5.04
CA LEU A 34 8.89 -4.16 5.05
C LEU A 34 9.91 -5.08 5.79
N GLU A 35 9.48 -6.32 6.09
CA GLU A 35 10.31 -7.31 6.85
C GLU A 35 11.61 -7.70 6.09
N ASN A 36 11.63 -7.44 4.77
CA ASN A 36 12.81 -7.68 3.90
C ASN A 36 13.81 -6.49 3.95
N ASP A 37 13.53 -5.51 4.85
CA ASP A 37 14.32 -4.24 5.00
C ASP A 37 14.15 -3.30 3.79
N HIS A 38 13.29 -3.71 2.83
CA HIS A 38 12.98 -2.93 1.64
C HIS A 38 11.89 -1.93 2.02
N ILE A 39 12.17 -0.64 1.88
CA ILE A 39 11.23 0.43 2.21
C ILE A 39 10.45 0.85 0.95
N VAL A 40 9.12 0.77 1.05
CA VAL A 40 8.16 1.16 0.01
C VAL A 40 7.24 2.26 0.57
N LEU A 41 6.71 3.11 -0.33
CA LEU A 41 5.81 4.20 0.04
C LEU A 41 4.33 3.75 -0.05
N GLY A 42 3.72 3.46 1.11
CA GLY A 42 2.31 3.06 1.19
C GLY A 42 1.39 4.27 1.28
N HIS A 43 0.74 4.61 0.15
CA HIS A 43 -0.14 5.78 0.02
C HIS A 43 -1.59 5.42 0.42
N ILE A 44 -2.20 6.24 1.30
CA ILE A 44 -3.63 6.09 1.65
C ILE A 44 -4.48 6.77 0.57
N SER A 45 -5.36 6.01 -0.09
CA SER A 45 -6.28 6.53 -1.10
C SER A 45 -7.63 6.90 -0.45
N GLY A 46 -8.35 7.86 -1.07
CA GLY A 46 -9.63 8.34 -0.54
C GLY A 46 -9.45 9.43 0.52
N LYS A 47 -10.50 10.26 0.72
CA LYS A 47 -10.51 11.35 1.74
C LYS A 47 -10.64 10.80 3.18
N MET A 48 -10.83 9.45 3.28
CA MET A 48 -10.86 8.73 4.56
C MET A 48 -9.60 9.01 5.40
N ARG A 49 -8.47 9.17 4.71
CA ARG A 49 -7.13 9.40 5.31
C ARG A 49 -7.08 10.63 6.25
N MET A 50 -7.87 11.67 5.90
CA MET A 50 -7.91 12.93 6.67
C MET A 50 -8.64 12.69 8.01
N HIS A 51 -9.74 11.94 7.93
CA HIS A 51 -10.55 11.53 9.11
C HIS A 51 -9.84 10.42 9.90
N TYR A 52 -9.02 9.63 9.20
CA TYR A 52 -8.31 8.47 9.74
C TYR A 52 -7.09 8.94 10.55
N ILE A 53 -6.83 8.25 11.67
CA ILE A 53 -5.69 8.51 12.53
C ILE A 53 -4.40 8.20 11.78
N ARG A 54 -3.65 9.25 11.39
CA ARG A 54 -2.35 9.16 10.70
C ARG A 54 -1.41 8.16 11.42
N ILE A 55 -0.88 7.20 10.65
CA ILE A 55 -0.18 6.02 11.20
C ILE A 55 1.25 6.41 11.62
N SER A 56 1.51 6.40 12.93
CA SER A 56 2.76 6.88 13.54
C SER A 56 3.95 5.91 13.27
N PRO A 57 5.25 6.40 13.25
CA PRO A 57 6.43 5.52 13.09
C PRO A 57 6.53 4.50 14.25
N GLY A 58 6.59 3.21 13.88
CA GLY A 58 6.59 2.12 14.86
C GLY A 58 5.26 1.36 14.92
N ASP A 59 4.28 1.74 14.08
CA ASP A 59 3.03 0.95 13.92
C ASP A 59 3.19 0.00 12.73
N LYS A 60 2.97 -1.30 12.98
CA LYS A 60 3.02 -2.31 11.92
C LYS A 60 1.73 -2.23 11.08
N VAL A 61 1.90 -2.28 9.75
CA VAL A 61 0.81 -2.12 8.80
C VAL A 61 1.10 -2.95 7.54
N THR A 62 0.03 -3.37 6.86
CA THR A 62 0.11 -4.04 5.57
C THR A 62 -0.12 -2.98 4.46
N VAL A 63 0.50 -3.19 3.30
CA VAL A 63 0.25 -2.40 2.07
C VAL A 63 0.12 -3.39 0.89
N GLU A 64 -0.19 -2.88 -0.31
CA GLU A 64 -0.42 -3.70 -1.50
C GLU A 64 0.28 -3.04 -2.69
N LEU A 65 1.23 -3.75 -3.29
CA LEU A 65 2.09 -3.24 -4.35
C LEU A 65 2.16 -4.24 -5.50
N THR A 66 1.94 -3.73 -6.73
CA THR A 66 2.31 -4.42 -7.94
C THR A 66 3.85 -4.57 -7.93
N PRO A 67 4.42 -5.75 -8.30
CA PRO A 67 5.87 -5.99 -8.21
C PRO A 67 6.65 -5.04 -9.15
N TYR A 68 5.96 -4.64 -10.23
CA TYR A 68 6.49 -3.70 -11.23
C TYR A 68 6.51 -2.26 -10.68
N ASP A 69 5.55 -1.96 -9.81
CA ASP A 69 5.38 -0.63 -9.20
C ASP A 69 5.85 -0.68 -7.74
N LEU A 70 6.90 -1.49 -7.49
CA LEU A 70 7.51 -1.74 -6.16
C LEU A 70 7.90 -0.45 -5.39
N THR A 71 8.13 0.65 -6.13
CA THR A 71 8.53 1.97 -5.56
C THR A 71 7.40 2.56 -4.67
N ARG A 72 6.16 2.21 -5.01
CA ARG A 72 4.94 2.73 -4.38
C ARG A 72 4.02 1.58 -3.97
N ALA A 73 3.00 1.90 -3.18
CA ALA A 73 1.96 0.94 -2.78
C ALA A 73 0.69 1.69 -2.38
N ARG A 74 -0.37 0.92 -2.10
CA ARG A 74 -1.60 1.42 -1.49
C ARG A 74 -1.66 0.82 -0.08
N ILE A 75 -2.02 1.64 0.91
CA ILE A 75 -2.16 1.18 2.29
C ILE A 75 -3.25 0.09 2.39
N VAL A 76 -3.02 -0.89 3.26
CA VAL A 76 -3.99 -1.94 3.56
C VAL A 76 -4.15 -2.01 5.09
N PHE A 77 -4.86 -1.01 5.65
CA PHE A 77 -5.33 -1.07 7.04
C PHE A 77 -6.58 -1.96 7.07
N ARG A 78 -6.50 -3.09 7.80
CA ARG A 78 -7.57 -4.10 7.79
C ARG A 78 -8.73 -3.65 8.69
N ALA A 79 -9.77 -3.07 8.06
CA ALA A 79 -11.04 -2.72 8.72
C ALA A 79 -12.04 -3.86 8.53
N ARG A 80 -12.90 -4.07 9.54
CA ARG A 80 -13.99 -5.07 9.49
C ARG A 80 -15.19 -4.49 8.69
N MET A 1 -34.82 11.64 -16.05
CA MET A 1 -33.36 11.40 -16.09
C MET A 1 -33.08 9.88 -16.10
N ALA A 2 -31.97 9.48 -16.73
CA ALA A 2 -31.46 8.11 -16.71
C ALA A 2 -29.99 8.15 -16.29
N HIS A 3 -29.64 7.42 -15.21
CA HIS A 3 -28.29 7.42 -14.63
C HIS A 3 -27.31 6.65 -15.54
N HIS A 4 -26.72 7.38 -16.49
CA HIS A 4 -25.72 6.85 -17.42
C HIS A 4 -24.35 6.86 -16.75
N HIS A 5 -24.03 5.74 -16.09
CA HIS A 5 -22.76 5.53 -15.38
C HIS A 5 -22.22 4.15 -15.71
N HIS A 6 -21.32 4.10 -16.71
CA HIS A 6 -20.63 2.86 -17.12
C HIS A 6 -19.34 2.69 -16.30
N HIS A 7 -18.95 1.43 -16.04
CA HIS A 7 -17.68 1.11 -15.38
C HIS A 7 -16.74 0.48 -16.41
N HIS A 8 -15.56 1.10 -16.62
CA HIS A 8 -14.55 0.60 -17.58
C HIS A 8 -13.88 -0.67 -17.02
N MET A 9 -13.49 -1.58 -17.93
CA MET A 9 -12.86 -2.86 -17.59
C MET A 9 -11.45 -2.59 -17.01
N ALA A 10 -11.34 -2.73 -15.68
CA ALA A 10 -10.10 -2.48 -14.94
C ALA A 10 -9.66 -3.78 -14.25
N LYS A 11 -8.35 -4.09 -14.31
CA LYS A 11 -7.78 -5.36 -13.80
C LYS A 11 -6.30 -5.18 -13.41
N GLU A 12 -5.88 -5.95 -12.39
CA GLU A 12 -4.47 -6.06 -11.93
C GLU A 12 -4.41 -7.09 -10.78
N ASP A 13 -3.20 -7.60 -10.51
CA ASP A 13 -2.94 -8.41 -9.30
C ASP A 13 -1.85 -7.71 -8.47
N THR A 14 -2.32 -6.92 -7.48
CA THR A 14 -1.46 -6.17 -6.56
C THR A 14 -1.12 -7.08 -5.37
N ILE A 15 0.05 -6.87 -4.73
CA ILE A 15 0.53 -7.75 -3.63
C ILE A 15 0.45 -6.99 -2.30
N GLN A 16 -0.36 -7.49 -1.36
CA GLN A 16 -0.46 -6.89 -0.03
C GLN A 16 0.69 -7.43 0.85
N MET A 17 1.54 -6.50 1.30
CA MET A 17 2.74 -6.79 2.09
C MET A 17 2.68 -5.99 3.38
N GLN A 18 3.04 -6.64 4.48
CA GLN A 18 2.97 -6.07 5.82
C GLN A 18 4.39 -5.77 6.33
N GLY A 19 4.73 -4.47 6.39
CA GLY A 19 6.00 -4.01 6.90
C GLY A 19 5.84 -3.19 8.16
N GLU A 20 6.59 -2.11 8.28
CA GLU A 20 6.61 -1.24 9.46
C GLU A 20 6.70 0.21 8.99
N ILE A 21 6.08 1.14 9.72
CA ILE A 21 6.20 2.57 9.43
C ILE A 21 7.64 3.02 9.79
N LEU A 22 8.45 3.23 8.75
CA LEU A 22 9.83 3.69 8.90
C LEU A 22 9.80 5.18 9.25
N GLU A 23 8.83 5.89 8.64
CA GLU A 23 8.67 7.34 8.79
C GLU A 23 7.22 7.69 8.45
N THR A 24 6.63 8.65 9.18
CA THR A 24 5.27 9.14 8.90
C THR A 24 5.28 10.66 8.77
N LEU A 25 4.82 11.10 7.62
CA LEU A 25 4.65 12.50 7.26
C LEU A 25 3.21 12.63 6.73
N PRO A 26 2.27 13.24 7.53
CA PRO A 26 0.83 13.38 7.16
C PRO A 26 0.59 14.16 5.86
N ASN A 27 0.81 13.46 4.74
CA ASN A 27 0.66 13.97 3.36
C ASN A 27 -0.21 12.98 2.57
N ALA A 28 -1.08 12.25 3.34
CA ALA A 28 -1.84 11.09 2.86
C ALA A 28 -0.89 9.98 2.37
N THR A 29 0.29 9.91 3.00
CA THR A 29 1.36 8.98 2.61
C THR A 29 2.21 8.63 3.84
N PHE A 30 2.56 7.35 3.97
CA PHE A 30 3.47 6.83 5.03
C PHE A 30 4.68 6.16 4.36
N LYS A 31 5.86 6.41 4.93
CA LYS A 31 7.09 5.72 4.54
C LYS A 31 7.17 4.40 5.32
N VAL A 32 7.17 3.31 4.58
CA VAL A 32 7.11 1.95 5.12
C VAL A 32 8.45 1.25 4.78
N LYS A 33 8.95 0.47 5.71
CA LYS A 33 10.08 -0.43 5.51
C LYS A 33 9.59 -1.84 5.80
N LEU A 34 9.73 -2.71 4.81
CA LEU A 34 9.48 -4.14 4.97
C LEU A 34 10.62 -4.79 5.78
N GLU A 35 10.25 -5.83 6.52
CA GLU A 35 11.18 -6.65 7.34
C GLU A 35 12.26 -7.34 6.47
N ASN A 36 11.97 -7.52 5.17
CA ASN A 36 12.93 -8.06 4.16
C ASN A 36 13.80 -6.92 3.55
N ASP A 37 13.83 -5.74 4.23
CA ASP A 37 14.70 -4.58 3.92
C ASP A 37 14.33 -3.85 2.61
N HIS A 38 13.11 -4.09 2.09
CA HIS A 38 12.56 -3.33 0.96
C HIS A 38 11.69 -2.18 1.50
N ILE A 39 12.17 -0.93 1.33
CA ILE A 39 11.44 0.26 1.77
C ILE A 39 10.46 0.70 0.67
N VAL A 40 9.17 0.73 1.01
CA VAL A 40 8.07 1.03 0.08
C VAL A 40 7.31 2.27 0.59
N LEU A 41 6.75 3.05 -0.33
CA LEU A 41 6.02 4.28 -0.02
C LEU A 41 4.50 3.97 -0.05
N GLY A 42 3.88 3.81 1.13
CA GLY A 42 2.48 3.38 1.24
C GLY A 42 1.54 4.58 1.18
N HIS A 43 0.81 4.74 0.07
CA HIS A 43 0.01 5.97 -0.19
C HIS A 43 -1.48 5.66 0.05
N ILE A 44 -2.15 6.58 0.75
CA ILE A 44 -3.58 6.45 1.07
C ILE A 44 -4.43 6.90 -0.13
N SER A 45 -5.39 6.04 -0.51
CA SER A 45 -6.38 6.35 -1.55
C SER A 45 -7.79 6.14 -0.94
N GLY A 46 -8.45 7.25 -0.59
CA GLY A 46 -9.77 7.23 0.02
C GLY A 46 -10.07 8.53 0.74
N LYS A 47 -11.33 8.99 0.68
CA LYS A 47 -11.75 10.34 1.15
C LYS A 47 -11.53 10.53 2.67
N MET A 48 -12.13 9.64 3.48
CA MET A 48 -12.01 9.70 4.94
C MET A 48 -10.61 9.30 5.40
N ARG A 49 -10.04 8.25 4.76
CA ARG A 49 -8.78 7.63 5.19
C ARG A 49 -7.56 8.56 5.01
N MET A 50 -7.57 9.37 3.93
CA MET A 50 -6.44 10.30 3.60
C MET A 50 -6.34 11.43 4.64
N HIS A 51 -7.47 11.78 5.25
CA HIS A 51 -7.56 12.80 6.29
C HIS A 51 -7.37 12.15 7.67
N TYR A 52 -7.92 10.95 7.85
CA TYR A 52 -7.90 10.24 9.12
C TYR A 52 -6.56 9.51 9.27
N ILE A 53 -5.61 10.23 9.88
CA ILE A 53 -4.29 9.72 10.24
C ILE A 53 -4.28 9.33 11.73
N ARG A 54 -3.85 8.11 12.02
CA ARG A 54 -3.74 7.61 13.41
C ARG A 54 -2.72 6.45 13.49
N ILE A 55 -1.93 6.29 12.41
CA ILE A 55 -0.87 5.28 12.33
C ILE A 55 0.44 5.91 12.83
N SER A 56 0.96 5.36 13.92
CA SER A 56 2.15 5.87 14.61
C SER A 56 3.44 5.39 13.91
N PRO A 57 4.60 6.12 14.09
CA PRO A 57 5.91 5.66 13.58
C PRO A 57 6.39 4.41 14.35
N GLY A 58 6.78 3.37 13.61
CA GLY A 58 7.21 2.10 14.17
C GLY A 58 6.09 1.07 14.27
N ASP A 59 4.87 1.46 13.85
CA ASP A 59 3.71 0.54 13.79
C ASP A 59 3.89 -0.46 12.63
N LYS A 60 3.64 -1.77 12.87
CA LYS A 60 3.68 -2.75 11.77
C LYS A 60 2.40 -2.58 10.93
N VAL A 61 2.56 -2.22 9.66
CA VAL A 61 1.43 -1.80 8.81
C VAL A 61 1.40 -2.63 7.54
N THR A 62 0.21 -2.77 6.97
CA THR A 62 0.02 -3.46 5.69
C THR A 62 -0.21 -2.41 4.60
N VAL A 63 0.38 -2.63 3.43
CA VAL A 63 0.20 -1.80 2.22
C VAL A 63 0.05 -2.75 1.01
N GLU A 64 -0.21 -2.20 -0.18
CA GLU A 64 -0.55 -2.98 -1.38
C GLU A 64 0.23 -2.45 -2.60
N LEU A 65 1.24 -3.22 -3.04
CA LEU A 65 2.21 -2.81 -4.08
C LEU A 65 2.28 -3.87 -5.19
N THR A 66 2.36 -3.40 -6.44
CA THR A 66 2.41 -4.25 -7.64
C THR A 66 3.77 -4.98 -7.75
N PRO A 67 3.81 -6.21 -8.37
CA PRO A 67 5.07 -6.93 -8.62
C PRO A 67 5.97 -6.22 -9.67
N TYR A 68 5.37 -5.27 -10.41
CA TYR A 68 6.07 -4.47 -11.43
C TYR A 68 6.74 -3.23 -10.81
N ASP A 69 6.19 -2.76 -9.68
CA ASP A 69 6.69 -1.57 -8.98
C ASP A 69 6.52 -1.71 -7.47
N LEU A 70 7.66 -1.79 -6.78
CA LEU A 70 7.74 -1.96 -5.32
C LEU A 70 8.10 -0.63 -4.61
N THR A 71 8.24 0.48 -5.37
CA THR A 71 8.60 1.79 -4.81
C THR A 71 7.36 2.47 -4.19
N ARG A 72 6.17 2.24 -4.78
CA ARG A 72 4.90 2.80 -4.27
C ARG A 72 3.92 1.69 -3.93
N ALA A 73 2.97 2.03 -3.06
CA ALA A 73 1.93 1.12 -2.61
C ALA A 73 0.65 1.89 -2.25
N ARG A 74 -0.37 1.15 -1.84
CA ARG A 74 -1.65 1.68 -1.34
C ARG A 74 -1.82 1.21 0.09
N ILE A 75 -2.18 2.11 1.04
CA ILE A 75 -2.34 1.73 2.45
C ILE A 75 -3.44 0.64 2.59
N VAL A 76 -3.19 -0.37 3.42
CA VAL A 76 -4.18 -1.40 3.74
C VAL A 76 -4.59 -1.26 5.22
N PHE A 77 -5.70 -0.55 5.45
CA PHE A 77 -6.27 -0.35 6.78
C PHE A 77 -7.08 -1.61 7.19
N ARG A 78 -6.44 -2.47 8.01
CA ARG A 78 -7.02 -3.74 8.45
C ARG A 78 -8.04 -3.52 9.56
N ALA A 79 -9.33 -3.83 9.26
CA ALA A 79 -10.44 -3.78 10.23
C ALA A 79 -10.21 -4.76 11.39
N ARG A 80 -10.74 -4.42 12.57
CA ARG A 80 -10.49 -5.15 13.83
C ARG A 80 -11.23 -6.52 13.80
N MET A 1 -27.94 6.77 -28.31
CA MET A 1 -26.96 5.74 -27.91
C MET A 1 -26.03 6.32 -26.84
N ALA A 2 -26.41 6.14 -25.56
CA ALA A 2 -25.64 6.63 -24.41
C ALA A 2 -24.34 5.83 -24.25
N HIS A 3 -24.42 4.50 -24.46
CA HIS A 3 -23.25 3.63 -24.52
C HIS A 3 -22.78 3.52 -25.99
N HIS A 4 -21.54 3.98 -26.25
CA HIS A 4 -20.89 3.83 -27.57
C HIS A 4 -20.07 2.52 -27.58
N HIS A 5 -19.78 2.00 -26.37
CA HIS A 5 -19.20 0.68 -26.14
C HIS A 5 -20.13 -0.10 -25.17
N HIS A 6 -19.66 -1.20 -24.58
CA HIS A 6 -20.47 -2.01 -23.62
C HIS A 6 -20.00 -1.77 -22.18
N HIS A 7 -18.85 -2.35 -21.81
CA HIS A 7 -18.26 -2.21 -20.45
C HIS A 7 -16.83 -2.77 -20.43
N HIS A 8 -16.07 -2.43 -19.38
CA HIS A 8 -14.70 -2.92 -19.17
C HIS A 8 -14.39 -2.94 -17.67
N MET A 9 -13.55 -3.91 -17.25
CA MET A 9 -13.06 -4.05 -15.88
C MET A 9 -11.56 -4.37 -15.91
N ALA A 10 -10.71 -3.39 -15.55
CA ALA A 10 -9.25 -3.55 -15.53
C ALA A 10 -8.81 -4.40 -14.32
N LYS A 11 -7.82 -5.28 -14.54
CA LYS A 11 -7.28 -6.15 -13.49
C LYS A 11 -6.02 -5.52 -12.89
N GLU A 12 -6.10 -5.17 -11.59
CA GLU A 12 -4.93 -4.77 -10.79
C GLU A 12 -4.61 -5.90 -9.81
N ASP A 13 -3.87 -6.92 -10.31
CA ASP A 13 -3.40 -8.05 -9.50
C ASP A 13 -2.19 -7.58 -8.65
N THR A 14 -2.52 -6.87 -7.57
CA THR A 14 -1.55 -6.22 -6.70
C THR A 14 -1.35 -7.11 -5.44
N ILE A 15 -0.16 -7.03 -4.85
CA ILE A 15 0.30 -7.99 -3.80
C ILE A 15 0.32 -7.31 -2.42
N GLN A 16 -0.37 -7.91 -1.42
CA GLN A 16 -0.37 -7.39 -0.05
C GLN A 16 0.89 -7.87 0.69
N MET A 17 1.68 -6.90 1.13
CA MET A 17 2.91 -7.09 1.90
C MET A 17 2.87 -6.17 3.12
N GLN A 18 3.40 -6.67 4.24
CA GLN A 18 3.32 -5.99 5.54
C GLN A 18 4.72 -5.54 5.99
N GLY A 19 4.80 -4.31 6.50
CA GLY A 19 6.00 -3.75 7.05
C GLY A 19 5.72 -2.87 8.26
N GLU A 20 6.62 -1.95 8.57
CA GLU A 20 6.51 -1.05 9.73
C GLU A 20 6.79 0.39 9.28
N ILE A 21 6.07 1.37 9.86
CA ILE A 21 6.20 2.78 9.50
C ILE A 21 7.56 3.31 9.97
N LEU A 22 8.49 3.52 9.00
CA LEU A 22 9.81 4.09 9.28
C LEU A 22 9.65 5.60 9.56
N GLU A 23 8.99 6.29 8.61
CA GLU A 23 8.84 7.75 8.64
C GLU A 23 7.41 8.15 8.31
N THR A 24 6.93 9.19 9.00
CA THR A 24 5.65 9.83 8.72
C THR A 24 5.91 11.21 8.12
N LEU A 25 5.06 11.62 7.16
CA LEU A 25 5.10 12.96 6.57
C LEU A 25 3.74 13.24 5.92
N PRO A 26 3.19 14.51 6.04
CA PRO A 26 1.89 14.89 5.44
C PRO A 26 2.00 15.12 3.91
N ASN A 27 2.30 14.03 3.17
CA ASN A 27 2.49 14.05 1.70
C ASN A 27 1.67 12.90 1.08
N ALA A 28 0.56 12.54 1.77
CA ALA A 28 -0.40 11.50 1.36
C ALA A 28 0.20 10.07 1.40
N THR A 29 1.45 9.95 1.89
CA THR A 29 2.18 8.67 1.97
C THR A 29 2.99 8.62 3.27
N PHE A 30 3.17 7.40 3.78
CA PHE A 30 4.08 7.10 4.90
C PHE A 30 5.19 6.19 4.38
N LYS A 31 6.43 6.43 4.81
CA LYS A 31 7.58 5.63 4.37
C LYS A 31 7.67 4.38 5.26
N VAL A 32 7.24 3.25 4.68
CA VAL A 32 7.15 1.95 5.35
C VAL A 32 8.38 1.11 4.95
N LYS A 33 8.86 0.25 5.85
CA LYS A 33 9.91 -0.76 5.55
C LYS A 33 9.32 -2.13 5.79
N LEU A 34 9.25 -2.94 4.72
CA LEU A 34 8.73 -4.32 4.76
C LEU A 34 9.66 -5.23 5.59
N GLU A 35 9.18 -6.46 5.80
CA GLU A 35 9.89 -7.51 6.59
C GLU A 35 11.24 -7.94 5.95
N ASN A 36 11.40 -7.74 4.61
CA ASN A 36 12.69 -7.92 3.89
C ASN A 36 13.58 -6.67 4.04
N ASP A 37 13.17 -5.71 4.89
CA ASP A 37 13.88 -4.43 5.13
C ASP A 37 13.83 -3.51 3.88
N HIS A 38 12.88 -3.80 2.98
CA HIS A 38 12.72 -3.08 1.71
C HIS A 38 11.84 -1.83 1.92
N ILE A 39 12.38 -0.66 1.60
CA ILE A 39 11.69 0.63 1.78
C ILE A 39 10.66 0.83 0.66
N VAL A 40 9.38 0.96 1.06
CA VAL A 40 8.27 1.23 0.15
C VAL A 40 7.49 2.47 0.66
N LEU A 41 6.97 3.26 -0.27
CA LEU A 41 6.13 4.44 0.04
C LEU A 41 4.65 3.99 -0.01
N GLY A 42 4.00 3.91 1.17
CA GLY A 42 2.61 3.44 1.26
C GLY A 42 1.65 4.61 1.35
N HIS A 43 0.92 4.89 0.25
CA HIS A 43 0.05 6.08 0.14
C HIS A 43 -1.39 5.71 0.48
N ILE A 44 -2.09 6.62 1.17
CA ILE A 44 -3.52 6.46 1.47
C ILE A 44 -4.33 7.32 0.46
N SER A 45 -5.44 6.77 -0.05
CA SER A 45 -6.30 7.45 -1.01
C SER A 45 -7.76 7.43 -0.50
N GLY A 46 -8.51 8.48 -0.88
CA GLY A 46 -9.93 8.60 -0.56
C GLY A 46 -10.22 9.36 0.73
N LYS A 47 -11.51 9.35 1.14
CA LYS A 47 -12.02 10.12 2.30
C LYS A 47 -11.60 9.47 3.64
N MET A 48 -11.21 8.18 3.60
CA MET A 48 -10.76 7.42 4.78
C MET A 48 -9.48 8.02 5.36
N ARG A 49 -8.63 8.62 4.50
CA ARG A 49 -7.39 9.31 4.92
C ARG A 49 -7.74 10.50 5.85
N MET A 50 -8.78 11.25 5.45
CA MET A 50 -9.24 12.43 6.21
C MET A 50 -9.92 12.01 7.53
N HIS A 51 -10.67 10.90 7.49
CA HIS A 51 -11.45 10.42 8.66
C HIS A 51 -10.52 9.80 9.72
N TYR A 52 -9.50 9.05 9.26
CA TYR A 52 -8.55 8.35 10.13
C TYR A 52 -7.35 9.22 10.46
N ILE A 53 -6.69 8.90 11.58
CA ILE A 53 -5.45 9.56 12.02
C ILE A 53 -4.25 9.16 11.13
N ARG A 54 -3.13 9.88 11.33
CA ARG A 54 -1.84 9.54 10.72
C ARG A 54 -1.26 8.30 11.41
N ILE A 55 -0.94 7.27 10.62
CA ILE A 55 -0.33 6.03 11.13
C ILE A 55 1.10 6.34 11.58
N SER A 56 1.34 6.17 12.87
CA SER A 56 2.52 6.68 13.58
C SER A 56 3.75 5.77 13.40
N PRO A 57 5.02 6.30 13.58
CA PRO A 57 6.26 5.49 13.48
C PRO A 57 6.29 4.34 14.49
N GLY A 58 6.63 3.13 14.02
CA GLY A 58 6.67 1.94 14.87
C GLY A 58 5.45 1.06 14.70
N ASP A 59 4.39 1.57 14.03
CA ASP A 59 3.18 0.77 13.73
C ASP A 59 3.47 -0.15 12.54
N LYS A 60 3.26 -1.46 12.74
CA LYS A 60 3.34 -2.44 11.64
C LYS A 60 2.03 -2.42 10.85
N VAL A 61 2.12 -2.06 9.56
CA VAL A 61 0.96 -1.86 8.70
C VAL A 61 1.09 -2.70 7.42
N THR A 62 -0.05 -3.07 6.83
CA THR A 62 -0.10 -3.79 5.57
C THR A 62 -0.33 -2.77 4.43
N VAL A 63 0.32 -2.99 3.29
CA VAL A 63 0.16 -2.21 2.06
C VAL A 63 0.09 -3.17 0.86
N GLU A 64 -0.14 -2.64 -0.35
CA GLU A 64 -0.37 -3.45 -1.56
C GLU A 64 0.43 -2.85 -2.73
N LEU A 65 1.41 -3.60 -3.22
CA LEU A 65 2.36 -3.19 -4.27
C LEU A 65 2.40 -4.28 -5.35
N THR A 66 2.49 -3.84 -6.61
CA THR A 66 2.56 -4.73 -7.77
C THR A 66 3.99 -5.30 -7.95
N PRO A 67 4.16 -6.40 -8.76
CA PRO A 67 5.52 -6.83 -9.22
C PRO A 67 6.13 -5.80 -10.20
N TYR A 68 5.25 -4.95 -10.79
CA TYR A 68 5.65 -3.88 -11.71
C TYR A 68 6.24 -2.68 -10.95
N ASP A 69 5.74 -2.44 -9.72
CA ASP A 69 6.16 -1.31 -8.88
C ASP A 69 6.17 -1.75 -7.42
N LEU A 70 7.38 -2.01 -6.90
CA LEU A 70 7.60 -2.42 -5.50
C LEU A 70 8.25 -1.29 -4.67
N THR A 71 8.49 -0.11 -5.30
CA THR A 71 9.06 1.07 -4.61
C THR A 71 7.95 1.89 -3.95
N ARG A 72 6.74 1.82 -4.55
CA ARG A 72 5.53 2.50 -4.04
C ARG A 72 4.42 1.46 -3.89
N ALA A 73 3.45 1.76 -3.03
CA ALA A 73 2.34 0.87 -2.68
C ALA A 73 1.15 1.68 -2.19
N ARG A 74 0.02 1.00 -2.04
CA ARG A 74 -1.24 1.59 -1.54
C ARG A 74 -1.55 0.99 -0.18
N ILE A 75 -2.08 1.79 0.73
CA ILE A 75 -2.37 1.37 2.09
C ILE A 75 -3.42 0.24 2.10
N VAL A 76 -3.24 -0.71 3.03
CA VAL A 76 -4.23 -1.75 3.29
C VAL A 76 -4.68 -1.65 4.76
N PHE A 77 -5.94 -1.22 4.97
CA PHE A 77 -6.58 -1.17 6.29
C PHE A 77 -6.83 -2.61 6.76
N ARG A 78 -5.84 -3.18 7.46
CA ARG A 78 -5.86 -4.57 7.90
C ARG A 78 -6.74 -4.73 9.14
N ALA A 79 -7.85 -5.49 9.00
CA ALA A 79 -8.79 -5.75 10.10
C ALA A 79 -8.17 -6.77 11.08
N ARG A 80 -7.82 -6.28 12.26
CA ARG A 80 -7.27 -7.10 13.35
C ARG A 80 -8.42 -7.86 14.05
N MET A 1 -31.24 0.44 -34.03
CA MET A 1 -30.32 -0.43 -34.81
C MET A 1 -29.08 -0.82 -33.98
N ALA A 2 -28.46 0.16 -33.32
CA ALA A 2 -27.22 -0.04 -32.55
C ALA A 2 -27.11 1.00 -31.41
N HIS A 3 -27.74 0.68 -30.28
CA HIS A 3 -27.65 1.45 -29.00
C HIS A 3 -27.58 0.45 -27.83
N HIS A 4 -27.27 0.98 -26.62
CA HIS A 4 -27.16 0.18 -25.38
C HIS A 4 -26.07 -0.91 -25.53
N HIS A 5 -24.83 -0.56 -25.18
CA HIS A 5 -23.67 -1.45 -25.30
C HIS A 5 -22.85 -1.43 -23.99
N HIS A 6 -22.73 -2.60 -23.36
CA HIS A 6 -21.99 -2.80 -22.10
C HIS A 6 -20.48 -2.66 -22.35
N HIS A 7 -19.80 -1.83 -21.54
CA HIS A 7 -18.33 -1.65 -21.63
C HIS A 7 -17.62 -2.78 -20.89
N HIS A 8 -16.49 -3.23 -21.44
CA HIS A 8 -15.70 -4.32 -20.86
C HIS A 8 -14.85 -3.79 -19.68
N MET A 9 -14.69 -4.60 -18.62
CA MET A 9 -13.89 -4.24 -17.43
C MET A 9 -12.48 -4.87 -17.54
N ALA A 10 -11.49 -4.22 -16.89
CA ALA A 10 -10.08 -4.67 -16.90
C ALA A 10 -9.71 -5.30 -15.54
N LYS A 11 -8.91 -6.37 -15.58
CA LYS A 11 -8.49 -7.13 -14.38
C LYS A 11 -7.09 -6.66 -13.91
N GLU A 12 -6.93 -6.52 -12.59
CA GLU A 12 -5.68 -6.07 -11.96
C GLU A 12 -4.93 -7.26 -11.32
N ASP A 13 -3.65 -7.03 -10.94
CA ASP A 13 -2.83 -8.00 -10.20
C ASP A 13 -1.89 -7.24 -9.24
N THR A 14 -2.33 -7.12 -7.98
CA THR A 14 -1.62 -6.36 -6.95
C THR A 14 -1.50 -7.23 -5.66
N ILE A 15 -0.40 -7.03 -4.91
CA ILE A 15 0.02 -7.91 -3.80
C ILE A 15 0.05 -7.10 -2.49
N GLN A 16 -0.63 -7.60 -1.45
CA GLN A 16 -0.59 -6.99 -0.13
C GLN A 16 0.64 -7.46 0.63
N MET A 17 1.43 -6.52 1.12
CA MET A 17 2.61 -6.76 1.96
C MET A 17 2.49 -5.88 3.21
N GLN A 18 2.57 -6.51 4.39
CA GLN A 18 2.54 -5.80 5.66
C GLN A 18 3.96 -5.59 6.19
N GLY A 19 4.33 -4.32 6.36
CA GLY A 19 5.59 -3.93 6.97
C GLY A 19 5.36 -3.08 8.19
N GLU A 20 6.30 -2.19 8.45
CA GLU A 20 6.27 -1.27 9.60
C GLU A 20 6.70 0.11 9.11
N ILE A 21 6.15 1.16 9.70
CA ILE A 21 6.51 2.54 9.33
C ILE A 21 7.90 2.89 9.84
N LEU A 22 8.77 3.32 8.92
CA LEU A 22 10.08 3.85 9.26
C LEU A 22 9.93 5.32 9.63
N GLU A 23 9.37 6.09 8.68
CA GLU A 23 9.26 7.57 8.81
C GLU A 23 7.89 8.05 8.31
N THR A 24 7.08 8.60 9.25
CA THR A 24 5.82 9.24 8.94
C THR A 24 6.06 10.70 8.51
N LEU A 25 5.31 11.14 7.50
CA LEU A 25 5.34 12.52 7.02
C LEU A 25 3.94 12.89 6.44
N PRO A 26 3.29 13.98 6.94
CA PRO A 26 1.92 14.38 6.51
C PRO A 26 1.91 14.92 5.06
N ASN A 27 1.88 13.99 4.10
CA ASN A 27 1.97 14.27 2.66
C ASN A 27 1.21 13.16 1.89
N ALA A 28 0.22 12.53 2.57
CA ALA A 28 -0.60 11.40 2.05
C ALA A 28 0.23 10.12 1.86
N THR A 29 1.47 10.14 2.34
CA THR A 29 2.47 9.12 2.06
C THR A 29 3.28 8.82 3.31
N PHE A 30 3.58 7.54 3.51
CA PHE A 30 4.42 7.08 4.63
C PHE A 30 5.62 6.31 4.10
N LYS A 31 6.79 6.57 4.67
CA LYS A 31 8.01 5.81 4.35
C LYS A 31 7.99 4.50 5.17
N VAL A 32 7.60 3.40 4.50
CA VAL A 32 7.36 2.12 5.15
C VAL A 32 8.59 1.21 4.96
N LYS A 33 9.05 0.69 6.06
CA LYS A 33 10.09 -0.34 6.13
C LYS A 33 9.41 -1.74 6.24
N LEU A 34 9.30 -2.41 5.08
CA LEU A 34 8.80 -3.80 5.00
C LEU A 34 9.80 -4.74 5.71
N GLU A 35 9.26 -5.80 6.34
CA GLU A 35 10.03 -6.70 7.24
C GLU A 35 11.07 -7.57 6.50
N ASN A 36 11.07 -7.51 5.16
CA ASN A 36 12.12 -8.15 4.31
C ASN A 36 13.33 -7.22 4.12
N ASP A 37 13.34 -6.11 4.89
CA ASP A 37 14.37 -5.05 4.84
C ASP A 37 14.32 -4.32 3.48
N HIS A 38 13.10 -3.93 3.07
CA HIS A 38 12.89 -3.13 1.87
C HIS A 38 11.99 -1.93 2.20
N ILE A 39 12.36 -0.75 1.69
CA ILE A 39 11.57 0.48 1.87
C ILE A 39 10.59 0.62 0.69
N VAL A 40 9.32 0.90 1.00
CA VAL A 40 8.27 1.20 0.01
C VAL A 40 7.50 2.47 0.44
N LEU A 41 7.05 3.24 -0.56
CA LEU A 41 6.19 4.41 -0.36
C LEU A 41 4.73 3.92 -0.25
N GLY A 42 4.08 4.19 0.89
CA GLY A 42 2.69 3.80 1.14
C GLY A 42 1.80 5.00 1.00
N HIS A 43 1.10 5.07 -0.14
CA HIS A 43 0.28 6.21 -0.53
C HIS A 43 -1.18 5.93 -0.18
N ILE A 44 -1.78 6.84 0.60
CA ILE A 44 -3.21 6.84 0.86
C ILE A 44 -3.96 7.18 -0.43
N SER A 45 -4.82 6.25 -0.84
CA SER A 45 -5.66 6.39 -2.03
C SER A 45 -7.12 6.24 -1.60
N GLY A 46 -7.79 7.37 -1.39
CA GLY A 46 -9.19 7.42 -0.98
C GLY A 46 -9.42 8.39 0.17
N LYS A 47 -10.71 8.70 0.39
CA LYS A 47 -11.17 9.66 1.42
C LYS A 47 -11.12 9.02 2.84
N MET A 48 -10.72 7.73 2.91
CA MET A 48 -10.60 6.94 4.15
C MET A 48 -9.79 7.66 5.25
N ARG A 49 -8.76 8.42 4.85
CA ARG A 49 -7.83 9.12 5.79
C ARG A 49 -8.54 10.13 6.72
N MET A 50 -9.75 10.55 6.32
CA MET A 50 -10.62 11.45 7.11
C MET A 50 -10.93 10.85 8.49
N HIS A 51 -11.26 9.55 8.52
CA HIS A 51 -11.58 8.81 9.76
C HIS A 51 -10.47 7.82 10.14
N TYR A 52 -9.55 7.54 9.19
CA TYR A 52 -8.42 6.60 9.39
C TYR A 52 -7.41 7.19 10.40
N ILE A 53 -6.93 6.33 11.31
CA ILE A 53 -6.01 6.73 12.40
C ILE A 53 -4.68 7.32 11.85
N ARG A 54 -4.13 8.29 12.61
CA ARG A 54 -2.82 8.89 12.32
C ARG A 54 -1.73 7.84 12.54
N ILE A 55 -1.16 7.37 11.43
CA ILE A 55 -0.12 6.34 11.43
C ILE A 55 1.24 6.99 11.72
N SER A 56 1.93 6.48 12.74
CA SER A 56 3.21 7.01 13.26
C SER A 56 4.34 5.96 13.09
N PRO A 57 5.66 6.33 13.22
CA PRO A 57 6.79 5.36 13.16
C PRO A 57 6.67 4.25 14.21
N GLY A 58 6.82 2.99 13.78
CA GLY A 58 6.70 1.84 14.67
C GLY A 58 5.36 1.13 14.54
N ASP A 59 4.40 1.75 13.83
CA ASP A 59 3.10 1.12 13.52
C ASP A 59 3.29 0.14 12.36
N LYS A 60 2.98 -1.14 12.61
CA LYS A 60 3.04 -2.17 11.56
C LYS A 60 1.81 -1.99 10.68
N VAL A 61 2.05 -1.68 9.40
CA VAL A 61 1.03 -1.25 8.48
C VAL A 61 1.06 -2.18 7.27
N THR A 62 -0.10 -2.38 6.69
CA THR A 62 -0.25 -3.16 5.48
C THR A 62 -0.39 -2.19 4.31
N VAL A 63 0.19 -2.56 3.17
CA VAL A 63 0.01 -1.84 1.90
C VAL A 63 -0.21 -2.88 0.79
N GLU A 64 -0.47 -2.39 -0.44
CA GLU A 64 -0.73 -3.24 -1.61
C GLU A 64 0.05 -2.67 -2.79
N LEU A 65 1.08 -3.40 -3.23
CA LEU A 65 1.98 -3.00 -4.31
C LEU A 65 1.95 -3.99 -5.47
N THR A 66 2.02 -3.44 -6.69
CA THR A 66 2.21 -4.19 -7.91
C THR A 66 3.56 -4.96 -7.83
N PRO A 67 3.67 -6.21 -8.36
CA PRO A 67 4.92 -7.00 -8.29
C PRO A 67 6.10 -6.32 -9.02
N TYR A 68 5.76 -5.40 -9.95
CA TYR A 68 6.73 -4.59 -10.69
C TYR A 68 7.06 -3.29 -9.91
N ASP A 69 6.07 -2.79 -9.14
CA ASP A 69 6.21 -1.56 -8.34
C ASP A 69 6.44 -1.89 -6.86
N LEU A 70 7.66 -2.30 -6.55
CA LEU A 70 8.11 -2.46 -5.15
C LEU A 70 8.50 -1.08 -4.56
N THR A 71 8.51 -0.05 -5.42
CA THR A 71 8.79 1.34 -5.03
C THR A 71 7.52 2.05 -4.51
N ARG A 72 6.35 1.74 -5.11
CA ARG A 72 5.07 2.43 -4.81
C ARG A 72 4.03 1.41 -4.36
N ALA A 73 3.21 1.79 -3.38
CA ALA A 73 2.12 0.97 -2.86
C ALA A 73 0.94 1.84 -2.44
N ARG A 74 -0.20 1.21 -2.18
CA ARG A 74 -1.40 1.89 -1.68
C ARG A 74 -1.71 1.37 -0.27
N ILE A 75 -2.16 2.27 0.61
CA ILE A 75 -2.43 1.98 2.02
C ILE A 75 -3.51 0.85 2.17
N VAL A 76 -3.25 -0.10 3.08
CA VAL A 76 -4.19 -1.18 3.41
C VAL A 76 -4.37 -1.25 4.94
N PHE A 77 -5.62 -1.41 5.40
CA PHE A 77 -5.93 -1.64 6.81
C PHE A 77 -6.50 -3.05 6.99
N ARG A 78 -5.82 -3.89 7.78
CA ARG A 78 -6.32 -5.22 8.14
C ARG A 78 -7.26 -5.12 9.35
N ALA A 79 -8.42 -5.78 9.26
CA ALA A 79 -9.38 -5.89 10.38
C ALA A 79 -8.86 -6.91 11.42
N ARG A 80 -9.37 -6.80 12.64
CA ARG A 80 -9.01 -7.68 13.76
C ARG A 80 -10.07 -7.52 14.89
N MET A 1 -17.03 -17.08 -41.31
CA MET A 1 -16.98 -16.33 -40.03
C MET A 1 -15.55 -16.32 -39.45
N ALA A 2 -14.85 -15.19 -39.62
CA ALA A 2 -13.49 -14.99 -39.08
C ALA A 2 -13.58 -14.64 -37.58
N HIS A 3 -13.48 -15.67 -36.71
CA HIS A 3 -13.56 -15.50 -35.25
C HIS A 3 -12.24 -14.89 -34.71
N HIS A 4 -12.37 -14.05 -33.68
CA HIS A 4 -11.23 -13.48 -32.93
C HIS A 4 -11.26 -14.05 -31.50
N HIS A 5 -10.26 -14.87 -31.14
CA HIS A 5 -10.15 -15.47 -29.80
C HIS A 5 -9.82 -14.36 -28.79
N HIS A 6 -10.80 -14.04 -27.93
CA HIS A 6 -10.73 -12.90 -27.00
C HIS A 6 -9.67 -13.12 -25.91
N HIS A 7 -8.45 -12.60 -26.17
CA HIS A 7 -7.30 -12.76 -25.26
C HIS A 7 -7.37 -11.72 -24.11
N HIS A 8 -8.16 -12.07 -23.08
CA HIS A 8 -8.35 -11.25 -21.87
C HIS A 8 -8.10 -12.14 -20.64
N MET A 9 -6.95 -11.93 -19.98
CA MET A 9 -6.49 -12.71 -18.82
C MET A 9 -6.37 -11.78 -17.59
N ALA A 10 -5.92 -12.34 -16.45
CA ALA A 10 -5.75 -11.57 -15.19
C ALA A 10 -4.56 -10.59 -15.30
N LYS A 11 -4.84 -9.41 -15.89
CA LYS A 11 -3.83 -8.38 -16.22
C LYS A 11 -3.43 -7.59 -14.94
N GLU A 12 -4.37 -7.57 -13.98
CA GLU A 12 -4.18 -6.97 -12.65
C GLU A 12 -3.53 -8.02 -11.73
N ASP A 13 -2.23 -7.87 -11.48
CA ASP A 13 -1.47 -8.71 -10.55
C ASP A 13 -0.77 -7.81 -9.54
N THR A 14 -1.25 -7.83 -8.30
CA THR A 14 -0.73 -7.01 -7.21
C THR A 14 -0.50 -7.93 -5.98
N ILE A 15 0.47 -7.55 -5.14
CA ILE A 15 0.97 -8.39 -4.01
C ILE A 15 0.81 -7.63 -2.68
N GLN A 16 0.11 -8.23 -1.70
CA GLN A 16 -0.04 -7.65 -0.35
C GLN A 16 1.19 -7.99 0.48
N MET A 17 1.88 -6.93 0.91
CA MET A 17 3.06 -7.01 1.78
C MET A 17 2.69 -6.37 3.12
N GLN A 18 3.55 -6.57 4.11
CA GLN A 18 3.37 -6.03 5.45
C GLN A 18 4.72 -5.43 5.88
N GLY A 19 4.65 -4.27 6.54
CA GLY A 19 5.85 -3.60 7.04
C GLY A 19 5.54 -2.64 8.16
N GLU A 20 6.60 -2.08 8.73
CA GLU A 20 6.53 -1.07 9.78
C GLU A 20 6.69 0.33 9.17
N ILE A 21 5.94 1.33 9.67
CA ILE A 21 6.04 2.72 9.21
C ILE A 21 7.40 3.30 9.65
N LEU A 22 8.31 3.52 8.68
CA LEU A 22 9.64 4.09 8.97
C LEU A 22 9.51 5.58 9.26
N GLU A 23 8.89 6.33 8.34
CA GLU A 23 8.69 7.79 8.47
C GLU A 23 7.30 8.19 7.96
N THR A 24 6.62 9.03 8.74
CA THR A 24 5.31 9.58 8.38
C THR A 24 5.50 10.83 7.48
N LEU A 25 4.99 10.77 6.25
CA LEU A 25 5.14 11.85 5.25
C LEU A 25 3.77 12.54 5.03
N PRO A 26 3.72 13.76 4.39
CA PRO A 26 2.47 14.31 3.79
C PRO A 26 2.16 13.65 2.41
N ASN A 27 1.30 14.32 1.58
CA ASN A 27 0.88 13.82 0.24
C ASN A 27 0.04 12.51 0.37
N ALA A 28 -0.57 12.35 1.57
CA ALA A 28 -1.33 11.15 2.01
C ALA A 28 -0.44 9.89 2.13
N THR A 29 0.87 10.06 1.94
CA THR A 29 1.83 8.95 1.81
C THR A 29 2.60 8.73 3.12
N PHE A 30 2.94 7.46 3.41
CA PHE A 30 3.77 7.06 4.55
C PHE A 30 4.93 6.21 4.04
N LYS A 31 6.16 6.56 4.47
CA LYS A 31 7.37 5.79 4.17
C LYS A 31 7.35 4.52 5.06
N VAL A 32 6.98 3.39 4.43
CA VAL A 32 6.88 2.07 5.07
C VAL A 32 8.16 1.28 4.77
N LYS A 33 8.54 0.36 5.66
CA LYS A 33 9.65 -0.57 5.47
C LYS A 33 9.17 -2.00 5.73
N LEU A 34 9.25 -2.86 4.71
CA LEU A 34 8.73 -4.24 4.75
C LEU A 34 9.51 -5.18 5.70
N GLU A 35 8.95 -6.39 5.86
CA GLU A 35 9.56 -7.49 6.64
C GLU A 35 10.90 -7.93 6.03
N ASN A 36 10.92 -7.96 4.69
CA ASN A 36 12.12 -8.26 3.87
C ASN A 36 13.15 -7.09 3.86
N ASP A 37 12.94 -6.08 4.75
CA ASP A 37 13.89 -4.96 5.01
C ASP A 37 13.87 -3.89 3.89
N HIS A 38 12.99 -4.04 2.89
CA HIS A 38 12.89 -3.12 1.73
C HIS A 38 11.88 -1.99 2.00
N ILE A 39 12.33 -0.74 1.84
CA ILE A 39 11.50 0.46 2.05
C ILE A 39 10.58 0.71 0.83
N VAL A 40 9.26 0.81 1.08
CA VAL A 40 8.21 1.13 0.08
C VAL A 40 7.39 2.33 0.59
N LEU A 41 6.91 3.18 -0.33
CA LEU A 41 6.04 4.32 0.04
C LEU A 41 4.57 3.89 -0.05
N GLY A 42 3.94 3.63 1.12
CA GLY A 42 2.54 3.22 1.20
C GLY A 42 1.63 4.44 1.28
N HIS A 43 0.93 4.76 0.16
CA HIS A 43 0.08 5.96 0.06
C HIS A 43 -1.36 5.61 0.47
N ILE A 44 -2.04 6.54 1.16
CA ILE A 44 -3.46 6.41 1.45
C ILE A 44 -4.27 7.00 0.28
N SER A 45 -5.06 6.14 -0.33
CA SER A 45 -5.97 6.51 -1.40
C SER A 45 -7.40 6.45 -0.84
N GLY A 46 -7.93 7.61 -0.45
CA GLY A 46 -9.26 7.70 0.14
C GLY A 46 -9.35 8.79 1.19
N LYS A 47 -10.54 9.41 1.28
CA LYS A 47 -10.83 10.55 2.19
C LYS A 47 -10.89 10.11 3.67
N MET A 48 -10.77 8.78 3.93
CA MET A 48 -10.84 8.20 5.30
C MET A 48 -9.79 8.84 6.25
N ARG A 49 -8.62 9.17 5.69
CA ARG A 49 -7.44 9.72 6.41
C ARG A 49 -7.78 11.04 7.16
N MET A 50 -8.75 11.80 6.61
CA MET A 50 -9.21 13.10 7.16
C MET A 50 -9.75 12.97 8.60
N HIS A 51 -10.43 11.84 8.90
CA HIS A 51 -10.96 11.57 10.26
C HIS A 51 -10.07 10.55 10.99
N TYR A 52 -9.57 9.56 10.22
CA TYR A 52 -8.73 8.45 10.72
C TYR A 52 -7.52 8.97 11.51
N ILE A 53 -7.24 8.33 12.66
CA ILE A 53 -6.10 8.70 13.52
C ILE A 53 -4.79 8.54 12.73
N ARG A 54 -3.92 9.57 12.83
CA ARG A 54 -2.61 9.60 12.17
C ARG A 54 -1.80 8.33 12.51
N ILE A 55 -1.21 7.70 11.49
CA ILE A 55 -0.50 6.42 11.64
C ILE A 55 0.86 6.69 12.29
N SER A 56 1.11 5.98 13.39
CA SER A 56 2.30 6.17 14.21
C SER A 56 3.59 5.75 13.45
N PRO A 57 4.71 6.52 13.54
CA PRO A 57 6.01 6.07 13.05
C PRO A 57 6.52 4.90 13.92
N GLY A 58 6.49 3.69 13.34
CA GLY A 58 6.77 2.44 14.05
C GLY A 58 5.55 1.54 14.15
N ASP A 59 4.46 1.90 13.45
CA ASP A 59 3.21 1.10 13.40
C ASP A 59 3.40 -0.11 12.47
N LYS A 60 2.88 -1.26 12.88
CA LYS A 60 2.75 -2.44 12.02
C LYS A 60 1.55 -2.21 11.06
N VAL A 61 1.80 -2.28 9.75
CA VAL A 61 0.79 -1.97 8.73
C VAL A 61 0.90 -2.96 7.55
N THR A 62 -0.20 -3.09 6.79
CA THR A 62 -0.24 -3.85 5.55
C THR A 62 -0.43 -2.86 4.39
N VAL A 63 0.18 -3.17 3.23
CA VAL A 63 0.07 -2.38 1.99
C VAL A 63 0.03 -3.40 0.81
N GLU A 64 -0.16 -2.90 -0.42
CA GLU A 64 -0.26 -3.75 -1.62
C GLU A 64 0.44 -3.06 -2.80
N LEU A 65 1.46 -3.74 -3.35
CA LEU A 65 2.29 -3.25 -4.47
C LEU A 65 2.45 -4.35 -5.53
N THR A 66 2.49 -3.94 -6.80
CA THR A 66 2.64 -4.88 -7.93
C THR A 66 4.10 -5.42 -7.98
N PRO A 67 4.39 -6.52 -8.75
CA PRO A 67 5.80 -6.99 -8.98
C PRO A 67 6.69 -5.96 -9.74
N TYR A 68 6.09 -4.83 -10.18
CA TYR A 68 6.80 -3.76 -10.90
C TYR A 68 6.96 -2.49 -10.03
N ASP A 69 6.00 -2.24 -9.14
CA ASP A 69 5.99 -1.07 -8.25
C ASP A 69 6.57 -1.46 -6.88
N LEU A 70 7.91 -1.54 -6.79
CA LEU A 70 8.61 -1.87 -5.51
C LEU A 70 8.81 -0.61 -4.65
N THR A 71 8.90 0.55 -5.31
CA THR A 71 9.16 1.84 -4.63
C THR A 71 7.87 2.42 -4.02
N ARG A 72 6.70 1.98 -4.51
CA ARG A 72 5.40 2.57 -4.14
C ARG A 72 4.33 1.48 -4.00
N ALA A 73 3.36 1.72 -3.11
CA ALA A 73 2.29 0.78 -2.75
C ALA A 73 1.06 1.55 -2.30
N ARG A 74 -0.06 0.84 -2.15
CA ARG A 74 -1.32 1.41 -1.63
C ARG A 74 -1.54 0.86 -0.23
N ILE A 75 -2.07 1.71 0.67
CA ILE A 75 -2.37 1.34 2.06
C ILE A 75 -3.44 0.24 2.07
N VAL A 76 -3.25 -0.78 2.91
CA VAL A 76 -4.26 -1.81 3.14
C VAL A 76 -4.55 -1.85 4.65
N PHE A 77 -5.51 -1.01 5.06
CA PHE A 77 -6.00 -0.97 6.43
C PHE A 77 -6.87 -2.21 6.67
N ARG A 78 -6.53 -3.00 7.70
CA ARG A 78 -7.40 -4.09 8.15
C ARG A 78 -8.38 -3.51 9.17
N ALA A 79 -9.65 -3.36 8.75
CA ALA A 79 -10.73 -2.83 9.60
C ALA A 79 -11.00 -3.80 10.77
N ARG A 80 -11.36 -3.22 11.95
CA ARG A 80 -11.57 -3.96 13.21
C ARG A 80 -12.59 -5.12 13.02
N MET A 1 -32.72 0.09 -10.42
CA MET A 1 -31.68 -0.96 -10.49
C MET A 1 -31.03 -0.96 -11.88
N ALA A 2 -29.69 -0.91 -11.90
CA ALA A 2 -28.88 -0.95 -13.13
C ALA A 2 -27.46 -1.40 -12.76
N HIS A 3 -26.74 -1.96 -13.75
CA HIS A 3 -25.33 -2.37 -13.57
C HIS A 3 -24.44 -1.11 -13.50
N HIS A 4 -24.30 -0.58 -12.28
CA HIS A 4 -23.58 0.66 -11.99
C HIS A 4 -22.06 0.46 -12.02
N HIS A 5 -21.60 -0.68 -11.49
CA HIS A 5 -20.18 -1.03 -11.46
C HIS A 5 -19.77 -1.58 -12.84
N HIS A 6 -19.63 -0.66 -13.81
CA HIS A 6 -19.36 -0.99 -15.22
C HIS A 6 -17.87 -1.35 -15.40
N HIS A 7 -17.52 -2.55 -14.95
CA HIS A 7 -16.17 -3.12 -15.04
C HIS A 7 -16.32 -4.57 -15.45
N HIS A 8 -15.50 -5.02 -16.41
CA HIS A 8 -15.51 -6.41 -16.91
C HIS A 8 -14.92 -7.34 -15.83
N MET A 9 -13.93 -6.81 -15.09
CA MET A 9 -13.28 -7.48 -13.95
C MET A 9 -12.93 -6.39 -12.91
N ALA A 10 -13.77 -6.24 -11.86
CA ALA A 10 -13.59 -5.19 -10.83
C ALA A 10 -12.54 -5.62 -9.79
N LYS A 11 -11.27 -5.62 -10.22
CA LYS A 11 -10.12 -6.02 -9.41
C LYS A 11 -8.85 -5.44 -10.02
N GLU A 12 -8.18 -4.57 -9.25
CA GLU A 12 -6.87 -4.03 -9.61
C GLU A 12 -5.79 -5.03 -9.16
N ASP A 13 -4.98 -5.53 -10.12
CA ASP A 13 -3.95 -6.56 -9.87
C ASP A 13 -2.77 -5.94 -9.11
N THR A 14 -2.91 -5.90 -7.79
CA THR A 14 -1.96 -5.28 -6.88
C THR A 14 -1.68 -6.27 -5.70
N ILE A 15 -0.52 -6.12 -5.02
CA ILE A 15 -0.03 -7.13 -4.05
C ILE A 15 -0.04 -6.55 -2.63
N GLN A 16 -0.81 -7.19 -1.70
CA GLN A 16 -0.88 -6.77 -0.30
C GLN A 16 0.32 -7.34 0.46
N MET A 17 1.13 -6.45 1.03
CA MET A 17 2.34 -6.79 1.77
C MET A 17 2.40 -5.94 3.05
N GLN A 18 2.59 -6.57 4.21
CA GLN A 18 2.56 -5.87 5.50
C GLN A 18 3.99 -5.57 5.98
N GLY A 19 4.13 -4.37 6.55
CA GLY A 19 5.34 -3.94 7.23
C GLY A 19 5.02 -2.97 8.37
N GLU A 20 5.82 -1.91 8.49
CA GLU A 20 5.75 -0.96 9.62
C GLU A 20 6.26 0.40 9.15
N ILE A 21 5.67 1.49 9.66
CA ILE A 21 6.05 2.86 9.29
C ILE A 21 7.43 3.17 9.87
N LEU A 22 8.43 3.33 8.98
CA LEU A 22 9.80 3.67 9.38
C LEU A 22 9.85 5.17 9.70
N GLU A 23 9.30 6.01 8.80
CA GLU A 23 9.35 7.46 8.93
C GLU A 23 8.05 8.09 8.39
N THR A 24 7.60 9.13 9.09
CA THR A 24 6.49 9.96 8.70
C THR A 24 6.96 10.98 7.66
N LEU A 25 6.35 10.94 6.48
CA LEU A 25 6.61 11.88 5.39
C LEU A 25 5.30 12.63 5.05
N PRO A 26 5.39 13.88 4.49
CA PRO A 26 4.21 14.59 3.91
C PRO A 26 3.81 14.01 2.52
N ASN A 27 3.07 14.82 1.74
CA ASN A 27 2.66 14.52 0.34
C ASN A 27 1.67 13.34 0.26
N ALA A 28 1.01 13.01 1.40
CA ALA A 28 0.10 11.86 1.54
C ALA A 28 0.85 10.54 1.25
N THR A 29 2.10 10.47 1.73
CA THR A 29 2.99 9.33 1.53
C THR A 29 3.83 9.12 2.79
N PHE A 30 4.00 7.86 3.22
CA PHE A 30 4.78 7.49 4.42
C PHE A 30 5.85 6.48 4.03
N LYS A 31 7.01 6.58 4.70
CA LYS A 31 8.17 5.76 4.42
C LYS A 31 8.04 4.48 5.25
N VAL A 32 7.51 3.43 4.62
CA VAL A 32 7.19 2.15 5.28
C VAL A 32 8.34 1.18 5.00
N LYS A 33 8.78 0.46 6.02
CA LYS A 33 9.70 -0.67 5.86
C LYS A 33 8.87 -1.97 5.83
N LEU A 34 9.21 -2.89 4.95
CA LEU A 34 8.54 -4.20 4.85
C LEU A 34 8.96 -5.16 5.98
N GLU A 35 8.33 -6.35 5.97
CA GLU A 35 8.72 -7.48 6.82
C GLU A 35 10.16 -7.95 6.48
N ASN A 36 10.52 -7.82 5.18
CA ASN A 36 11.85 -8.18 4.67
C ASN A 36 12.82 -6.97 4.74
N ASP A 37 12.34 -5.86 5.35
CA ASP A 37 13.10 -4.61 5.64
C ASP A 37 13.32 -3.73 4.38
N HIS A 38 12.74 -4.14 3.22
CA HIS A 38 12.75 -3.32 1.99
C HIS A 38 11.80 -2.13 2.18
N ILE A 39 12.34 -0.92 2.00
CA ILE A 39 11.59 0.33 2.20
C ILE A 39 10.76 0.65 0.95
N VAL A 40 9.45 0.78 1.19
CA VAL A 40 8.44 1.12 0.18
C VAL A 40 7.73 2.40 0.62
N LEU A 41 7.32 3.21 -0.35
CA LEU A 41 6.57 4.44 -0.11
C LEU A 41 5.06 4.12 -0.09
N GLY A 42 4.49 4.03 1.13
CA GLY A 42 3.07 3.74 1.32
C GLY A 42 2.23 5.00 1.16
N HIS A 43 1.56 5.13 0.01
CA HIS A 43 0.83 6.35 -0.37
C HIS A 43 -0.62 6.22 0.09
N ILE A 44 -1.07 7.21 0.87
CA ILE A 44 -2.43 7.28 1.42
C ILE A 44 -3.51 7.31 0.33
N SER A 45 -4.50 6.43 0.50
CA SER A 45 -5.56 6.18 -0.47
C SER A 45 -6.74 5.46 0.23
N GLY A 46 -7.86 5.29 -0.50
CA GLY A 46 -9.02 4.55 0.00
C GLY A 46 -9.81 5.32 1.06
N LYS A 47 -10.52 4.56 1.92
CA LYS A 47 -11.33 5.11 3.03
C LYS A 47 -10.44 5.49 4.23
N MET A 48 -9.20 4.97 4.24
CA MET A 48 -8.23 5.11 5.33
C MET A 48 -7.95 6.59 5.66
N ARG A 49 -7.86 7.42 4.60
CA ARG A 49 -7.54 8.86 4.70
C ARG A 49 -8.60 9.67 5.46
N MET A 50 -9.83 9.16 5.55
CA MET A 50 -10.96 9.86 6.20
C MET A 50 -11.27 9.23 7.57
N HIS A 51 -11.33 7.89 7.59
CA HIS A 51 -11.68 7.11 8.80
C HIS A 51 -10.53 7.09 9.83
N TYR A 52 -9.28 7.14 9.35
CA TYR A 52 -8.09 7.01 10.21
C TYR A 52 -7.02 8.03 9.79
N ILE A 53 -7.08 9.23 10.41
CA ILE A 53 -6.17 10.35 10.10
C ILE A 53 -5.10 10.47 11.21
N ARG A 54 -4.23 9.44 11.31
CA ARG A 54 -3.08 9.43 12.23
C ARG A 54 -2.16 8.25 11.92
N ILE A 55 -1.15 8.48 11.08
CA ILE A 55 -0.09 7.48 10.82
C ILE A 55 1.20 7.99 11.47
N SER A 56 1.72 7.18 12.39
CA SER A 56 2.88 7.51 13.23
C SER A 56 4.02 6.49 12.97
N PRO A 57 5.32 6.85 13.25
CA PRO A 57 6.45 5.94 13.02
C PRO A 57 6.47 4.81 14.08
N GLY A 58 6.29 3.57 13.61
CA GLY A 58 6.24 2.40 14.49
C GLY A 58 4.88 1.71 14.49
N ASP A 59 3.94 2.18 13.65
CA ASP A 59 2.67 1.45 13.42
C ASP A 59 2.88 0.40 12.35
N LYS A 60 2.60 -0.87 12.67
CA LYS A 60 2.65 -1.96 11.70
C LYS A 60 1.44 -1.86 10.78
N VAL A 61 1.67 -1.65 9.49
CA VAL A 61 0.61 -1.37 8.53
C VAL A 61 0.74 -2.28 7.34
N THR A 62 -0.39 -2.64 6.77
CA THR A 62 -0.44 -3.35 5.49
C THR A 62 -0.43 -2.29 4.39
N VAL A 63 0.18 -2.58 3.26
CA VAL A 63 0.13 -1.73 2.06
C VAL A 63 -0.13 -2.62 0.83
N GLU A 64 -0.29 -2.00 -0.35
CA GLU A 64 -0.60 -2.74 -1.59
C GLU A 64 0.21 -2.14 -2.74
N LEU A 65 1.25 -2.88 -3.19
CA LEU A 65 2.18 -2.42 -4.24
C LEU A 65 1.99 -3.19 -5.54
N THR A 66 2.19 -2.51 -6.67
CA THR A 66 2.09 -3.11 -8.00
C THR A 66 3.18 -4.20 -8.18
N PRO A 67 2.81 -5.38 -8.80
CA PRO A 67 3.76 -6.50 -9.07
C PRO A 67 5.04 -6.09 -9.82
N TYR A 68 4.94 -5.03 -10.65
CA TYR A 68 6.08 -4.52 -11.44
C TYR A 68 6.92 -3.51 -10.63
N ASP A 69 6.23 -2.76 -9.73
CA ASP A 69 6.84 -1.60 -9.04
C ASP A 69 6.59 -1.72 -7.53
N LEU A 70 7.59 -2.30 -6.84
CA LEU A 70 7.52 -2.58 -5.39
C LEU A 70 7.98 -1.38 -4.55
N THR A 71 8.45 -0.29 -5.20
CA THR A 71 8.95 0.90 -4.50
C THR A 71 7.80 1.86 -4.14
N ARG A 72 6.66 1.75 -4.84
CA ARG A 72 5.45 2.52 -4.54
C ARG A 72 4.31 1.57 -4.17
N ALA A 73 3.60 1.89 -3.08
CA ALA A 73 2.46 1.12 -2.58
C ALA A 73 1.33 2.06 -2.20
N ARG A 74 0.17 1.49 -1.85
CA ARG A 74 -1.01 2.23 -1.36
C ARG A 74 -1.35 1.73 0.03
N ILE A 75 -1.68 2.65 0.95
CA ILE A 75 -1.92 2.33 2.35
C ILE A 75 -3.12 1.36 2.48
N VAL A 76 -2.92 0.26 3.23
CA VAL A 76 -3.98 -0.67 3.57
C VAL A 76 -4.11 -0.75 5.09
N PHE A 77 -4.68 0.29 5.71
CA PHE A 77 -5.07 0.24 7.11
C PHE A 77 -6.55 -0.19 7.16
N ARG A 78 -6.78 -1.49 7.33
CA ARG A 78 -8.12 -2.07 7.32
C ARG A 78 -8.81 -1.78 8.67
N ALA A 79 -10.12 -1.56 8.61
CA ALA A 79 -10.92 -1.22 9.79
C ALA A 79 -11.22 -2.47 10.62
N ARG A 80 -11.49 -2.26 11.92
CA ARG A 80 -11.80 -3.32 12.89
C ARG A 80 -13.15 -3.98 12.56
N MET A 1 -30.16 -12.56 -20.51
CA MET A 1 -29.72 -11.55 -19.51
C MET A 1 -28.82 -12.16 -18.43
N ALA A 2 -28.63 -13.51 -18.47
CA ALA A 2 -27.87 -14.25 -17.46
C ALA A 2 -26.91 -15.26 -18.15
N HIS A 3 -25.67 -14.81 -18.41
CA HIS A 3 -24.59 -15.65 -18.96
C HIS A 3 -23.19 -15.09 -18.58
N HIS A 4 -23.12 -13.90 -17.96
CA HIS A 4 -21.86 -13.37 -17.40
C HIS A 4 -21.56 -14.09 -16.07
N HIS A 5 -22.20 -13.64 -14.98
CA HIS A 5 -22.04 -14.20 -13.60
C HIS A 5 -20.56 -14.25 -13.16
N HIS A 6 -19.73 -13.35 -13.71
CA HIS A 6 -18.28 -13.26 -13.44
C HIS A 6 -17.89 -11.78 -13.26
N HIS A 7 -17.15 -11.50 -12.18
CA HIS A 7 -16.64 -10.16 -11.85
C HIS A 7 -15.10 -10.23 -11.75
N HIS A 8 -14.45 -9.14 -11.28
CA HIS A 8 -12.98 -9.06 -11.13
C HIS A 8 -12.51 -9.71 -9.82
N MET A 9 -12.59 -11.06 -9.75
CA MET A 9 -12.09 -11.84 -8.59
C MET A 9 -10.58 -12.09 -8.75
N ALA A 10 -9.78 -11.40 -7.90
CA ALA A 10 -8.30 -11.54 -7.85
C ALA A 10 -7.62 -11.17 -9.19
N LYS A 11 -8.34 -10.39 -10.04
CA LYS A 11 -7.87 -10.00 -11.38
C LYS A 11 -6.81 -8.90 -11.27
N GLU A 12 -6.99 -8.00 -10.30
CA GLU A 12 -6.05 -6.91 -10.00
C GLU A 12 -4.75 -7.51 -9.40
N ASP A 13 -3.69 -7.58 -10.23
CA ASP A 13 -2.36 -8.08 -9.81
C ASP A 13 -1.69 -7.08 -8.84
N THR A 14 -2.03 -7.24 -7.56
CA THR A 14 -1.52 -6.41 -6.47
C THR A 14 -1.35 -7.31 -5.22
N ILE A 15 -0.22 -7.16 -4.51
CA ILE A 15 0.19 -8.09 -3.43
C ILE A 15 0.32 -7.30 -2.12
N GLN A 16 -0.45 -7.73 -1.12
CA GLN A 16 -0.50 -7.05 0.19
C GLN A 16 0.66 -7.52 1.08
N MET A 17 1.50 -6.55 1.47
CA MET A 17 2.63 -6.75 2.39
C MET A 17 2.48 -5.78 3.56
N GLN A 18 2.73 -6.30 4.74
CA GLN A 18 2.62 -5.54 5.99
C GLN A 18 4.03 -5.28 6.53
N GLY A 19 4.36 -3.99 6.76
CA GLY A 19 5.68 -3.59 7.28
C GLY A 19 5.56 -2.39 8.19
N GLU A 20 6.65 -2.03 8.88
CA GLU A 20 6.64 -1.03 9.94
C GLU A 20 6.88 0.38 9.36
N ILE A 21 6.13 1.36 9.88
CA ILE A 21 6.25 2.77 9.50
C ILE A 21 7.57 3.33 10.02
N LEU A 22 8.49 3.62 9.10
CA LEU A 22 9.73 4.31 9.40
C LEU A 22 9.47 5.83 9.48
N GLU A 23 8.99 6.43 8.36
CA GLU A 23 8.75 7.89 8.30
C GLU A 23 7.27 8.20 8.02
N THR A 24 6.76 9.25 8.68
CA THR A 24 5.39 9.76 8.53
C THR A 24 5.42 11.13 7.83
N LEU A 25 5.07 11.15 6.54
CA LEU A 25 5.07 12.39 5.72
C LEU A 25 3.63 12.95 5.63
N PRO A 26 3.44 14.31 5.76
CA PRO A 26 2.10 14.99 5.65
C PRO A 26 1.51 14.96 4.22
N ASN A 27 2.23 14.32 3.28
CA ASN A 27 1.80 14.13 1.88
C ASN A 27 0.89 12.89 1.75
N ALA A 28 0.32 12.41 2.89
CA ALA A 28 -0.49 11.16 2.97
C ALA A 28 0.32 9.90 2.59
N THR A 29 1.65 10.05 2.55
CA THR A 29 2.58 9.00 2.17
C THR A 29 3.47 8.67 3.36
N PHE A 30 3.76 7.37 3.52
CA PHE A 30 4.56 6.87 4.64
C PHE A 30 5.72 6.05 4.09
N LYS A 31 6.93 6.29 4.63
CA LYS A 31 8.09 5.46 4.31
C LYS A 31 7.96 4.21 5.19
N VAL A 32 7.52 3.10 4.56
CA VAL A 32 7.32 1.81 5.23
C VAL A 32 8.55 0.93 4.95
N LYS A 33 9.00 0.17 5.95
CA LYS A 33 10.12 -0.77 5.82
C LYS A 33 9.65 -2.18 6.22
N LEU A 34 9.90 -3.13 5.31
CA LEU A 34 9.57 -4.54 5.50
C LEU A 34 10.74 -5.22 6.24
N GLU A 35 10.42 -6.34 6.91
CA GLU A 35 11.40 -7.18 7.64
C GLU A 35 12.44 -7.81 6.70
N ASN A 36 12.06 -7.95 5.41
CA ASN A 36 12.96 -8.44 4.34
C ASN A 36 13.93 -7.33 3.86
N ASP A 37 13.95 -6.19 4.61
CA ASP A 37 14.94 -5.09 4.46
C ASP A 37 14.70 -4.28 3.19
N HIS A 38 13.46 -4.34 2.66
CA HIS A 38 13.05 -3.55 1.48
C HIS A 38 12.13 -2.43 1.95
N ILE A 39 12.52 -1.18 1.65
CA ILE A 39 11.74 0.02 2.00
C ILE A 39 10.85 0.41 0.81
N VAL A 40 9.54 0.45 1.07
CA VAL A 40 8.49 0.79 0.09
C VAL A 40 7.66 1.97 0.65
N LEU A 41 7.16 2.82 -0.26
CA LEU A 41 6.40 4.04 0.11
C LEU A 41 4.90 3.75 0.04
N GLY A 42 4.24 3.66 1.20
CA GLY A 42 2.80 3.44 1.29
C GLY A 42 2.01 4.72 1.07
N HIS A 43 1.31 4.81 -0.07
CA HIS A 43 0.57 6.03 -0.48
C HIS A 43 -0.91 5.87 -0.16
N ILE A 44 -1.48 6.82 0.61
CA ILE A 44 -2.92 6.86 0.87
C ILE A 44 -3.65 7.59 -0.29
N SER A 45 -4.80 7.04 -0.68
CA SER A 45 -5.66 7.60 -1.71
C SER A 45 -7.13 7.42 -1.29
N GLY A 46 -7.78 8.53 -0.87
CA GLY A 46 -9.18 8.53 -0.46
C GLY A 46 -9.43 9.37 0.79
N LYS A 47 -10.72 9.68 1.04
CA LYS A 47 -11.17 10.46 2.21
C LYS A 47 -11.24 9.55 3.47
N MET A 48 -11.00 8.23 3.27
CA MET A 48 -10.99 7.22 4.36
C MET A 48 -10.01 7.61 5.50
N ARG A 49 -8.90 8.27 5.14
CA ARG A 49 -7.86 8.68 6.10
C ARG A 49 -8.32 9.84 7.00
N MET A 50 -9.30 10.63 6.53
CA MET A 50 -9.94 11.69 7.33
C MET A 50 -10.91 11.05 8.34
N HIS A 51 -11.59 9.98 7.90
CA HIS A 51 -12.59 9.28 8.73
C HIS A 51 -11.91 8.41 9.79
N TYR A 52 -10.77 7.81 9.41
CA TYR A 52 -9.98 6.94 10.29
C TYR A 52 -8.92 7.76 11.03
N ILE A 53 -8.26 7.10 11.97
CA ILE A 53 -7.14 7.68 12.74
C ILE A 53 -5.88 7.81 11.84
N ARG A 54 -4.97 8.72 12.23
CA ARG A 54 -3.68 8.91 11.54
C ARG A 54 -2.72 7.78 11.96
N ILE A 55 -1.61 7.61 11.23
CA ILE A 55 -0.62 6.54 11.49
C ILE A 55 0.64 7.15 12.12
N SER A 56 1.18 6.45 13.14
CA SER A 56 2.37 6.86 13.90
C SER A 56 3.59 6.01 13.47
N PRO A 57 4.86 6.52 13.62
CA PRO A 57 6.08 5.70 13.39
C PRO A 57 6.17 4.54 14.41
N GLY A 58 6.37 3.32 13.89
CA GLY A 58 6.45 2.11 14.71
C GLY A 58 5.28 1.14 14.46
N ASP A 59 4.16 1.65 13.88
CA ASP A 59 3.00 0.81 13.54
C ASP A 59 3.31 -0.09 12.33
N LYS A 60 3.09 -1.41 12.45
CA LYS A 60 3.10 -2.30 11.28
C LYS A 60 1.76 -2.08 10.51
N VAL A 61 1.88 -1.60 9.27
CA VAL A 61 0.74 -1.25 8.41
C VAL A 61 0.72 -2.17 7.20
N THR A 62 -0.48 -2.49 6.76
CA THR A 62 -0.71 -3.32 5.57
C THR A 62 -0.87 -2.41 4.36
N VAL A 63 -0.02 -2.60 3.36
CA VAL A 63 -0.04 -1.87 2.09
C VAL A 63 -0.02 -2.90 0.93
N GLU A 64 -0.12 -2.44 -0.32
CA GLU A 64 -0.35 -3.32 -1.49
C GLU A 64 0.55 -2.86 -2.67
N LEU A 65 1.29 -3.81 -3.28
CA LEU A 65 2.35 -3.55 -4.26
C LEU A 65 2.01 -4.20 -5.61
N THR A 66 2.04 -3.41 -6.68
CA THR A 66 1.97 -3.92 -8.05
C THR A 66 3.32 -4.61 -8.41
N PRO A 67 3.32 -5.75 -9.17
CA PRO A 67 4.59 -6.43 -9.59
C PRO A 67 5.42 -5.57 -10.57
N TYR A 68 4.81 -4.50 -11.11
CA TYR A 68 5.48 -3.53 -11.99
C TYR A 68 6.19 -2.43 -11.17
N ASP A 69 5.66 -2.14 -9.96
CA ASP A 69 6.18 -1.08 -9.06
C ASP A 69 6.28 -1.63 -7.62
N LEU A 70 7.48 -2.09 -7.25
CA LEU A 70 7.76 -2.63 -5.90
C LEU A 70 8.24 -1.51 -4.95
N THR A 71 8.48 -0.31 -5.53
CA THR A 71 8.83 0.92 -4.78
C THR A 71 7.56 1.71 -4.40
N ARG A 72 6.50 1.57 -5.21
CA ARG A 72 5.20 2.23 -4.97
C ARG A 72 4.26 1.23 -4.29
N ALA A 73 3.72 1.60 -3.13
CA ALA A 73 2.65 0.87 -2.46
C ALA A 73 1.42 1.76 -2.30
N ARG A 74 0.29 1.11 -2.14
CA ARG A 74 -1.00 1.74 -1.86
C ARG A 74 -1.47 1.22 -0.51
N ILE A 75 -1.99 2.12 0.33
CA ILE A 75 -2.47 1.80 1.69
C ILE A 75 -3.60 0.75 1.61
N VAL A 76 -3.58 -0.23 2.52
CA VAL A 76 -4.71 -1.15 2.67
C VAL A 76 -5.52 -0.77 3.91
N PHE A 77 -6.44 0.18 3.71
CA PHE A 77 -7.50 0.51 4.67
C PHE A 77 -8.63 -0.52 4.52
N ARG A 78 -9.33 -0.86 5.62
CA ARG A 78 -10.46 -1.82 5.55
C ARG A 78 -11.77 -1.03 5.42
N ALA A 79 -12.16 -0.72 4.17
CA ALA A 79 -13.39 0.02 3.83
C ALA A 79 -14.65 -0.79 4.25
N ARG A 80 -15.25 -0.40 5.39
CA ARG A 80 -16.45 -1.06 5.96
C ARG A 80 -17.74 -0.40 5.40
N MET A 1 -17.49 -14.61 -1.50
CA MET A 1 -16.98 -13.68 -2.53
C MET A 1 -17.60 -14.01 -3.89
N ALA A 2 -17.52 -13.06 -4.83
CA ALA A 2 -18.01 -13.24 -6.20
C ALA A 2 -16.85 -13.00 -7.19
N HIS A 3 -17.00 -13.55 -8.40
CA HIS A 3 -15.99 -13.44 -9.48
C HIS A 3 -16.70 -13.55 -10.83
N HIS A 4 -16.08 -12.97 -11.86
CA HIS A 4 -16.63 -12.94 -13.23
C HIS A 4 -15.80 -13.83 -14.16
N HIS A 5 -16.47 -14.42 -15.17
CA HIS A 5 -15.81 -15.20 -16.23
C HIS A 5 -15.11 -14.25 -17.21
N HIS A 6 -13.92 -13.80 -16.79
CA HIS A 6 -13.16 -12.77 -17.50
C HIS A 6 -12.31 -13.41 -18.62
N HIS A 7 -12.78 -13.22 -19.87
CA HIS A 7 -12.00 -13.55 -21.07
C HIS A 7 -10.92 -12.48 -21.28
N HIS A 8 -11.26 -11.23 -20.88
CA HIS A 8 -10.30 -10.12 -20.80
C HIS A 8 -9.37 -10.32 -19.58
N MET A 9 -8.05 -10.32 -19.83
CA MET A 9 -7.05 -10.43 -18.75
C MET A 9 -6.83 -9.06 -18.09
N ALA A 10 -7.24 -8.93 -16.83
CA ALA A 10 -6.91 -7.77 -15.99
C ALA A 10 -5.40 -7.79 -15.68
N LYS A 11 -4.76 -6.62 -15.67
CA LYS A 11 -3.32 -6.47 -15.34
C LYS A 11 -3.15 -6.07 -13.86
N GLU A 12 -4.15 -6.43 -13.04
CA GLU A 12 -4.23 -6.06 -11.62
C GLU A 12 -3.57 -7.15 -10.73
N ASP A 13 -2.47 -7.73 -11.22
CA ASP A 13 -1.61 -8.65 -10.44
C ASP A 13 -0.87 -7.85 -9.37
N THR A 14 -1.57 -7.56 -8.25
CA THR A 14 -1.07 -6.70 -7.18
C THR A 14 -0.99 -7.54 -5.90
N ILE A 15 0.05 -7.30 -5.10
CA ILE A 15 0.51 -8.20 -4.03
C ILE A 15 0.60 -7.42 -2.70
N GLN A 16 -0.14 -7.88 -1.68
CA GLN A 16 -0.19 -7.24 -0.37
C GLN A 16 1.01 -7.67 0.48
N MET A 17 1.83 -6.68 0.88
CA MET A 17 3.05 -6.87 1.68
C MET A 17 2.91 -6.05 2.97
N GLN A 18 3.18 -6.69 4.11
CA GLN A 18 3.00 -6.07 5.43
C GLN A 18 4.36 -5.62 6.01
N GLY A 19 4.44 -4.35 6.39
CA GLY A 19 5.62 -3.78 7.04
C GLY A 19 5.25 -2.93 8.23
N GLU A 20 6.18 -2.10 8.68
CA GLU A 20 6.00 -1.12 9.76
C GLU A 20 6.18 0.28 9.16
N ILE A 21 5.53 1.30 9.74
CA ILE A 21 5.74 2.70 9.32
C ILE A 21 7.10 3.20 9.86
N LEU A 22 8.01 3.51 8.94
CA LEU A 22 9.32 4.09 9.25
C LEU A 22 9.16 5.59 9.56
N GLU A 23 8.52 6.32 8.63
CA GLU A 23 8.42 7.79 8.73
C GLU A 23 7.11 8.30 8.10
N THR A 24 6.58 9.37 8.72
CA THR A 24 5.42 10.13 8.26
C THR A 24 5.90 11.32 7.39
N LEU A 25 5.25 11.51 6.22
CA LEU A 25 5.56 12.64 5.30
C LEU A 25 4.25 13.12 4.62
N PRO A 26 4.21 14.33 3.96
CA PRO A 26 3.01 14.81 3.21
C PRO A 26 2.70 13.94 1.96
N ASN A 27 1.84 14.50 1.07
CA ASN A 27 1.34 13.83 -0.16
C ASN A 27 0.42 12.64 0.18
N ALA A 28 -0.10 12.64 1.44
CA ALA A 28 -0.93 11.54 1.99
C ALA A 28 -0.17 10.20 1.97
N THR A 29 1.17 10.25 1.97
CA THR A 29 2.00 9.06 1.81
C THR A 29 2.82 8.80 3.08
N PHE A 30 3.05 7.52 3.39
CA PHE A 30 3.83 7.09 4.55
C PHE A 30 4.99 6.19 4.09
N LYS A 31 6.18 6.49 4.60
CA LYS A 31 7.41 5.76 4.32
C LYS A 31 7.40 4.49 5.17
N VAL A 32 7.14 3.35 4.52
CA VAL A 32 6.99 2.04 5.17
C VAL A 32 8.30 1.26 5.03
N LYS A 33 8.76 0.72 6.15
CA LYS A 33 9.89 -0.21 6.23
C LYS A 33 9.31 -1.65 6.29
N LEU A 34 9.30 -2.33 5.13
CA LEU A 34 8.85 -3.73 5.03
C LEU A 34 9.76 -4.63 5.89
N GLU A 35 9.15 -5.62 6.55
CA GLU A 35 9.87 -6.54 7.48
C GLU A 35 10.83 -7.48 6.73
N ASN A 36 10.69 -7.47 5.41
CA ASN A 36 11.59 -8.18 4.47
C ASN A 36 12.71 -7.22 3.96
N ASP A 37 12.94 -6.12 4.72
CA ASP A 37 13.99 -5.11 4.46
C ASP A 37 13.79 -4.43 3.07
N HIS A 38 12.60 -3.83 2.89
CA HIS A 38 12.27 -3.03 1.69
C HIS A 38 11.70 -1.68 2.11
N ILE A 39 12.45 -0.59 1.89
CA ILE A 39 11.98 0.76 2.21
C ILE A 39 11.21 1.27 0.99
N VAL A 40 9.94 1.56 1.21
CA VAL A 40 8.95 1.84 0.16
C VAL A 40 8.00 2.95 0.65
N LEU A 41 7.16 3.49 -0.25
CA LEU A 41 6.19 4.52 0.11
C LEU A 41 4.75 4.03 -0.13
N GLY A 42 4.02 3.79 0.98
CA GLY A 42 2.62 3.39 0.94
C GLY A 42 1.71 4.61 1.01
N HIS A 43 1.01 4.91 -0.09
CA HIS A 43 0.17 6.12 -0.20
C HIS A 43 -1.26 5.80 0.24
N ILE A 44 -1.94 6.79 0.81
CA ILE A 44 -3.33 6.67 1.23
C ILE A 44 -4.26 6.77 -0.01
N SER A 45 -5.33 5.98 0.02
CA SER A 45 -6.45 6.08 -0.92
C SER A 45 -7.74 6.23 -0.09
N GLY A 46 -8.21 7.49 0.05
CA GLY A 46 -9.44 7.80 0.79
C GLY A 46 -9.19 8.68 2.01
N LYS A 47 -9.90 9.83 2.07
CA LYS A 47 -9.83 10.81 3.20
C LYS A 47 -10.14 10.14 4.56
N MET A 48 -10.91 9.04 4.52
CA MET A 48 -11.31 8.27 5.70
C MET A 48 -10.10 7.81 6.55
N ARG A 49 -8.99 7.38 5.89
CA ARG A 49 -7.76 6.91 6.59
C ARG A 49 -7.21 8.03 7.51
N MET A 50 -7.13 9.27 6.96
CA MET A 50 -6.59 10.45 7.67
C MET A 50 -7.38 10.72 8.96
N HIS A 51 -8.73 10.74 8.83
CA HIS A 51 -9.65 11.11 9.92
C HIS A 51 -9.92 9.92 10.86
N TYR A 52 -9.66 8.70 10.38
CA TYR A 52 -9.79 7.45 11.17
C TYR A 52 -8.72 7.44 12.27
N ILE A 53 -7.50 7.22 11.82
CA ILE A 53 -6.30 7.13 12.63
C ILE A 53 -5.15 7.77 11.82
N ARG A 54 -4.54 8.84 12.36
CA ARG A 54 -3.32 9.41 11.78
C ARG A 54 -2.17 8.41 12.01
N ILE A 55 -1.88 7.63 10.97
CA ILE A 55 -0.91 6.52 11.04
C ILE A 55 0.51 7.09 11.34
N SER A 56 1.16 6.56 12.38
CA SER A 56 2.40 7.12 12.97
C SER A 56 3.57 6.11 12.87
N PRO A 57 4.87 6.55 13.03
CA PRO A 57 6.04 5.64 13.03
C PRO A 57 5.93 4.58 14.16
N GLY A 58 6.06 3.30 13.77
CA GLY A 58 5.94 2.18 14.70
C GLY A 58 4.67 1.37 14.48
N ASP A 59 3.68 1.96 13.79
CA ASP A 59 2.42 1.24 13.47
C ASP A 59 2.70 0.23 12.36
N LYS A 60 2.45 -1.06 12.65
CA LYS A 60 2.60 -2.12 11.65
C LYS A 60 1.40 -2.08 10.71
N VAL A 61 1.67 -1.84 9.43
CA VAL A 61 0.64 -1.64 8.41
C VAL A 61 0.83 -2.67 7.29
N THR A 62 -0.22 -2.94 6.56
CA THR A 62 -0.14 -3.70 5.31
C THR A 62 -0.31 -2.69 4.15
N VAL A 63 0.30 -2.99 3.02
CA VAL A 63 0.15 -2.21 1.78
C VAL A 63 0.03 -3.19 0.60
N GLU A 64 -0.19 -2.68 -0.62
CA GLU A 64 -0.39 -3.53 -1.81
C GLU A 64 0.35 -2.90 -2.99
N LEU A 65 1.36 -3.62 -3.52
CA LEU A 65 2.19 -3.17 -4.63
C LEU A 65 2.22 -4.22 -5.74
N THR A 66 2.14 -3.76 -7.00
CA THR A 66 2.38 -4.58 -8.17
C THR A 66 3.88 -5.02 -8.18
N PRO A 67 4.24 -6.26 -8.66
CA PRO A 67 5.66 -6.74 -8.70
C PRO A 67 6.62 -5.78 -9.46
N TYR A 68 6.06 -4.99 -10.37
CA TYR A 68 6.80 -3.98 -11.16
C TYR A 68 6.85 -2.63 -10.41
N ASP A 69 5.79 -2.38 -9.64
CA ASP A 69 5.62 -1.14 -8.83
C ASP A 69 6.11 -1.36 -7.38
N LEU A 70 7.05 -2.32 -7.19
CA LEU A 70 7.54 -2.74 -5.85
C LEU A 70 8.15 -1.59 -5.01
N THR A 71 8.56 -0.51 -5.69
CA THR A 71 9.17 0.68 -5.07
C THR A 71 8.13 1.53 -4.31
N ARG A 72 6.88 1.50 -4.80
CA ARG A 72 5.73 2.21 -4.20
C ARG A 72 4.71 1.16 -3.72
N ALA A 73 3.60 1.63 -3.12
CA ALA A 73 2.48 0.77 -2.73
C ALA A 73 1.25 1.59 -2.36
N ARG A 74 0.08 0.93 -2.24
CA ARG A 74 -1.18 1.58 -1.79
C ARG A 74 -1.50 1.06 -0.40
N ILE A 75 -2.10 1.90 0.45
CA ILE A 75 -2.41 1.57 1.83
C ILE A 75 -3.43 0.41 1.92
N VAL A 76 -3.13 -0.59 2.78
CA VAL A 76 -4.06 -1.66 3.13
C VAL A 76 -4.18 -1.69 4.66
N PHE A 77 -5.16 -0.95 5.20
CA PHE A 77 -5.47 -0.96 6.64
C PHE A 77 -6.14 -2.31 7.03
N ARG A 78 -6.44 -2.47 8.32
CA ARG A 78 -6.96 -3.73 8.86
C ARG A 78 -8.46 -3.89 8.50
N ALA A 79 -8.71 -4.60 7.38
CA ALA A 79 -10.07 -4.95 6.91
C ALA A 79 -10.69 -5.98 7.87
N ARG A 80 -11.91 -5.69 8.35
CA ARG A 80 -12.57 -6.51 9.39
C ARG A 80 -14.06 -6.74 8.99
N MET A 1 -3.81 -21.99 -42.25
CA MET A 1 -4.06 -23.07 -41.26
C MET A 1 -4.64 -22.45 -39.96
N ALA A 2 -5.66 -23.13 -39.38
CA ALA A 2 -6.37 -22.66 -38.18
C ALA A 2 -5.46 -22.71 -36.93
N HIS A 3 -4.95 -21.54 -36.53
CA HIS A 3 -4.11 -21.39 -35.33
C HIS A 3 -4.94 -20.73 -34.20
N HIS A 4 -5.43 -21.58 -33.27
CA HIS A 4 -6.27 -21.15 -32.13
C HIS A 4 -5.42 -20.62 -30.97
N HIS A 5 -5.71 -19.40 -30.49
CA HIS A 5 -5.07 -18.84 -29.29
C HIS A 5 -5.91 -19.15 -28.04
N HIS A 6 -5.36 -19.97 -27.14
CA HIS A 6 -5.95 -20.19 -25.82
C HIS A 6 -5.67 -18.94 -24.95
N HIS A 7 -6.70 -18.47 -24.25
CA HIS A 7 -6.65 -17.25 -23.43
C HIS A 7 -7.44 -17.47 -22.12
N HIS A 8 -7.40 -16.48 -21.22
CA HIS A 8 -8.10 -16.54 -19.91
C HIS A 8 -7.97 -15.19 -19.18
N MET A 9 -8.74 -15.03 -18.09
CA MET A 9 -8.65 -13.85 -17.20
C MET A 9 -7.23 -13.72 -16.61
N ALA A 10 -6.54 -12.63 -16.94
CA ALA A 10 -5.20 -12.31 -16.42
C ALA A 10 -5.29 -11.11 -15.47
N LYS A 11 -5.60 -11.40 -14.19
CA LYS A 11 -5.71 -10.37 -13.13
C LYS A 11 -4.34 -9.75 -12.82
N GLU A 12 -4.34 -8.46 -12.41
CA GLU A 12 -3.12 -7.76 -12.02
C GLU A 12 -2.70 -8.21 -10.62
N ASP A 13 -1.90 -9.29 -10.58
CA ASP A 13 -1.51 -9.97 -9.33
C ASP A 13 -0.58 -9.07 -8.51
N THR A 14 -1.23 -8.28 -7.66
CA THR A 14 -0.58 -7.32 -6.77
C THR A 14 -0.03 -8.08 -5.53
N ILE A 15 1.00 -7.52 -4.87
CA ILE A 15 1.74 -8.21 -3.81
C ILE A 15 1.51 -7.51 -2.45
N GLN A 16 0.73 -8.16 -1.57
CA GLN A 16 0.46 -7.65 -0.23
C GLN A 16 1.59 -8.09 0.72
N MET A 17 2.28 -7.09 1.30
CA MET A 17 3.42 -7.30 2.20
C MET A 17 3.21 -6.50 3.49
N GLN A 18 3.39 -7.17 4.64
CA GLN A 18 3.15 -6.55 5.96
C GLN A 18 4.47 -6.11 6.59
N GLY A 19 4.65 -4.78 6.71
CA GLY A 19 5.84 -4.18 7.30
C GLY A 19 5.47 -3.27 8.45
N GLU A 20 6.35 -2.30 8.74
CA GLU A 20 6.14 -1.33 9.82
C GLU A 20 6.27 0.08 9.24
N ILE A 21 5.58 1.06 9.82
CA ILE A 21 5.72 2.47 9.42
C ILE A 21 7.11 2.96 9.85
N LEU A 22 8.02 3.13 8.88
CA LEU A 22 9.34 3.72 9.10
C LEU A 22 9.14 5.20 9.40
N GLU A 23 8.32 5.86 8.55
CA GLU A 23 8.10 7.31 8.64
C GLU A 23 6.70 7.70 8.13
N THR A 24 6.15 8.79 8.69
CA THR A 24 4.88 9.39 8.26
C THR A 24 5.18 10.67 7.44
N LEU A 25 4.45 10.85 6.32
CA LEU A 25 4.54 12.06 5.49
C LEU A 25 3.15 12.75 5.48
N PRO A 26 3.07 14.11 5.78
CA PRO A 26 1.81 14.92 5.66
C PRO A 26 1.14 14.89 4.25
N ASN A 27 1.83 14.30 3.25
CA ASN A 27 1.32 14.12 1.86
C ASN A 27 0.25 12.98 1.75
N ALA A 28 -0.33 12.54 2.90
CA ALA A 28 -1.29 11.42 2.99
C ALA A 28 -0.63 10.11 2.54
N THR A 29 0.66 9.99 2.87
CA THR A 29 1.51 8.88 2.44
C THR A 29 2.43 8.48 3.60
N PHE A 30 2.74 7.20 3.71
CA PHE A 30 3.52 6.61 4.81
C PHE A 30 4.66 5.77 4.26
N LYS A 31 5.89 6.06 4.70
CA LYS A 31 7.07 5.26 4.36
C LYS A 31 7.05 3.98 5.21
N VAL A 32 6.80 2.84 4.54
CA VAL A 32 6.71 1.52 5.17
C VAL A 32 7.99 0.72 4.87
N LYS A 33 8.56 0.15 5.91
CA LYS A 33 9.78 -0.65 5.84
C LYS A 33 9.43 -2.12 6.13
N LEU A 34 9.71 -2.97 5.16
CA LEU A 34 9.68 -4.43 5.32
C LEU A 34 10.98 -4.88 6.02
N GLU A 35 10.89 -5.91 6.89
CA GLU A 35 12.06 -6.52 7.57
C GLU A 35 13.00 -7.23 6.55
N ASN A 36 12.50 -7.35 5.30
CA ASN A 36 13.24 -7.88 4.14
C ASN A 36 14.29 -6.86 3.62
N ASP A 37 14.46 -5.71 4.35
CA ASP A 37 15.34 -4.57 3.96
C ASP A 37 14.77 -3.86 2.72
N HIS A 38 13.45 -3.90 2.58
CA HIS A 38 12.75 -3.37 1.40
C HIS A 38 11.90 -2.18 1.87
N ILE A 39 12.30 -0.97 1.48
CA ILE A 39 11.61 0.26 1.90
C ILE A 39 10.79 0.80 0.72
N VAL A 40 9.48 0.90 0.94
CA VAL A 40 8.49 1.30 -0.08
C VAL A 40 7.51 2.29 0.53
N LEU A 41 6.95 3.15 -0.33
CA LEU A 41 6.15 4.29 0.09
C LEU A 41 4.64 3.93 -0.05
N GLY A 42 3.99 3.59 1.08
CA GLY A 42 2.57 3.16 1.11
C GLY A 42 1.61 4.33 1.13
N HIS A 43 0.77 4.46 0.10
CA HIS A 43 -0.08 5.63 -0.10
C HIS A 43 -1.49 5.33 0.40
N ILE A 44 -2.10 6.31 1.10
CA ILE A 44 -3.51 6.22 1.53
C ILE A 44 -4.43 6.33 0.31
N SER A 45 -5.30 5.32 0.16
CA SER A 45 -6.34 5.30 -0.87
C SER A 45 -7.66 5.75 -0.23
N GLY A 46 -8.20 6.88 -0.69
CA GLY A 46 -9.47 7.41 -0.19
C GLY A 46 -9.30 8.71 0.59
N LYS A 47 -10.37 9.53 0.63
CA LYS A 47 -10.38 10.87 1.27
C LYS A 47 -10.52 10.78 2.81
N MET A 48 -10.54 9.54 3.37
CA MET A 48 -10.54 9.32 4.84
C MET A 48 -9.33 10.02 5.50
N ARG A 49 -8.21 10.08 4.75
CA ARG A 49 -6.93 10.72 5.13
C ARG A 49 -7.11 12.11 5.78
N MET A 50 -8.08 12.89 5.28
CA MET A 50 -8.32 14.28 5.70
C MET A 50 -8.72 14.38 7.19
N HIS A 51 -9.42 13.34 7.68
CA HIS A 51 -9.93 13.28 9.07
C HIS A 51 -9.33 12.10 9.85
N TYR A 52 -8.69 11.15 9.16
CA TYR A 52 -8.24 9.89 9.77
C TYR A 52 -6.77 9.60 9.40
N ILE A 53 -5.86 10.17 10.19
CA ILE A 53 -4.45 9.78 10.28
C ILE A 53 -4.13 9.59 11.77
N ARG A 54 -4.40 8.37 12.25
CA ARG A 54 -4.05 7.96 13.63
C ARG A 54 -2.79 7.07 13.62
N ILE A 55 -2.30 6.85 12.40
CA ILE A 55 -1.17 5.96 12.11
C ILE A 55 0.15 6.73 12.31
N SER A 56 1.00 6.18 13.19
CA SER A 56 2.26 6.79 13.62
C SER A 56 3.47 5.87 13.25
N PRO A 57 4.76 6.35 13.31
CA PRO A 57 5.94 5.49 13.09
C PRO A 57 6.06 4.41 14.18
N GLY A 58 6.14 3.13 13.76
CA GLY A 58 6.17 1.99 14.68
C GLY A 58 4.94 1.11 14.56
N ASP A 59 3.86 1.64 13.96
CA ASP A 59 2.64 0.84 13.69
C ASP A 59 2.91 -0.15 12.55
N LYS A 60 2.77 -1.45 12.85
CA LYS A 60 2.95 -2.50 11.86
C LYS A 60 1.71 -2.56 10.95
N VAL A 61 1.92 -2.30 9.65
CA VAL A 61 0.83 -2.17 8.70
C VAL A 61 1.07 -3.10 7.50
N THR A 62 -0.02 -3.56 6.90
CA THR A 62 0.02 -4.29 5.64
C THR A 62 -0.15 -3.28 4.50
N VAL A 63 0.56 -3.49 3.38
CA VAL A 63 0.42 -2.66 2.16
C VAL A 63 0.34 -3.57 0.93
N GLU A 64 0.09 -2.95 -0.24
CA GLU A 64 -0.27 -3.67 -1.48
C GLU A 64 0.45 -3.01 -2.66
N LEU A 65 1.41 -3.72 -3.29
CA LEU A 65 2.27 -3.15 -4.33
C LEU A 65 2.36 -4.07 -5.56
N THR A 66 1.98 -3.54 -6.72
CA THR A 66 2.01 -4.29 -8.00
C THR A 66 3.49 -4.38 -8.49
N PRO A 67 3.95 -5.59 -8.96
CA PRO A 67 5.41 -5.89 -9.18
C PRO A 67 6.17 -4.80 -9.99
N TYR A 68 5.51 -4.21 -10.99
CA TYR A 68 6.15 -3.25 -11.92
C TYR A 68 6.26 -1.82 -11.30
N ASP A 69 5.30 -1.47 -10.43
CA ASP A 69 5.21 -0.12 -9.81
C ASP A 69 5.24 -0.22 -8.27
N LEU A 70 5.97 -1.23 -7.77
CA LEU A 70 5.96 -1.63 -6.34
C LEU A 70 6.54 -0.55 -5.39
N THR A 71 7.35 0.38 -5.94
CA THR A 71 7.97 1.47 -5.20
C THR A 71 6.93 2.34 -4.47
N ARG A 72 5.77 2.55 -5.11
CA ARG A 72 4.59 3.10 -4.45
C ARG A 72 3.67 1.92 -4.11
N ALA A 73 3.43 1.72 -2.81
CA ALA A 73 2.49 0.74 -2.32
C ALA A 73 1.13 1.42 -2.05
N ARG A 74 0.14 0.60 -1.72
CA ARG A 74 -1.21 1.05 -1.36
C ARG A 74 -1.47 0.59 0.08
N ILE A 75 -2.10 1.42 0.91
CA ILE A 75 -2.41 1.07 2.29
C ILE A 75 -3.41 -0.13 2.35
N VAL A 76 -3.07 -1.17 3.15
CA VAL A 76 -4.01 -2.28 3.45
C VAL A 76 -4.42 -2.19 4.93
N PHE A 77 -5.43 -1.37 5.18
CA PHE A 77 -6.10 -1.28 6.48
C PHE A 77 -7.25 -2.31 6.49
N ARG A 78 -7.06 -3.43 7.21
CA ARG A 78 -8.12 -4.43 7.35
C ARG A 78 -9.11 -3.99 8.44
N ALA A 79 -10.08 -3.17 7.99
CA ALA A 79 -11.18 -2.68 8.80
C ALA A 79 -12.47 -2.92 8.01
N ARG A 80 -13.42 -3.67 8.60
CA ARG A 80 -14.69 -4.05 7.92
C ARG A 80 -15.60 -2.81 7.66
N MET A 1 -7.11 11.90 -39.34
CA MET A 1 -8.26 12.53 -38.65
C MET A 1 -8.80 11.57 -37.58
N ALA A 2 -8.38 11.78 -36.32
CA ALA A 2 -8.75 10.92 -35.19
C ALA A 2 -10.23 11.10 -34.82
N HIS A 3 -10.92 9.97 -34.62
CA HIS A 3 -12.35 9.95 -34.20
C HIS A 3 -12.46 9.21 -32.87
N HIS A 4 -13.47 9.58 -32.07
CA HIS A 4 -13.69 9.00 -30.73
C HIS A 4 -14.08 7.51 -30.85
N HIS A 5 -13.21 6.61 -30.37
CA HIS A 5 -13.42 5.16 -30.47
C HIS A 5 -13.64 4.53 -29.09
N HIS A 6 -13.98 3.23 -29.12
CA HIS A 6 -14.16 2.40 -27.91
C HIS A 6 -12.84 2.30 -27.11
N HIS A 7 -12.97 2.15 -25.80
CA HIS A 7 -11.82 1.97 -24.90
C HIS A 7 -11.94 0.61 -24.19
N HIS A 8 -11.08 0.38 -23.20
CA HIS A 8 -11.12 -0.81 -22.35
C HIS A 8 -10.58 -0.47 -20.94
N MET A 9 -10.48 -1.49 -20.07
CA MET A 9 -9.93 -1.31 -18.72
C MET A 9 -9.04 -2.51 -18.37
N ALA A 10 -7.73 -2.27 -18.27
CA ALA A 10 -6.74 -3.31 -17.95
C ALA A 10 -6.82 -3.71 -16.48
N LYS A 11 -6.50 -4.97 -16.18
CA LYS A 11 -6.50 -5.52 -14.82
C LYS A 11 -5.06 -5.74 -14.37
N GLU A 12 -4.60 -4.94 -13.39
CA GLU A 12 -3.26 -5.06 -12.83
C GLU A 12 -3.21 -6.21 -11.81
N ASP A 13 -1.99 -6.61 -11.45
CA ASP A 13 -1.71 -7.69 -10.55
C ASP A 13 -0.82 -7.12 -9.45
N THR A 14 -1.30 -7.19 -8.22
CA THR A 14 -0.59 -6.71 -7.03
C THR A 14 -0.42 -7.82 -6.00
N ILE A 15 0.38 -7.51 -4.96
CA ILE A 15 0.68 -8.42 -3.84
C ILE A 15 0.62 -7.60 -2.55
N GLN A 16 -0.12 -8.09 -1.55
CA GLN A 16 -0.19 -7.45 -0.23
C GLN A 16 1.02 -7.90 0.60
N MET A 17 1.83 -6.91 1.01
CA MET A 17 3.06 -7.09 1.75
C MET A 17 2.97 -6.30 3.04
N GLN A 18 3.52 -6.87 4.11
CA GLN A 18 3.47 -6.27 5.44
C GLN A 18 4.85 -5.73 5.82
N GLY A 19 4.85 -4.56 6.45
CA GLY A 19 6.04 -3.93 6.95
C GLY A 19 5.75 -3.09 8.18
N GLU A 20 6.43 -1.96 8.29
CA GLU A 20 6.41 -1.09 9.46
C GLU A 20 6.50 0.37 9.01
N ILE A 21 5.77 1.26 9.69
CA ILE A 21 5.78 2.71 9.39
C ILE A 21 7.15 3.27 9.79
N LEU A 22 7.94 3.59 8.79
CA LEU A 22 9.28 4.15 8.96
C LEU A 22 9.18 5.65 9.30
N GLU A 23 8.51 6.42 8.42
CA GLU A 23 8.32 7.89 8.58
C GLU A 23 6.87 8.29 8.25
N THR A 24 6.29 9.13 9.11
CA THR A 24 4.95 9.68 8.93
C THR A 24 5.03 10.99 8.15
N LEU A 25 4.73 10.93 6.85
CA LEU A 25 4.82 12.08 5.94
C LEU A 25 3.41 12.69 5.70
N PRO A 26 3.29 14.07 5.66
CA PRO A 26 1.99 14.77 5.44
C PRO A 26 1.53 14.79 3.96
N ASN A 27 2.33 14.17 3.07
CA ASN A 27 2.12 14.21 1.60
C ASN A 27 1.08 13.15 1.14
N ALA A 28 0.09 12.85 2.02
CA ALA A 28 -0.96 11.82 1.79
C ALA A 28 -0.39 10.38 1.69
N THR A 29 0.91 10.27 1.92
CA THR A 29 1.68 9.04 1.74
C THR A 29 2.57 8.87 2.96
N PHE A 30 2.64 7.65 3.49
CA PHE A 30 3.45 7.33 4.67
C PHE A 30 4.60 6.43 4.24
N LYS A 31 5.81 6.76 4.70
CA LYS A 31 6.99 5.98 4.41
C LYS A 31 6.98 4.71 5.27
N VAL A 32 6.98 3.58 4.57
CA VAL A 32 6.92 2.24 5.15
C VAL A 32 8.19 1.48 4.72
N LYS A 33 8.66 0.56 5.56
CA LYS A 33 9.70 -0.41 5.19
C LYS A 33 9.13 -1.80 5.44
N LEU A 34 9.20 -2.67 4.43
CA LEU A 34 8.72 -4.06 4.54
C LEU A 34 9.49 -4.86 5.61
N GLU A 35 8.94 -6.04 5.92
CA GLU A 35 9.58 -7.04 6.81
C GLU A 35 11.01 -7.40 6.35
N ASN A 36 11.25 -7.27 5.03
CA ASN A 36 12.53 -7.57 4.37
C ASN A 36 13.41 -6.31 4.22
N ASP A 37 13.04 -5.23 4.95
CA ASP A 37 13.76 -3.92 4.97
C ASP A 37 13.75 -3.23 3.58
N HIS A 38 12.69 -3.50 2.79
CA HIS A 38 12.49 -2.85 1.48
C HIS A 38 11.68 -1.55 1.68
N ILE A 39 12.32 -0.40 1.40
CA ILE A 39 11.73 0.93 1.61
C ILE A 39 10.71 1.25 0.49
N VAL A 40 9.47 1.49 0.91
CA VAL A 40 8.28 1.62 0.05
C VAL A 40 7.43 2.85 0.50
N LEU A 41 6.69 3.43 -0.46
CA LEU A 41 5.72 4.50 -0.21
C LEU A 41 4.32 3.89 -0.03
N GLY A 42 3.81 3.85 1.21
CA GLY A 42 2.45 3.36 1.45
C GLY A 42 1.44 4.50 1.39
N HIS A 43 0.79 4.67 0.22
CA HIS A 43 -0.15 5.79 -0.02
C HIS A 43 -1.57 5.35 0.35
N ILE A 44 -2.24 6.13 1.22
CA ILE A 44 -3.58 5.80 1.67
C ILE A 44 -4.62 6.15 0.58
N SER A 45 -5.26 5.11 0.06
CA SER A 45 -6.29 5.22 -0.99
C SER A 45 -7.66 5.36 -0.32
N GLY A 46 -8.18 6.60 -0.24
CA GLY A 46 -9.51 6.85 0.30
C GLY A 46 -9.64 8.23 0.93
N LYS A 47 -10.89 8.67 1.16
CA LYS A 47 -11.21 9.99 1.73
C LYS A 47 -11.01 10.01 3.25
N MET A 48 -11.11 8.83 3.90
CA MET A 48 -10.93 8.69 5.36
C MET A 48 -9.58 9.28 5.81
N ARG A 49 -8.56 9.16 4.93
CA ARG A 49 -7.14 9.56 5.21
C ARG A 49 -7.05 10.93 5.90
N MET A 50 -7.65 11.94 5.27
CA MET A 50 -7.48 13.34 5.69
C MET A 50 -8.01 13.61 7.13
N HIS A 51 -9.00 12.82 7.59
CA HIS A 51 -9.54 12.93 8.96
C HIS A 51 -9.06 11.78 9.86
N TYR A 52 -8.53 10.71 9.24
CA TYR A 52 -8.10 9.48 9.93
C TYR A 52 -6.65 9.16 9.54
N ILE A 53 -5.71 9.73 10.30
CA ILE A 53 -4.26 9.49 10.15
C ILE A 53 -3.62 9.35 11.53
N ARG A 54 -4.13 8.36 12.26
CA ARG A 54 -3.62 7.98 13.60
C ARG A 54 -2.53 6.91 13.41
N ILE A 55 -1.49 7.30 12.66
CA ILE A 55 -0.43 6.40 12.24
C ILE A 55 0.82 6.67 13.08
N SER A 56 1.28 5.63 13.76
CA SER A 56 2.43 5.68 14.67
C SER A 56 3.69 5.14 13.95
N PRO A 57 4.84 5.88 13.98
CA PRO A 57 6.11 5.35 13.46
C PRO A 57 6.59 4.16 14.31
N GLY A 58 6.66 2.97 13.69
CA GLY A 58 6.93 1.71 14.38
C GLY A 58 5.75 0.75 14.33
N ASP A 59 4.62 1.20 13.73
CA ASP A 59 3.41 0.36 13.55
C ASP A 59 3.63 -0.68 12.44
N LYS A 60 3.35 -1.96 12.74
CA LYS A 60 3.33 -3.00 11.70
C LYS A 60 2.02 -2.84 10.91
N VAL A 61 2.18 -2.55 9.61
CA VAL A 61 1.08 -2.18 8.74
C VAL A 61 1.16 -3.03 7.48
N THR A 62 0.03 -3.16 6.78
CA THR A 62 -0.03 -3.89 5.50
C THR A 62 -0.20 -2.86 4.38
N VAL A 63 0.41 -3.14 3.23
CA VAL A 63 0.29 -2.34 2.01
C VAL A 63 0.13 -3.31 0.81
N GLU A 64 -0.07 -2.74 -0.39
CA GLU A 64 -0.41 -3.49 -1.59
C GLU A 64 0.39 -2.92 -2.78
N LEU A 65 1.33 -3.73 -3.30
CA LEU A 65 2.29 -3.31 -4.32
C LEU A 65 2.36 -4.32 -5.47
N THR A 66 2.40 -3.80 -6.70
CA THR A 66 2.52 -4.59 -7.92
C THR A 66 3.97 -5.11 -8.09
N PRO A 67 4.21 -6.19 -8.89
CA PRO A 67 5.59 -6.64 -9.23
C PRO A 67 6.29 -5.63 -10.17
N TYR A 68 5.47 -4.75 -10.78
CA TYR A 68 5.93 -3.69 -11.69
C TYR A 68 6.62 -2.56 -10.90
N ASP A 69 6.17 -2.37 -9.64
CA ASP A 69 6.68 -1.35 -8.72
C ASP A 69 6.43 -1.78 -7.27
N LEU A 70 7.49 -2.29 -6.63
CA LEU A 70 7.45 -2.74 -5.22
C LEU A 70 7.69 -1.54 -4.29
N THR A 71 8.56 -0.60 -4.72
CA THR A 71 9.01 0.54 -3.88
C THR A 71 7.93 1.64 -3.73
N ARG A 72 6.75 1.41 -4.32
CA ARG A 72 5.56 2.25 -4.11
C ARG A 72 4.33 1.35 -4.03
N ALA A 73 3.41 1.67 -3.11
CA ALA A 73 2.28 0.82 -2.78
C ALA A 73 1.10 1.65 -2.28
N ARG A 74 -0.01 0.95 -2.00
CA ARG A 74 -1.22 1.55 -1.43
C ARG A 74 -1.46 0.88 -0.09
N ILE A 75 -1.82 1.66 0.95
CA ILE A 75 -2.05 1.13 2.29
C ILE A 75 -3.17 0.08 2.25
N VAL A 76 -3.08 -0.92 3.12
CA VAL A 76 -4.13 -1.91 3.30
C VAL A 76 -4.57 -1.92 4.76
N PHE A 77 -5.73 -1.29 5.01
CA PHE A 77 -6.39 -1.33 6.33
C PHE A 77 -6.81 -2.77 6.62
N ARG A 78 -5.99 -3.46 7.41
CA ARG A 78 -6.19 -4.86 7.74
C ARG A 78 -7.28 -5.00 8.81
N ALA A 79 -8.32 -5.78 8.50
CA ALA A 79 -9.32 -6.18 9.49
C ALA A 79 -8.72 -7.32 10.34
N ARG A 80 -8.02 -6.91 11.39
CA ARG A 80 -7.30 -7.82 12.29
C ARG A 80 -8.31 -8.33 13.33
N MET A 1 11.18 -6.28 -40.62
CA MET A 1 10.47 -6.33 -39.33
C MET A 1 9.53 -7.55 -39.32
N ALA A 2 9.74 -8.47 -38.35
CA ALA A 2 8.92 -9.67 -38.15
C ALA A 2 8.60 -9.80 -36.65
N HIS A 3 7.28 -9.90 -36.31
CA HIS A 3 6.83 -9.84 -34.91
C HIS A 3 5.41 -10.41 -34.74
N HIS A 4 5.00 -10.55 -33.48
CA HIS A 4 3.64 -10.94 -33.08
C HIS A 4 2.78 -9.67 -32.93
N HIS A 5 1.49 -9.72 -33.38
CA HIS A 5 0.61 -8.53 -33.37
C HIS A 5 -0.86 -8.90 -33.03
N HIS A 6 -1.05 -9.97 -32.26
CA HIS A 6 -2.38 -10.31 -31.68
C HIS A 6 -2.56 -9.57 -30.35
N HIS A 7 -3.81 -9.45 -29.90
CA HIS A 7 -4.16 -8.79 -28.63
C HIS A 7 -3.91 -9.75 -27.45
N HIS A 8 -2.70 -9.64 -26.85
CA HIS A 8 -2.34 -10.41 -25.63
C HIS A 8 -2.80 -9.61 -24.41
N MET A 9 -3.81 -10.13 -23.69
CA MET A 9 -4.33 -9.49 -22.47
C MET A 9 -3.41 -9.73 -21.27
N ALA A 10 -3.75 -9.09 -20.16
CA ALA A 10 -2.99 -9.16 -18.91
C ALA A 10 -3.95 -9.13 -17.71
N LYS A 11 -3.39 -9.29 -16.51
CA LYS A 11 -4.11 -9.28 -15.24
C LYS A 11 -3.19 -8.74 -14.14
N GLU A 12 -3.72 -7.79 -13.35
CA GLU A 12 -2.94 -7.07 -12.33
C GLU A 12 -2.76 -7.94 -11.08
N ASP A 13 -1.76 -8.83 -11.12
CA ASP A 13 -1.43 -9.71 -10.01
C ASP A 13 -0.59 -8.96 -8.97
N THR A 14 -1.25 -8.13 -8.15
CA THR A 14 -0.59 -7.34 -7.09
C THR A 14 -0.33 -8.20 -5.85
N ILE A 15 0.47 -7.66 -4.94
CA ILE A 15 0.98 -8.39 -3.75
C ILE A 15 0.76 -7.56 -2.48
N GLN A 16 -0.07 -8.05 -1.54
CA GLN A 16 -0.23 -7.41 -0.22
C GLN A 16 0.92 -7.85 0.68
N MET A 17 1.68 -6.86 1.17
CA MET A 17 2.82 -7.06 2.07
C MET A 17 2.64 -6.22 3.33
N GLN A 18 2.96 -6.83 4.46
CA GLN A 18 2.78 -6.24 5.79
C GLN A 18 4.13 -5.83 6.37
N GLY A 19 4.37 -4.52 6.42
CA GLY A 19 5.60 -3.95 6.95
C GLY A 19 5.36 -3.14 8.20
N GLU A 20 6.19 -2.13 8.40
CA GLU A 20 6.11 -1.21 9.54
C GLU A 20 6.32 0.21 9.02
N ILE A 21 5.61 1.18 9.60
CA ILE A 21 5.82 2.60 9.31
C ILE A 21 7.18 3.01 9.87
N LEU A 22 8.14 3.22 8.98
CA LEU A 22 9.47 3.68 9.35
C LEU A 22 9.43 5.19 9.64
N GLU A 23 8.69 5.95 8.80
CA GLU A 23 8.56 7.41 8.96
C GLU A 23 7.23 7.93 8.36
N THR A 24 6.74 9.05 8.91
CA THR A 24 5.47 9.68 8.52
C THR A 24 5.71 10.94 7.64
N LEU A 25 5.36 10.83 6.34
CA LEU A 25 5.55 11.91 5.34
C LEU A 25 4.26 12.74 5.19
N PRO A 26 4.36 14.00 4.66
CA PRO A 26 3.18 14.78 4.18
C PRO A 26 2.56 14.19 2.89
N ASN A 27 1.46 14.83 2.42
CA ASN A 27 0.72 14.45 1.17
C ASN A 27 0.04 13.07 1.32
N ALA A 28 -0.34 12.72 2.57
CA ALA A 28 -1.02 11.44 2.90
C ALA A 28 -0.20 10.23 2.41
N THR A 29 1.09 10.24 2.75
CA THR A 29 2.07 9.24 2.32
C THR A 29 2.95 8.86 3.51
N PHE A 30 3.36 7.59 3.60
CA PHE A 30 4.15 7.06 4.72
C PHE A 30 5.31 6.21 4.21
N LYS A 31 6.51 6.42 4.79
CA LYS A 31 7.70 5.62 4.53
C LYS A 31 7.54 4.29 5.28
N VAL A 32 7.12 3.23 4.56
CA VAL A 32 6.94 1.89 5.12
C VAL A 32 8.17 1.01 4.80
N LYS A 33 8.76 0.49 5.85
CA LYS A 33 9.87 -0.47 5.80
C LYS A 33 9.30 -1.87 6.01
N LEU A 34 9.38 -2.72 4.97
CA LEU A 34 8.93 -4.12 5.00
C LEU A 34 9.91 -4.99 5.85
N GLU A 35 9.56 -6.27 6.06
CA GLU A 35 10.34 -7.22 6.91
C GLU A 35 11.75 -7.47 6.33
N ASN A 36 11.89 -7.30 5.01
CA ASN A 36 13.17 -7.45 4.29
C ASN A 36 13.98 -6.14 4.32
N ASP A 37 13.56 -5.19 5.19
CA ASP A 37 14.16 -3.83 5.32
C ASP A 37 14.03 -3.02 4.01
N HIS A 38 13.05 -3.41 3.16
CA HIS A 38 12.78 -2.72 1.90
C HIS A 38 11.87 -1.51 2.17
N ILE A 39 12.47 -0.32 2.00
CA ILE A 39 11.86 0.95 2.35
C ILE A 39 11.21 1.53 1.09
N VAL A 40 9.88 1.71 1.14
CA VAL A 40 9.05 2.17 0.01
C VAL A 40 7.88 3.01 0.55
N LEU A 41 7.17 3.70 -0.35
CA LEU A 41 6.13 4.67 0.04
C LEU A 41 4.73 4.02 -0.03
N GLY A 42 4.08 3.85 1.14
CA GLY A 42 2.67 3.47 1.21
C GLY A 42 1.79 4.71 1.17
N HIS A 43 0.91 4.80 0.15
CA HIS A 43 0.12 6.01 -0.12
C HIS A 43 -1.33 5.80 0.33
N ILE A 44 -1.87 6.76 1.09
CA ILE A 44 -3.27 6.73 1.50
C ILE A 44 -4.15 7.17 0.32
N SER A 45 -4.99 6.25 -0.16
CA SER A 45 -5.90 6.47 -1.28
C SER A 45 -7.35 6.32 -0.79
N GLY A 46 -7.99 7.47 -0.49
CA GLY A 46 -9.39 7.50 -0.07
C GLY A 46 -9.65 8.54 1.03
N LYS A 47 -10.94 8.73 1.37
CA LYS A 47 -11.41 9.71 2.38
C LYS A 47 -11.08 9.26 3.83
N MET A 48 -10.47 8.07 3.96
CA MET A 48 -10.01 7.51 5.25
C MET A 48 -9.02 8.48 5.96
N ARG A 49 -8.20 9.19 5.16
CA ARG A 49 -7.21 10.17 5.67
C ARG A 49 -7.90 11.36 6.34
N MET A 50 -9.03 11.80 5.75
CA MET A 50 -9.75 13.03 6.15
C MET A 50 -10.04 13.06 7.67
N HIS A 51 -10.44 11.90 8.23
CA HIS A 51 -10.72 11.76 9.67
C HIS A 51 -9.60 10.98 10.39
N TYR A 52 -9.03 9.96 9.72
CA TYR A 52 -8.01 9.09 10.35
C TYR A 52 -6.59 9.45 9.82
N ILE A 53 -5.82 10.17 10.66
CA ILE A 53 -4.41 10.54 10.38
C ILE A 53 -3.45 9.91 11.39
N ARG A 54 -4.04 9.17 12.33
CA ARG A 54 -3.31 8.51 13.44
C ARG A 54 -2.50 7.29 12.96
N ILE A 55 -1.36 7.60 12.33
CA ILE A 55 -0.34 6.63 11.93
C ILE A 55 0.99 7.10 12.53
N SER A 56 1.64 6.22 13.26
CA SER A 56 2.91 6.52 13.95
C SER A 56 4.03 5.59 13.44
N PRO A 57 5.32 6.06 13.44
CA PRO A 57 6.49 5.19 13.22
C PRO A 57 6.57 4.11 14.32
N GLY A 58 6.56 2.84 13.90
CA GLY A 58 6.48 1.70 14.82
C GLY A 58 5.19 0.92 14.66
N ASP A 59 4.17 1.51 13.98
CA ASP A 59 2.91 0.81 13.70
C ASP A 59 3.08 -0.11 12.48
N LYS A 60 2.86 -1.42 12.68
CA LYS A 60 2.91 -2.40 11.58
C LYS A 60 1.63 -2.26 10.73
N VAL A 61 1.80 -2.26 9.40
CA VAL A 61 0.74 -1.94 8.48
C VAL A 61 0.82 -2.84 7.22
N THR A 62 -0.36 -3.08 6.61
CA THR A 62 -0.48 -3.86 5.38
C THR A 62 -0.78 -2.91 4.20
N VAL A 63 0.03 -3.05 3.14
CA VAL A 63 -0.10 -2.28 1.90
C VAL A 63 -0.11 -3.28 0.72
N GLU A 64 -0.32 -2.76 -0.50
CA GLU A 64 -0.49 -3.59 -1.71
C GLU A 64 0.33 -2.97 -2.85
N LEU A 65 1.33 -3.73 -3.33
CA LEU A 65 2.28 -3.30 -4.34
C LEU A 65 2.42 -4.39 -5.41
N THR A 66 2.50 -3.96 -6.66
CA THR A 66 2.55 -4.86 -7.83
C THR A 66 4.02 -5.24 -8.15
N PRO A 67 4.28 -6.44 -8.77
CA PRO A 67 5.66 -6.82 -9.23
C PRO A 67 6.16 -5.89 -10.37
N TYR A 68 5.25 -5.11 -10.96
CA TYR A 68 5.56 -4.10 -11.99
C TYR A 68 6.15 -2.83 -11.35
N ASP A 69 5.67 -2.51 -10.13
CA ASP A 69 6.06 -1.31 -9.38
C ASP A 69 6.09 -1.63 -7.88
N LEU A 70 7.22 -2.24 -7.46
CA LEU A 70 7.48 -2.59 -6.05
C LEU A 70 7.82 -1.34 -5.20
N THR A 71 8.17 -0.24 -5.89
CA THR A 71 8.44 1.06 -5.26
C THR A 71 7.13 1.76 -4.81
N ARG A 72 6.02 1.44 -5.51
CA ARG A 72 4.70 2.07 -5.28
C ARG A 72 3.81 1.10 -4.48
N ALA A 73 3.48 1.46 -3.22
CA ALA A 73 2.55 0.68 -2.39
C ALA A 73 1.32 1.54 -2.07
N ARG A 74 0.14 0.91 -2.06
CA ARG A 74 -1.12 1.58 -1.67
C ARG A 74 -1.53 1.03 -0.31
N ILE A 75 -2.10 1.87 0.56
CA ILE A 75 -2.57 1.44 1.89
C ILE A 75 -3.69 0.39 1.75
N VAL A 76 -3.66 -0.71 2.54
CA VAL A 76 -4.77 -1.67 2.56
C VAL A 76 -5.51 -1.55 3.90
N PHE A 77 -4.83 -1.91 4.99
CA PHE A 77 -5.33 -1.77 6.37
C PHE A 77 -4.17 -1.79 7.36
N ARG A 78 -4.43 -1.34 8.58
CA ARG A 78 -3.48 -1.44 9.70
C ARG A 78 -3.55 -2.83 10.35
N ALA A 79 -2.50 -3.15 11.12
CA ALA A 79 -2.46 -4.31 12.00
C ALA A 79 -2.25 -3.83 13.44
N ARG A 80 -2.85 -4.56 14.40
CA ARG A 80 -2.86 -4.17 15.82
C ARG A 80 -1.49 -4.51 16.47
N MET A 1 -13.54 -30.19 -22.43
CA MET A 1 -14.82 -30.01 -21.68
C MET A 1 -15.35 -28.58 -21.89
N ALA A 2 -14.44 -27.59 -21.81
CA ALA A 2 -14.79 -26.17 -21.96
C ALA A 2 -15.07 -25.84 -23.44
N HIS A 3 -16.36 -25.76 -23.79
CA HIS A 3 -16.83 -25.46 -25.16
C HIS A 3 -16.70 -23.95 -25.50
N HIS A 4 -16.29 -23.12 -24.50
CA HIS A 4 -15.89 -21.72 -24.73
C HIS A 4 -14.42 -21.56 -24.32
N HIS A 5 -13.51 -21.76 -25.30
CA HIS A 5 -12.05 -21.61 -25.07
C HIS A 5 -11.64 -20.12 -25.18
N HIS A 6 -11.98 -19.36 -24.13
CA HIS A 6 -11.74 -17.90 -24.03
C HIS A 6 -11.23 -17.57 -22.64
N HIS A 7 -9.90 -17.39 -22.53
CA HIS A 7 -9.22 -17.10 -21.24
C HIS A 7 -9.60 -15.70 -20.71
N HIS A 8 -9.49 -15.52 -19.38
CA HIS A 8 -9.77 -14.24 -18.72
C HIS A 8 -8.57 -13.27 -18.91
N MET A 9 -8.87 -11.96 -18.92
CA MET A 9 -7.84 -10.90 -19.04
C MET A 9 -6.99 -10.85 -17.76
N ALA A 10 -5.65 -10.79 -17.93
CA ALA A 10 -4.70 -10.74 -16.80
C ALA A 10 -4.94 -9.45 -15.98
N LYS A 11 -5.36 -9.63 -14.71
CA LYS A 11 -5.69 -8.54 -13.80
C LYS A 11 -4.41 -7.87 -13.25
N GLU A 12 -4.59 -6.71 -12.58
CA GLU A 12 -3.51 -6.08 -11.82
C GLU A 12 -3.27 -6.91 -10.55
N ASP A 13 -2.36 -7.89 -10.67
CA ASP A 13 -2.00 -8.82 -9.60
C ASP A 13 -1.09 -8.11 -8.56
N THR A 14 -1.74 -7.25 -7.78
CA THR A 14 -1.08 -6.35 -6.81
C THR A 14 -0.81 -7.14 -5.52
N ILE A 15 0.28 -6.80 -4.82
CA ILE A 15 0.89 -7.67 -3.78
C ILE A 15 0.74 -7.00 -2.40
N GLN A 16 0.04 -7.66 -1.46
CA GLN A 16 -0.12 -7.12 -0.10
C GLN A 16 1.11 -7.49 0.72
N MET A 17 1.83 -6.46 1.20
CA MET A 17 3.04 -6.65 2.02
C MET A 17 2.83 -5.93 3.35
N GLN A 18 3.00 -6.67 4.45
CA GLN A 18 2.74 -6.17 5.79
C GLN A 18 4.08 -5.77 6.42
N GLY A 19 4.26 -4.44 6.57
CA GLY A 19 5.49 -3.87 7.12
C GLY A 19 5.20 -3.03 8.34
N GLU A 20 6.11 -2.11 8.65
CA GLU A 20 5.96 -1.20 9.80
C GLU A 20 6.34 0.21 9.37
N ILE A 21 5.67 1.22 9.93
CA ILE A 21 5.92 2.62 9.56
C ILE A 21 7.30 3.06 10.06
N LEU A 22 8.21 3.29 9.09
CA LEU A 22 9.54 3.86 9.37
C LEU A 22 9.38 5.37 9.60
N GLU A 23 8.76 6.05 8.61
CA GLU A 23 8.62 7.52 8.61
C GLU A 23 7.21 7.93 8.16
N THR A 24 6.68 8.97 8.82
CA THR A 24 5.35 9.51 8.53
C THR A 24 5.47 10.79 7.69
N LEU A 25 4.92 10.75 6.47
CA LEU A 25 4.88 11.94 5.58
C LEU A 25 3.44 12.50 5.58
N PRO A 26 3.25 13.87 5.63
CA PRO A 26 1.92 14.52 5.49
C PRO A 26 1.51 14.72 4.01
N ASN A 27 2.09 13.88 3.13
CA ASN A 27 1.85 13.87 1.69
C ASN A 27 0.77 12.80 1.34
N ALA A 28 0.00 12.37 2.39
CA ALA A 28 -0.96 11.24 2.32
C ALA A 28 -0.26 9.98 1.77
N THR A 29 0.95 9.76 2.30
CA THR A 29 1.83 8.65 1.95
C THR A 29 2.71 8.38 3.17
N PHE A 30 2.91 7.11 3.54
CA PHE A 30 3.71 6.74 4.71
C PHE A 30 4.84 5.79 4.28
N LYS A 31 6.06 6.10 4.74
CA LYS A 31 7.26 5.35 4.43
C LYS A 31 7.33 4.10 5.33
N VAL A 32 6.95 2.96 4.74
CA VAL A 32 6.85 1.66 5.42
C VAL A 32 8.11 0.84 5.11
N LYS A 33 8.72 0.32 6.16
CA LYS A 33 9.90 -0.57 6.08
C LYS A 33 9.42 -2.02 6.16
N LEU A 34 9.99 -2.89 5.33
CA LEU A 34 9.67 -4.32 5.31
C LEU A 34 10.80 -5.09 6.00
N GLU A 35 10.46 -6.24 6.57
CA GLU A 35 11.39 -7.12 7.32
C GLU A 35 12.51 -7.70 6.42
N ASN A 36 12.27 -7.70 5.09
CA ASN A 36 13.26 -8.15 4.08
C ASN A 36 14.24 -7.02 3.69
N ASP A 37 14.27 -5.93 4.50
CA ASP A 37 15.26 -4.81 4.42
C ASP A 37 14.97 -3.82 3.26
N HIS A 38 13.85 -4.01 2.53
CA HIS A 38 13.40 -3.06 1.49
C HIS A 38 12.35 -2.08 2.06
N ILE A 39 12.37 -0.84 1.56
CA ILE A 39 11.45 0.23 1.99
C ILE A 39 10.47 0.57 0.84
N VAL A 40 9.17 0.58 1.15
CA VAL A 40 8.08 0.90 0.20
C VAL A 40 7.23 2.06 0.77
N LEU A 41 6.70 2.91 -0.11
CA LEU A 41 5.87 4.06 0.27
C LEU A 41 4.38 3.72 0.06
N GLY A 42 3.64 3.50 1.17
CA GLY A 42 2.22 3.17 1.12
C GLY A 42 1.34 4.42 1.06
N HIS A 43 0.71 4.66 -0.10
CA HIS A 43 -0.07 5.89 -0.37
C HIS A 43 -1.50 5.73 0.17
N ILE A 44 -1.93 6.66 1.03
CA ILE A 44 -3.29 6.67 1.61
C ILE A 44 -4.33 6.96 0.52
N SER A 45 -5.38 6.15 0.48
CA SER A 45 -6.43 6.22 -0.55
C SER A 45 -7.82 6.19 0.11
N GLY A 46 -8.84 6.62 -0.65
CA GLY A 46 -10.22 6.67 -0.17
C GLY A 46 -10.48 7.82 0.79
N LYS A 47 -11.54 7.67 1.61
CA LYS A 47 -11.92 8.66 2.65
C LYS A 47 -10.99 8.59 3.88
N MET A 48 -10.09 7.57 3.91
CA MET A 48 -9.04 7.43 4.95
C MET A 48 -8.13 8.69 5.02
N ARG A 49 -7.94 9.34 3.87
CA ARG A 49 -7.06 10.54 3.75
C ARG A 49 -7.54 11.70 4.64
N MET A 50 -8.87 11.84 4.78
CA MET A 50 -9.48 12.95 5.54
C MET A 50 -9.60 12.59 7.02
N HIS A 51 -9.99 11.34 7.30
CA HIS A 51 -10.43 10.91 8.65
C HIS A 51 -9.31 10.21 9.44
N TYR A 52 -8.51 9.38 8.75
CA TYR A 52 -7.46 8.56 9.40
C TYR A 52 -6.07 8.96 8.88
N ILE A 53 -5.56 10.05 9.45
CA ILE A 53 -4.19 10.56 9.21
C ILE A 53 -3.26 10.15 10.36
N ARG A 54 -3.89 9.76 11.48
CA ARG A 54 -3.20 9.47 12.75
C ARG A 54 -2.47 8.12 12.69
N ILE A 55 -1.30 8.13 12.08
CA ILE A 55 -0.39 6.98 12.01
C ILE A 55 0.99 7.44 12.50
N SER A 56 1.61 6.62 13.38
CA SER A 56 2.90 6.93 14.02
C SER A 56 4.00 5.94 13.55
N PRO A 57 5.32 6.32 13.63
CA PRO A 57 6.43 5.38 13.39
C PRO A 57 6.45 4.27 14.47
N GLY A 58 6.44 3.00 14.02
CA GLY A 58 6.39 1.84 14.93
C GLY A 58 5.09 1.06 14.83
N ASP A 59 4.12 1.58 14.06
CA ASP A 59 2.85 0.86 13.79
C ASP A 59 3.04 -0.09 12.61
N LYS A 60 2.84 -1.40 12.85
CA LYS A 60 2.90 -2.41 11.78
C LYS A 60 1.56 -2.41 11.00
N VAL A 61 1.68 -2.09 9.71
CA VAL A 61 0.56 -1.89 8.78
C VAL A 61 0.76 -2.76 7.54
N THR A 62 -0.29 -2.93 6.74
CA THR A 62 -0.17 -3.57 5.43
C THR A 62 -0.29 -2.50 4.33
N VAL A 63 0.33 -2.76 3.17
CA VAL A 63 0.18 -1.95 1.95
C VAL A 63 0.04 -2.91 0.75
N GLU A 64 -0.19 -2.38 -0.47
CA GLU A 64 -0.42 -3.21 -1.66
C GLU A 64 0.29 -2.59 -2.87
N LEU A 65 1.39 -3.24 -3.31
CA LEU A 65 2.30 -2.73 -4.35
C LEU A 65 2.20 -3.57 -5.63
N THR A 66 2.16 -2.89 -6.78
CA THR A 66 2.15 -3.55 -8.09
C THR A 66 3.46 -4.37 -8.28
N PRO A 67 3.43 -5.53 -9.01
CA PRO A 67 4.66 -6.32 -9.27
C PRO A 67 5.63 -5.58 -10.23
N TYR A 68 5.07 -4.62 -10.99
CA TYR A 68 5.83 -3.78 -11.91
C TYR A 68 6.54 -2.63 -11.16
N ASP A 69 5.91 -2.15 -10.07
CA ASP A 69 6.43 -1.04 -9.26
C ASP A 69 6.23 -1.38 -7.77
N LEU A 70 7.26 -1.96 -7.16
CA LEU A 70 7.23 -2.42 -5.77
C LEU A 70 7.82 -1.37 -4.80
N THR A 71 8.25 -0.21 -5.32
CA THR A 71 8.75 0.92 -4.48
C THR A 71 7.57 1.78 -4.01
N ARG A 72 6.50 1.81 -4.82
CA ARG A 72 5.26 2.52 -4.52
C ARG A 72 4.15 1.51 -4.22
N ALA A 73 3.23 1.88 -3.30
CA ALA A 73 2.13 1.01 -2.87
C ALA A 73 0.87 1.82 -2.53
N ARG A 74 -0.18 1.08 -2.18
CA ARG A 74 -1.48 1.61 -1.74
C ARG A 74 -1.74 1.10 -0.33
N ILE A 75 -2.09 1.98 0.63
CA ILE A 75 -2.29 1.59 2.03
C ILE A 75 -3.39 0.51 2.15
N VAL A 76 -3.10 -0.53 2.95
CA VAL A 76 -4.10 -1.52 3.33
C VAL A 76 -4.34 -1.38 4.83
N PHE A 77 -5.61 -1.17 5.20
CA PHE A 77 -6.05 -1.14 6.61
C PHE A 77 -5.66 -2.46 7.29
N ARG A 78 -5.04 -2.36 8.47
CA ARG A 78 -4.45 -3.52 9.15
C ARG A 78 -5.55 -4.33 9.87
N ALA A 79 -6.05 -5.37 9.17
CA ALA A 79 -7.05 -6.31 9.70
C ALA A 79 -6.42 -7.17 10.82
N ARG A 80 -6.80 -6.84 12.07
CA ARG A 80 -6.30 -7.55 13.27
C ARG A 80 -7.15 -8.82 13.52
N MET A 1 -15.51 -39.22 -20.94
CA MET A 1 -15.35 -37.78 -21.29
C MET A 1 -14.36 -37.11 -20.32
N ALA A 2 -13.84 -35.94 -20.71
CA ALA A 2 -12.85 -35.18 -19.92
C ALA A 2 -13.34 -33.74 -19.68
N HIS A 3 -13.24 -33.28 -18.43
CA HIS A 3 -13.76 -31.96 -17.98
C HIS A 3 -12.93 -30.81 -18.58
N HIS A 4 -13.62 -29.79 -19.11
CA HIS A 4 -12.99 -28.63 -19.78
C HIS A 4 -12.86 -27.47 -18.78
N HIS A 5 -11.63 -26.95 -18.64
CA HIS A 5 -11.27 -25.87 -17.72
C HIS A 5 -11.58 -24.50 -18.35
N HIS A 6 -11.85 -23.49 -17.49
CA HIS A 6 -12.00 -22.07 -17.90
C HIS A 6 -10.67 -21.54 -18.49
N HIS A 7 -10.77 -20.57 -19.42
CA HIS A 7 -9.58 -20.04 -20.15
C HIS A 7 -8.81 -19.01 -19.31
N HIS A 8 -7.71 -18.49 -19.88
CA HIS A 8 -6.78 -17.58 -19.17
C HIS A 8 -7.45 -16.26 -18.78
N MET A 9 -7.58 -16.02 -17.46
CA MET A 9 -8.04 -14.75 -16.91
C MET A 9 -6.95 -13.66 -17.07
N ALA A 10 -7.32 -12.40 -16.84
CA ALA A 10 -6.37 -11.28 -16.80
C ALA A 10 -5.43 -11.48 -15.60
N LYS A 11 -4.29 -12.15 -15.88
CA LYS A 11 -3.31 -12.56 -14.85
C LYS A 11 -2.68 -11.32 -14.19
N GLU A 12 -3.22 -10.98 -13.02
CA GLU A 12 -2.77 -9.85 -12.21
C GLU A 12 -2.21 -10.40 -10.88
N ASP A 13 -1.11 -9.80 -10.39
CA ASP A 13 -0.43 -10.26 -9.17
C ASP A 13 0.11 -9.03 -8.43
N THR A 14 -0.68 -8.57 -7.46
CA THR A 14 -0.33 -7.42 -6.61
C THR A 14 0.32 -7.94 -5.32
N ILE A 15 1.32 -7.23 -4.79
CA ILE A 15 2.25 -7.83 -3.79
C ILE A 15 1.92 -7.32 -2.38
N GLN A 16 1.34 -8.20 -1.59
CA GLN A 16 1.03 -7.90 -0.18
C GLN A 16 2.27 -8.18 0.65
N MET A 17 2.70 -7.19 1.41
CA MET A 17 3.88 -7.29 2.27
C MET A 17 3.60 -6.52 3.55
N GLN A 18 3.97 -7.09 4.68
CA GLN A 18 3.73 -6.54 6.00
C GLN A 18 5.05 -6.06 6.60
N GLY A 19 5.10 -4.77 7.00
CA GLY A 19 6.27 -4.19 7.66
C GLY A 19 5.85 -3.26 8.77
N GLU A 20 6.63 -2.20 9.00
CA GLU A 20 6.38 -1.21 10.07
C GLU A 20 6.67 0.21 9.57
N ILE A 21 5.91 1.20 10.06
CA ILE A 21 6.03 2.61 9.64
C ILE A 21 7.34 3.19 10.14
N LEU A 22 8.28 3.38 9.21
CA LEU A 22 9.56 4.05 9.47
C LEU A 22 9.31 5.55 9.67
N GLU A 23 8.50 6.15 8.76
CA GLU A 23 8.16 7.58 8.80
C GLU A 23 6.76 7.83 8.19
N THR A 24 5.98 8.67 8.88
CA THR A 24 4.69 9.20 8.40
C THR A 24 4.93 10.42 7.50
N LEU A 25 4.12 10.58 6.44
CA LEU A 25 4.18 11.76 5.55
C LEU A 25 2.76 12.38 5.46
N PRO A 26 2.61 13.75 5.61
CA PRO A 26 1.29 14.46 5.59
C PRO A 26 0.49 14.26 4.27
N ASN A 27 1.16 13.76 3.23
CA ASN A 27 0.57 13.47 1.91
C ASN A 27 -0.14 12.07 1.90
N ALA A 28 -0.68 11.64 3.09
CA ALA A 28 -1.35 10.32 3.30
C ALA A 28 -0.42 9.12 3.08
N THR A 29 0.86 9.41 2.84
CA THR A 29 1.87 8.45 2.46
C THR A 29 2.68 8.06 3.70
N PHE A 30 3.19 6.84 3.73
CA PHE A 30 4.03 6.34 4.82
C PHE A 30 5.25 5.65 4.22
N LYS A 31 6.43 6.05 4.68
CA LYS A 31 7.66 5.26 4.48
C LYS A 31 7.56 4.05 5.41
N VAL A 32 7.13 2.93 4.81
CA VAL A 32 6.94 1.65 5.53
C VAL A 32 8.14 0.78 5.20
N LYS A 33 8.88 0.44 6.22
CA LYS A 33 10.03 -0.45 6.12
C LYS A 33 9.57 -1.87 6.42
N LEU A 34 9.45 -2.65 5.35
CA LEU A 34 9.13 -4.08 5.42
C LEU A 34 10.23 -4.84 6.19
N GLU A 35 9.87 -6.00 6.74
CA GLU A 35 10.76 -6.81 7.62
C GLU A 35 12.01 -7.36 6.86
N ASN A 36 12.02 -7.22 5.53
CA ASN A 36 13.16 -7.61 4.66
C ASN A 36 14.06 -6.40 4.34
N ASP A 37 13.87 -5.31 5.14
CA ASP A 37 14.66 -4.03 5.07
C ASP A 37 14.32 -3.17 3.83
N HIS A 38 13.34 -3.61 3.04
CA HIS A 38 12.85 -2.85 1.86
C HIS A 38 11.92 -1.73 2.34
N ILE A 39 12.22 -0.47 1.97
CA ILE A 39 11.34 0.66 2.30
C ILE A 39 10.50 0.99 1.07
N VAL A 40 9.18 0.87 1.22
CA VAL A 40 8.22 1.22 0.16
C VAL A 40 7.21 2.22 0.76
N LEU A 41 6.76 3.15 -0.08
CA LEU A 41 5.86 4.22 0.34
C LEU A 41 4.40 3.76 0.20
N GLY A 42 3.79 3.37 1.35
CA GLY A 42 2.41 2.94 1.43
C GLY A 42 1.49 4.12 1.68
N HIS A 43 0.60 4.42 0.74
CA HIS A 43 -0.34 5.56 0.84
C HIS A 43 -1.75 5.07 1.11
N ILE A 44 -2.54 5.83 1.88
CA ILE A 44 -3.96 5.54 2.10
C ILE A 44 -4.82 6.23 1.03
N SER A 45 -5.64 5.44 0.32
CA SER A 45 -6.64 5.95 -0.63
C SER A 45 -7.87 6.44 0.14
N GLY A 46 -8.69 7.32 -0.50
CA GLY A 46 -9.89 7.89 0.14
C GLY A 46 -9.60 9.22 0.84
N LYS A 47 -10.45 10.23 0.59
CA LYS A 47 -10.21 11.64 1.01
C LYS A 47 -10.18 11.81 2.55
N MET A 48 -11.13 11.15 3.24
CA MET A 48 -11.28 11.28 4.72
C MET A 48 -10.05 10.69 5.45
N ARG A 49 -9.63 9.51 4.97
CA ARG A 49 -8.48 8.77 5.51
C ARG A 49 -7.15 9.37 5.01
N MET A 50 -7.22 10.25 3.98
CA MET A 50 -6.06 11.02 3.48
C MET A 50 -5.72 12.15 4.45
N HIS A 51 -6.74 12.94 4.80
CA HIS A 51 -6.60 14.10 5.69
C HIS A 51 -6.38 13.67 7.14
N TYR A 52 -7.09 12.60 7.56
CA TYR A 52 -6.93 12.03 8.90
C TYR A 52 -6.32 10.63 8.79
N ILE A 53 -4.99 10.56 8.97
CA ILE A 53 -4.23 9.29 8.99
C ILE A 53 -3.99 8.87 10.46
N ARG A 54 -4.74 7.85 10.93
CA ARG A 54 -4.67 7.38 12.34
C ARG A 54 -3.50 6.40 12.58
N ILE A 55 -2.55 6.35 11.64
CA ILE A 55 -1.36 5.49 11.71
C ILE A 55 -0.12 6.34 12.07
N SER A 56 0.64 5.89 13.07
CA SER A 56 1.81 6.60 13.63
C SER A 56 3.12 5.82 13.30
N PRO A 57 4.35 6.46 13.43
CA PRO A 57 5.63 5.75 13.26
C PRO A 57 5.83 4.71 14.36
N GLY A 58 6.01 3.44 13.95
CA GLY A 58 6.11 2.32 14.88
C GLY A 58 4.95 1.34 14.75
N ASP A 59 3.89 1.75 14.02
CA ASP A 59 2.76 0.84 13.71
C ASP A 59 3.17 -0.18 12.66
N LYS A 60 3.11 -1.46 13.02
CA LYS A 60 3.37 -2.56 12.07
C LYS A 60 2.10 -2.79 11.23
N VAL A 61 2.21 -2.60 9.91
CA VAL A 61 1.06 -2.55 8.99
C VAL A 61 1.35 -3.36 7.71
N THR A 62 0.28 -3.81 7.05
CA THR A 62 0.37 -4.47 5.74
C THR A 62 0.06 -3.43 4.64
N VAL A 63 0.79 -3.52 3.52
CA VAL A 63 0.58 -2.68 2.31
C VAL A 63 0.65 -3.59 1.06
N GLU A 64 0.41 -3.03 -0.15
CA GLU A 64 0.27 -3.83 -1.38
C GLU A 64 0.87 -3.08 -2.60
N LEU A 65 1.84 -3.72 -3.28
CA LEU A 65 2.63 -3.14 -4.36
C LEU A 65 2.08 -3.62 -5.72
N THR A 66 1.45 -2.71 -6.49
CA THR A 66 1.00 -3.01 -7.85
C THR A 66 2.23 -3.41 -8.73
N PRO A 67 2.13 -4.45 -9.62
CA PRO A 67 3.27 -4.89 -10.48
C PRO A 67 3.83 -3.76 -11.37
N TYR A 68 2.97 -2.79 -11.71
CA TYR A 68 3.32 -1.60 -12.50
C TYR A 68 3.84 -0.46 -11.60
N ASP A 69 3.31 -0.41 -10.36
CA ASP A 69 3.60 0.65 -9.38
C ASP A 69 4.45 0.07 -8.23
N LEU A 70 5.43 -0.78 -8.60
CA LEU A 70 6.22 -1.60 -7.63
C LEU A 70 7.06 -0.72 -6.66
N THR A 71 7.49 0.47 -7.13
CA THR A 71 8.25 1.45 -6.31
C THR A 71 7.36 2.16 -5.25
N ARG A 72 6.07 1.82 -5.27
CA ARG A 72 5.04 2.44 -4.43
C ARG A 72 4.09 1.35 -3.91
N ALA A 73 3.36 1.64 -2.84
CA ALA A 73 2.40 0.70 -2.24
C ALA A 73 1.14 1.43 -1.80
N ARG A 74 0.08 0.65 -1.62
CA ARG A 74 -1.22 1.12 -1.11
C ARG A 74 -1.48 0.39 0.19
N ILE A 75 -2.05 1.10 1.15
CA ILE A 75 -2.34 0.57 2.48
C ILE A 75 -3.28 -0.66 2.39
N VAL A 76 -3.03 -1.66 3.23
CA VAL A 76 -3.93 -2.81 3.36
C VAL A 76 -4.48 -2.85 4.78
N PHE A 77 -5.66 -2.24 4.95
CA PHE A 77 -6.46 -2.41 6.14
C PHE A 77 -7.30 -3.69 5.96
N ARG A 78 -6.75 -4.80 6.46
CA ARG A 78 -7.32 -6.14 6.23
C ARG A 78 -8.54 -6.40 7.14
N ALA A 79 -9.49 -7.17 6.62
CA ALA A 79 -10.73 -7.53 7.34
C ALA A 79 -10.65 -8.97 7.86
N ARG A 80 -11.30 -9.21 9.01
CA ARG A 80 -11.38 -10.55 9.64
C ARG A 80 -12.37 -11.46 8.86
N MET A 1 17.23 -9.62 -31.74
CA MET A 1 15.89 -9.20 -31.24
C MET A 1 16.05 -7.96 -30.36
N ALA A 2 15.24 -6.92 -30.64
CA ALA A 2 15.29 -5.62 -29.96
C ALA A 2 14.62 -5.69 -28.58
N HIS A 3 14.75 -4.59 -27.80
CA HIS A 3 14.15 -4.50 -26.46
C HIS A 3 12.63 -4.27 -26.58
N HIS A 4 11.89 -5.39 -26.67
CA HIS A 4 10.42 -5.39 -26.89
C HIS A 4 9.67 -4.83 -25.67
N HIS A 5 8.40 -4.48 -25.90
CA HIS A 5 7.51 -3.90 -24.89
C HIS A 5 7.03 -4.95 -23.87
N HIS A 6 6.76 -4.48 -22.65
CA HIS A 6 6.32 -5.31 -21.52
C HIS A 6 4.78 -5.48 -21.57
N HIS A 7 4.34 -6.74 -21.71
CA HIS A 7 2.91 -7.11 -21.76
C HIS A 7 2.20 -6.73 -20.45
N HIS A 8 1.02 -6.09 -20.60
CA HIS A 8 0.25 -5.54 -19.48
C HIS A 8 -0.83 -6.53 -19.05
N MET A 9 -0.60 -7.22 -17.92
CA MET A 9 -1.56 -8.14 -17.34
C MET A 9 -2.56 -7.34 -16.48
N ALA A 10 -3.72 -7.03 -17.07
CA ALA A 10 -4.85 -6.40 -16.37
C ALA A 10 -5.35 -7.33 -15.25
N LYS A 11 -5.66 -6.75 -14.06
CA LYS A 11 -5.98 -7.53 -12.85
C LYS A 11 -4.74 -8.38 -12.46
N GLU A 12 -3.56 -7.72 -12.50
CA GLU A 12 -2.30 -8.34 -12.07
C GLU A 12 -2.38 -8.70 -10.58
N ASP A 13 -1.97 -9.94 -10.25
CA ASP A 13 -2.01 -10.47 -8.89
C ASP A 13 -0.99 -9.71 -8.02
N THR A 14 -1.49 -8.60 -7.44
CA THR A 14 -0.70 -7.66 -6.64
C THR A 14 -0.15 -8.31 -5.36
N ILE A 15 0.73 -7.57 -4.69
CA ILE A 15 1.47 -8.10 -3.54
C ILE A 15 1.15 -7.29 -2.29
N GLN A 16 0.38 -7.91 -1.41
CA GLN A 16 0.06 -7.35 -0.10
C GLN A 16 1.16 -7.80 0.87
N MET A 17 1.85 -6.84 1.45
CA MET A 17 3.04 -7.09 2.27
C MET A 17 2.91 -6.24 3.54
N GLN A 18 3.23 -6.83 4.69
CA GLN A 18 3.04 -6.18 6.00
C GLN A 18 4.38 -5.78 6.59
N GLY A 19 4.52 -4.47 6.87
CA GLY A 19 5.68 -3.94 7.54
C GLY A 19 5.33 -3.06 8.71
N GLU A 20 6.18 -2.07 8.96
CA GLU A 20 6.04 -1.09 10.04
C GLU A 20 6.41 0.29 9.49
N ILE A 21 5.73 1.33 9.99
CA ILE A 21 5.94 2.70 9.53
C ILE A 21 7.32 3.19 9.98
N LEU A 22 8.23 3.32 9.01
CA LEU A 22 9.60 3.78 9.24
C LEU A 22 9.62 5.31 9.33
N GLU A 23 8.97 5.97 8.36
CA GLU A 23 8.99 7.45 8.28
C GLU A 23 7.61 7.99 7.89
N THR A 24 7.23 9.13 8.48
CA THR A 24 5.92 9.75 8.31
C THR A 24 6.01 11.04 7.48
N LEU A 25 5.39 11.03 6.30
CA LEU A 25 5.25 12.23 5.45
C LEU A 25 3.83 12.83 5.74
N PRO A 26 3.75 14.08 6.31
CA PRO A 26 2.45 14.72 6.68
C PRO A 26 1.38 14.78 5.56
N ASN A 27 1.84 14.74 4.29
CA ASN A 27 0.94 14.81 3.11
C ASN A 27 0.48 13.41 2.67
N ALA A 28 -0.28 12.74 3.56
CA ALA A 28 -1.01 11.48 3.25
C ALA A 28 -0.11 10.38 2.63
N THR A 29 1.13 10.28 3.14
CA THR A 29 2.11 9.30 2.65
C THR A 29 2.96 8.81 3.82
N PHE A 30 3.20 7.50 3.92
CA PHE A 30 3.97 6.89 5.00
C PHE A 30 4.96 5.86 4.42
N LYS A 31 6.24 6.09 4.67
CA LYS A 31 7.33 5.21 4.25
C LYS A 31 7.37 3.99 5.17
N VAL A 32 7.03 2.82 4.62
CA VAL A 32 6.89 1.57 5.38
C VAL A 32 8.13 0.69 5.14
N LYS A 33 8.73 0.27 6.22
CA LYS A 33 9.81 -0.71 6.25
C LYS A 33 9.19 -2.08 6.51
N LEU A 34 9.10 -2.88 5.45
CA LEU A 34 8.58 -4.26 5.51
C LEU A 34 9.46 -5.14 6.41
N GLU A 35 8.89 -6.27 6.88
CA GLU A 35 9.54 -7.19 7.84
C GLU A 35 10.85 -7.80 7.30
N ASN A 36 10.97 -7.85 5.96
CA ASN A 36 12.18 -8.31 5.28
C ASN A 36 13.13 -7.14 5.00
N ASP A 37 13.08 -6.09 5.86
CA ASP A 37 14.04 -4.97 5.89
C ASP A 37 13.96 -4.08 4.63
N HIS A 38 12.98 -4.36 3.77
CA HIS A 38 12.82 -3.69 2.49
C HIS A 38 11.96 -2.45 2.70
N ILE A 39 12.47 -1.29 2.30
CA ILE A 39 11.76 -0.02 2.45
C ILE A 39 10.99 0.26 1.16
N VAL A 40 9.65 0.41 1.28
CA VAL A 40 8.77 0.85 0.19
C VAL A 40 7.91 2.01 0.72
N LEU A 41 7.60 2.97 -0.16
CA LEU A 41 6.81 4.14 0.21
C LEU A 41 5.31 3.84 0.03
N GLY A 42 4.56 3.75 1.14
CA GLY A 42 3.12 3.50 1.08
C GLY A 42 2.35 4.81 1.01
N HIS A 43 1.35 4.92 0.14
CA HIS A 43 0.57 6.17 -0.02
C HIS A 43 -0.89 5.94 0.40
N ILE A 44 -1.45 6.90 1.15
CA ILE A 44 -2.85 6.88 1.59
C ILE A 44 -3.74 7.41 0.46
N SER A 45 -4.60 6.54 -0.09
CA SER A 45 -5.45 6.85 -1.25
C SER A 45 -6.92 7.04 -0.83
N GLY A 46 -7.59 8.06 -1.39
CA GLY A 46 -9.04 8.27 -1.23
C GLY A 46 -9.46 8.81 0.13
N LYS A 47 -10.66 8.38 0.60
CA LYS A 47 -11.25 8.79 1.89
C LYS A 47 -10.53 8.17 3.10
N MET A 48 -9.55 7.28 2.84
CA MET A 48 -8.69 6.70 3.90
C MET A 48 -7.93 7.82 4.64
N ARG A 49 -7.61 8.90 3.89
CA ARG A 49 -6.93 10.11 4.42
C ARG A 49 -7.73 10.76 5.57
N MET A 50 -9.06 10.76 5.41
CA MET A 50 -10.00 11.33 6.39
C MET A 50 -10.30 10.30 7.49
N HIS A 51 -10.57 9.06 7.06
CA HIS A 51 -11.11 8.00 7.94
C HIS A 51 -10.07 7.55 8.97
N TYR A 52 -8.79 7.46 8.54
CA TYR A 52 -7.70 7.08 9.44
C TYR A 52 -7.00 8.31 10.03
N ILE A 53 -6.18 8.06 11.06
CA ILE A 53 -5.52 9.11 11.84
C ILE A 53 -4.13 9.43 11.27
N ARG A 54 -3.45 10.40 11.90
CA ARG A 54 -2.05 10.71 11.62
C ARG A 54 -1.20 9.52 12.12
N ILE A 55 -0.88 8.60 11.21
CA ILE A 55 -0.11 7.39 11.52
C ILE A 55 1.31 7.78 11.97
N SER A 56 1.79 7.09 13.01
CA SER A 56 3.04 7.42 13.71
C SER A 56 4.12 6.34 13.43
N PRO A 57 5.46 6.69 13.48
CA PRO A 57 6.53 5.70 13.22
C PRO A 57 6.61 4.65 14.36
N GLY A 58 6.55 3.36 13.99
CA GLY A 58 6.51 2.26 14.97
C GLY A 58 5.20 1.48 14.94
N ASP A 59 4.22 1.95 14.14
CA ASP A 59 2.95 1.23 13.92
C ASP A 59 3.09 0.20 12.79
N LYS A 60 2.77 -1.08 13.06
CA LYS A 60 2.76 -2.13 12.01
C LYS A 60 1.52 -1.99 11.13
N VAL A 61 1.74 -2.01 9.81
CA VAL A 61 0.69 -1.83 8.82
C VAL A 61 0.98 -2.69 7.58
N THR A 62 -0.06 -2.94 6.76
CA THR A 62 0.08 -3.65 5.49
C THR A 62 -0.11 -2.65 4.34
N VAL A 63 0.50 -2.94 3.18
CA VAL A 63 0.33 -2.17 1.94
C VAL A 63 0.16 -3.16 0.76
N GLU A 64 -0.19 -2.61 -0.42
CA GLU A 64 -0.45 -3.39 -1.64
C GLU A 64 0.45 -2.85 -2.76
N LEU A 65 1.19 -3.75 -3.39
CA LEU A 65 2.26 -3.41 -4.33
C LEU A 65 2.09 -4.29 -5.57
N THR A 66 1.58 -3.70 -6.67
CA THR A 66 1.41 -4.43 -7.92
C THR A 66 2.78 -4.50 -8.62
N PRO A 67 3.04 -5.52 -9.49
CA PRO A 67 4.32 -5.58 -10.25
C PRO A 67 4.50 -4.40 -11.24
N TYR A 68 3.49 -3.50 -11.34
CA TYR A 68 3.56 -2.27 -12.14
C TYR A 68 3.72 -1.02 -11.23
N ASP A 69 3.15 -1.07 -10.01
CA ASP A 69 3.20 0.05 -9.02
C ASP A 69 4.43 -0.09 -8.11
N LEU A 70 5.44 -0.86 -8.55
CA LEU A 70 6.65 -1.18 -7.76
C LEU A 70 7.44 0.06 -7.27
N THR A 71 7.20 1.24 -7.90
CA THR A 71 7.80 2.53 -7.46
C THR A 71 7.37 2.88 -6.02
N ARG A 72 6.06 2.73 -5.72
CA ARG A 72 5.48 3.07 -4.42
C ARG A 72 4.12 2.35 -4.26
N ALA A 73 3.85 1.88 -3.04
CA ALA A 73 2.67 1.04 -2.75
C ALA A 73 1.48 1.87 -2.26
N ARG A 74 0.33 1.20 -2.08
CA ARG A 74 -0.91 1.82 -1.58
C ARG A 74 -1.25 1.22 -0.22
N ILE A 75 -1.74 2.04 0.71
CA ILE A 75 -2.07 1.61 2.08
C ILE A 75 -3.15 0.49 2.09
N VAL A 76 -2.95 -0.52 2.96
CA VAL A 76 -3.93 -1.58 3.22
C VAL A 76 -4.22 -1.65 4.73
N PHE A 77 -5.36 -1.10 5.13
CA PHE A 77 -5.94 -1.32 6.44
C PHE A 77 -7.45 -1.49 6.23
N ARG A 78 -8.04 -2.48 6.90
CA ARG A 78 -9.46 -2.79 6.77
C ARG A 78 -10.12 -2.68 8.14
N ALA A 79 -11.26 -1.97 8.20
CA ALA A 79 -12.03 -1.77 9.44
C ALA A 79 -12.58 -3.11 9.97
N ARG A 80 -12.18 -3.49 11.20
CA ARG A 80 -12.63 -4.72 11.83
C ARG A 80 -13.96 -4.46 12.61
N MET A 1 -0.59 -18.07 -28.66
CA MET A 1 -0.17 -17.57 -27.33
C MET A 1 0.16 -16.07 -27.40
N ALA A 2 -0.21 -15.35 -26.33
CA ALA A 2 0.00 -13.89 -26.20
C ALA A 2 -0.15 -13.52 -24.72
N HIS A 3 0.98 -13.53 -24.00
CA HIS A 3 1.04 -13.33 -22.55
C HIS A 3 0.65 -11.90 -22.16
N HIS A 4 -0.67 -11.71 -21.89
CA HIS A 4 -1.28 -10.41 -21.54
C HIS A 4 -0.99 -9.36 -22.62
N HIS A 5 -0.85 -9.82 -23.89
CA HIS A 5 -0.51 -8.96 -25.04
C HIS A 5 -1.78 -8.22 -25.54
N HIS A 6 -2.18 -7.25 -24.72
CA HIS A 6 -3.30 -6.32 -24.93
C HIS A 6 -3.03 -5.10 -24.03
N HIS A 7 -4.03 -4.25 -23.81
CA HIS A 7 -3.97 -3.21 -22.77
C HIS A 7 -3.88 -3.92 -21.39
N HIS A 8 -3.04 -3.40 -20.47
CA HIS A 8 -2.89 -3.98 -19.12
C HIS A 8 -4.21 -3.84 -18.35
N MET A 9 -4.76 -5.00 -17.94
CA MET A 9 -6.11 -5.12 -17.36
C MET A 9 -6.21 -4.42 -16.01
N ALA A 10 -7.45 -4.19 -15.55
CA ALA A 10 -7.72 -3.61 -14.23
C ALA A 10 -7.65 -4.74 -13.18
N LYS A 11 -7.16 -4.38 -11.96
CA LYS A 11 -6.87 -5.35 -10.88
C LYS A 11 -5.72 -6.29 -11.29
N GLU A 12 -4.60 -5.67 -11.73
CA GLU A 12 -3.32 -6.38 -11.94
C GLU A 12 -2.85 -6.95 -10.59
N ASP A 13 -2.38 -8.21 -10.59
CA ASP A 13 -2.01 -8.99 -9.38
C ASP A 13 -1.10 -8.19 -8.43
N THR A 14 -1.75 -7.41 -7.57
CA THR A 14 -1.10 -6.56 -6.57
C THR A 14 -0.73 -7.42 -5.34
N ILE A 15 0.36 -7.06 -4.65
CA ILE A 15 0.92 -7.87 -3.53
C ILE A 15 0.68 -7.15 -2.21
N GLN A 16 -0.05 -7.80 -1.29
CA GLN A 16 -0.24 -7.28 0.06
C GLN A 16 0.95 -7.72 0.94
N MET A 17 1.68 -6.74 1.48
CA MET A 17 2.84 -6.98 2.35
C MET A 17 2.69 -6.11 3.60
N GLN A 18 3.01 -6.67 4.76
CA GLN A 18 2.84 -6.01 6.06
C GLN A 18 4.22 -5.65 6.64
N GLY A 19 4.52 -4.33 6.68
CA GLY A 19 5.80 -3.81 7.15
C GLY A 19 5.60 -2.67 8.14
N GLU A 20 6.65 -2.30 8.87
CA GLU A 20 6.56 -1.32 9.97
C GLU A 20 6.86 0.09 9.48
N ILE A 21 6.14 1.10 10.02
CA ILE A 21 6.29 2.50 9.61
C ILE A 21 7.67 3.03 10.03
N LEU A 22 8.50 3.30 9.00
CA LEU A 22 9.84 3.87 9.18
C LEU A 22 9.66 5.37 9.48
N GLU A 23 9.05 6.09 8.52
CA GLU A 23 8.97 7.56 8.59
C GLU A 23 7.55 8.04 8.29
N THR A 24 7.06 8.95 9.13
CA THR A 24 5.78 9.60 9.01
C THR A 24 5.92 10.86 8.15
N LEU A 25 5.20 10.90 7.04
CA LEU A 25 5.22 12.01 6.08
C LEU A 25 3.77 12.54 5.94
N PRO A 26 3.51 13.88 6.09
CA PRO A 26 2.14 14.48 5.99
C PRO A 26 1.69 14.71 4.51
N ASN A 27 2.36 14.05 3.56
CA ASN A 27 2.05 14.14 2.11
C ASN A 27 0.98 13.11 1.70
N ALA A 28 0.16 12.65 2.69
CA ALA A 28 -0.83 11.56 2.50
C ALA A 28 -0.13 10.26 2.02
N THR A 29 1.11 10.07 2.50
CA THR A 29 1.97 8.93 2.16
C THR A 29 2.91 8.69 3.35
N PHE A 30 3.12 7.43 3.74
CA PHE A 30 4.02 7.06 4.84
C PHE A 30 5.12 6.13 4.32
N LYS A 31 6.35 6.35 4.78
CA LYS A 31 7.50 5.50 4.43
C LYS A 31 7.44 4.23 5.29
N VAL A 32 7.02 3.12 4.65
CA VAL A 32 6.85 1.81 5.31
C VAL A 32 8.09 0.94 5.00
N LYS A 33 8.67 0.41 6.05
CA LYS A 33 9.85 -0.45 6.03
C LYS A 33 9.37 -1.91 6.19
N LEU A 34 9.37 -2.65 5.07
CA LEU A 34 8.97 -4.06 5.04
C LEU A 34 9.98 -4.90 5.85
N GLU A 35 9.52 -6.07 6.34
CA GLU A 35 10.34 -6.97 7.19
C GLU A 35 11.54 -7.54 6.42
N ASN A 36 11.38 -7.59 5.10
CA ASN A 36 12.42 -8.02 4.14
C ASN A 36 13.39 -6.85 3.79
N ASP A 37 13.27 -5.73 4.54
CA ASP A 37 14.12 -4.50 4.39
C ASP A 37 13.83 -3.73 3.08
N HIS A 38 12.72 -4.06 2.39
CA HIS A 38 12.24 -3.28 1.24
C HIS A 38 11.56 -2.00 1.76
N ILE A 39 12.19 -0.84 1.53
CA ILE A 39 11.59 0.46 1.87
C ILE A 39 10.65 0.87 0.73
N VAL A 40 9.36 1.02 1.04
CA VAL A 40 8.29 1.25 0.07
C VAL A 40 7.37 2.38 0.60
N LEU A 41 6.82 3.20 -0.31
CA LEU A 41 5.99 4.35 0.06
C LEU A 41 4.51 3.94 0.07
N GLY A 42 3.96 3.72 1.27
CA GLY A 42 2.56 3.31 1.46
C GLY A 42 1.65 4.52 1.53
N HIS A 43 0.97 4.82 0.40
CA HIS A 43 0.19 6.05 0.23
C HIS A 43 -1.26 5.82 0.61
N ILE A 44 -1.88 6.86 1.14
CA ILE A 44 -3.25 6.83 1.61
C ILE A 44 -4.19 7.23 0.48
N SER A 45 -5.01 6.28 0.05
CA SER A 45 -5.94 6.43 -1.08
C SER A 45 -7.30 5.86 -0.64
N GLY A 46 -8.22 6.75 -0.25
CA GLY A 46 -9.57 6.36 0.16
C GLY A 46 -10.09 7.21 1.32
N LYS A 47 -11.03 6.63 2.09
CA LYS A 47 -11.72 7.31 3.22
C LYS A 47 -10.75 7.72 4.34
N MET A 48 -9.67 6.94 4.53
CA MET A 48 -8.62 7.24 5.53
C MET A 48 -7.96 8.61 5.24
N ARG A 49 -7.84 8.96 3.94
CA ARG A 49 -7.24 10.25 3.52
C ARG A 49 -8.19 11.41 3.82
N MET A 50 -9.51 11.17 3.71
CA MET A 50 -10.55 12.15 4.10
C MET A 50 -10.44 12.46 5.61
N HIS A 51 -10.12 11.42 6.40
CA HIS A 51 -9.94 11.55 7.86
C HIS A 51 -8.50 11.97 8.23
N TYR A 52 -7.54 11.80 7.27
CA TYR A 52 -6.11 12.22 7.40
C TYR A 52 -5.39 11.45 8.52
N ILE A 53 -5.90 10.23 8.80
CA ILE A 53 -5.39 9.34 9.87
C ILE A 53 -3.86 9.15 9.76
N ARG A 54 -3.15 9.81 10.70
CA ARG A 54 -1.69 9.79 10.76
C ARG A 54 -1.22 8.49 11.42
N ILE A 55 -0.72 7.56 10.60
CA ILE A 55 -0.13 6.31 11.08
C ILE A 55 1.25 6.61 11.69
N SER A 56 1.41 6.21 12.95
CA SER A 56 2.55 6.57 13.80
C SER A 56 3.75 5.63 13.56
N PRO A 57 5.02 6.09 13.83
CA PRO A 57 6.24 5.24 13.70
C PRO A 57 6.23 4.08 14.73
N GLY A 58 6.59 2.89 14.27
CA GLY A 58 6.60 1.70 15.13
C GLY A 58 5.34 0.87 15.00
N ASP A 59 4.34 1.37 14.26
CA ASP A 59 3.13 0.59 13.96
C ASP A 59 3.37 -0.22 12.70
N LYS A 60 3.15 -1.55 12.76
CA LYS A 60 3.29 -2.41 11.59
C LYS A 60 1.95 -2.45 10.84
N VAL A 61 1.99 -1.96 9.60
CA VAL A 61 0.81 -1.77 8.76
C VAL A 61 0.94 -2.63 7.49
N THR A 62 -0.21 -2.98 6.90
CA THR A 62 -0.28 -3.71 5.64
C THR A 62 -0.49 -2.71 4.49
N VAL A 63 0.22 -2.89 3.38
CA VAL A 63 0.07 -2.10 2.14
C VAL A 63 0.02 -3.08 0.93
N GLU A 64 -0.19 -2.55 -0.28
CA GLU A 64 -0.46 -3.38 -1.47
C GLU A 64 0.25 -2.76 -2.71
N LEU A 65 1.29 -3.44 -3.22
CA LEU A 65 2.15 -2.96 -4.32
C LEU A 65 2.20 -4.00 -5.45
N THR A 66 1.90 -3.56 -6.69
CA THR A 66 2.02 -4.38 -7.92
C THR A 66 3.53 -4.68 -8.21
N PRO A 67 3.85 -5.77 -8.97
CA PRO A 67 5.27 -6.11 -9.28
C PRO A 67 5.99 -4.98 -10.08
N TYR A 68 5.23 -4.20 -10.87
CA TYR A 68 5.78 -3.02 -11.59
C TYR A 68 5.93 -1.82 -10.64
N ASP A 69 5.03 -1.71 -9.66
CA ASP A 69 4.99 -0.58 -8.73
C ASP A 69 5.53 -1.02 -7.38
N LEU A 70 6.73 -1.61 -7.41
CA LEU A 70 7.51 -1.94 -6.20
C LEU A 70 7.97 -0.66 -5.45
N THR A 71 8.11 0.43 -6.22
CA THR A 71 8.57 1.75 -5.74
C THR A 71 7.56 2.41 -4.78
N ARG A 72 6.27 2.08 -4.96
CA ARG A 72 5.15 2.67 -4.21
C ARG A 72 4.23 1.54 -3.75
N ALA A 73 3.21 1.88 -2.96
CA ALA A 73 2.19 0.92 -2.50
C ALA A 73 0.96 1.67 -2.04
N ARG A 74 -0.18 0.99 -1.97
CA ARG A 74 -1.45 1.59 -1.50
C ARG A 74 -1.71 1.02 -0.11
N ILE A 75 -2.19 1.85 0.81
CA ILE A 75 -2.52 1.43 2.15
C ILE A 75 -3.61 0.31 2.16
N VAL A 76 -3.43 -0.70 3.03
CA VAL A 76 -4.43 -1.75 3.24
C VAL A 76 -5.01 -1.64 4.65
N PHE A 77 -6.03 -0.79 4.75
CA PHE A 77 -6.88 -0.65 5.93
C PHE A 77 -8.14 0.09 5.47
N ARG A 78 -9.21 -0.68 5.23
CA ARG A 78 -10.47 -0.16 4.68
C ARG A 78 -11.27 0.51 5.81
N ALA A 79 -11.07 1.83 5.95
CA ALA A 79 -11.74 2.67 6.96
C ALA A 79 -13.27 2.70 6.72
N ARG A 80 -14.02 1.98 7.57
CA ARG A 80 -15.48 1.89 7.50
C ARG A 80 -16.11 2.96 8.40
N MET A 1 -17.25 -32.33 -21.83
CA MET A 1 -16.40 -31.88 -20.70
C MET A 1 -17.22 -31.05 -19.71
N ALA A 2 -16.84 -31.12 -18.42
CA ALA A 2 -17.46 -30.36 -17.33
C ALA A 2 -16.71 -29.03 -17.11
N HIS A 3 -17.38 -28.12 -16.38
CA HIS A 3 -16.88 -26.76 -16.10
C HIS A 3 -17.41 -26.26 -14.75
N HIS A 4 -16.58 -25.49 -14.04
CA HIS A 4 -16.91 -24.91 -12.72
C HIS A 4 -16.46 -23.45 -12.65
N HIS A 5 -15.15 -23.24 -12.46
CA HIS A 5 -14.53 -21.92 -12.39
C HIS A 5 -13.96 -21.57 -13.76
N HIS A 6 -14.76 -20.85 -14.55
CA HIS A 6 -14.33 -20.27 -15.83
C HIS A 6 -13.44 -19.05 -15.54
N HIS A 7 -13.70 -18.40 -14.39
CA HIS A 7 -12.85 -17.34 -13.80
C HIS A 7 -11.87 -17.97 -12.79
N HIS A 8 -11.09 -17.10 -12.12
CA HIS A 8 -10.14 -17.48 -11.07
C HIS A 8 -9.82 -16.25 -10.19
N MET A 9 -10.61 -16.06 -9.11
CA MET A 9 -10.48 -14.90 -8.20
C MET A 9 -9.18 -15.01 -7.37
N ALA A 10 -8.18 -14.19 -7.73
CA ALA A 10 -6.88 -14.12 -7.00
C ALA A 10 -6.16 -12.81 -7.32
N LYS A 11 -5.00 -12.59 -6.66
CA LYS A 11 -4.15 -11.42 -6.89
C LYS A 11 -3.31 -11.58 -8.17
N GLU A 12 -3.26 -10.53 -8.99
CA GLU A 12 -2.44 -10.49 -10.22
C GLU A 12 -1.41 -9.34 -10.12
N ASP A 13 -1.90 -8.10 -10.27
CA ASP A 13 -1.05 -6.89 -10.27
C ASP A 13 -1.06 -6.20 -8.90
N THR A 14 -1.32 -6.98 -7.85
CA THR A 14 -1.36 -6.51 -6.47
C THR A 14 -0.71 -7.56 -5.55
N ILE A 15 0.18 -7.10 -4.65
CA ILE A 15 0.94 -7.98 -3.71
C ILE A 15 0.94 -7.29 -2.33
N GLN A 16 0.18 -7.84 -1.38
CA GLN A 16 0.05 -7.24 -0.05
C GLN A 16 1.23 -7.68 0.84
N MET A 17 2.00 -6.68 1.28
CA MET A 17 3.15 -6.84 2.17
C MET A 17 2.85 -6.08 3.47
N GLN A 18 2.97 -6.77 4.61
CA GLN A 18 2.67 -6.21 5.92
C GLN A 18 3.99 -5.86 6.60
N GLY A 19 4.30 -4.54 6.67
CA GLY A 19 5.53 -4.03 7.28
C GLY A 19 5.26 -3.17 8.50
N GLU A 20 6.16 -2.23 8.77
CA GLU A 20 6.02 -1.26 9.86
C GLU A 20 6.44 0.12 9.36
N ILE A 21 5.73 1.17 9.82
CA ILE A 21 5.99 2.55 9.41
C ILE A 21 7.34 3.01 9.98
N LEU A 22 8.30 3.22 9.08
CA LEU A 22 9.62 3.74 9.44
C LEU A 22 9.52 5.24 9.73
N GLU A 23 8.82 5.96 8.83
CA GLU A 23 8.78 7.42 8.86
C GLU A 23 7.52 7.93 8.12
N THR A 24 7.00 9.07 8.58
CA THR A 24 5.89 9.77 7.95
C THR A 24 6.40 10.63 6.78
N LEU A 25 5.65 10.63 5.67
CA LEU A 25 5.94 11.45 4.46
C LEU A 25 4.76 12.39 4.17
N PRO A 26 4.94 13.43 3.29
CA PRO A 26 3.79 14.17 2.70
C PRO A 26 3.12 13.35 1.58
N ASN A 27 2.26 14.03 0.79
CA ASN A 27 1.65 13.46 -0.44
C ASN A 27 0.73 12.26 -0.14
N ALA A 28 0.21 12.20 1.12
CA ALA A 28 -0.65 11.10 1.61
C ALA A 28 0.08 9.75 1.48
N THR A 29 1.37 9.74 1.83
CA THR A 29 2.25 8.56 1.69
C THR A 29 3.08 8.40 2.98
N PHE A 30 3.51 7.15 3.29
CA PHE A 30 4.36 6.83 4.45
C PHE A 30 5.51 5.94 4.02
N LYS A 31 6.68 6.17 4.62
CA LYS A 31 7.86 5.33 4.41
C LYS A 31 7.78 4.12 5.34
N VAL A 32 7.56 2.96 4.74
CA VAL A 32 7.44 1.66 5.43
C VAL A 32 8.73 0.85 5.23
N LYS A 33 9.19 0.22 6.30
CA LYS A 33 10.29 -0.76 6.26
C LYS A 33 9.71 -2.15 6.60
N LEU A 34 10.15 -3.15 5.85
CA LEU A 34 9.71 -4.54 5.99
C LEU A 34 10.65 -5.33 6.90
N GLU A 35 10.23 -6.58 7.18
CA GLU A 35 11.02 -7.61 7.89
C GLU A 35 12.31 -7.95 7.11
N ASN A 36 12.26 -7.72 5.79
CA ASN A 36 13.36 -7.97 4.84
C ASN A 36 14.27 -6.72 4.73
N ASP A 37 14.04 -5.72 5.63
CA ASP A 37 14.78 -4.41 5.66
C ASP A 37 14.47 -3.56 4.39
N HIS A 38 13.45 -3.98 3.63
CA HIS A 38 13.09 -3.39 2.33
C HIS A 38 12.15 -2.20 2.54
N ILE A 39 12.39 -1.11 1.80
CA ILE A 39 11.59 0.10 1.89
C ILE A 39 10.50 0.11 0.80
N VAL A 40 9.24 0.16 1.25
CA VAL A 40 8.07 0.35 0.38
C VAL A 40 7.35 1.62 0.87
N LEU A 41 6.76 2.38 -0.05
CA LEU A 41 6.13 3.68 0.31
C LEU A 41 4.59 3.52 0.26
N GLY A 42 3.97 3.37 1.45
CA GLY A 42 2.54 3.07 1.56
C GLY A 42 1.68 4.33 1.42
N HIS A 43 0.93 4.44 0.31
CA HIS A 43 0.13 5.62 -0.02
C HIS A 43 -1.34 5.41 0.43
N ILE A 44 -1.82 6.33 1.30
CA ILE A 44 -3.21 6.37 1.79
C ILE A 44 -4.24 6.54 0.65
N SER A 45 -5.32 5.77 0.79
CA SER A 45 -6.48 5.75 -0.10
C SER A 45 -7.72 5.69 0.80
N GLY A 46 -8.86 6.24 0.33
CA GLY A 46 -10.06 6.38 1.14
C GLY A 46 -10.02 7.63 2.00
N LYS A 47 -10.96 8.56 1.75
CA LYS A 47 -11.03 9.87 2.43
C LYS A 47 -11.31 9.73 3.94
N MET A 48 -11.81 8.53 4.38
CA MET A 48 -11.99 8.19 5.81
C MET A 48 -10.66 8.33 6.57
N ARG A 49 -9.59 7.76 5.98
CA ARG A 49 -8.24 7.76 6.58
C ARG A 49 -7.55 9.13 6.46
N MET A 50 -8.11 10.02 5.62
CA MET A 50 -7.68 11.43 5.52
C MET A 50 -8.36 12.26 6.63
N HIS A 51 -9.57 11.83 7.04
CA HIS A 51 -10.33 12.45 8.15
C HIS A 51 -9.82 11.93 9.51
N TYR A 52 -9.32 10.68 9.51
CA TYR A 52 -8.61 10.10 10.67
C TYR A 52 -7.18 10.61 10.71
N ILE A 53 -6.48 10.31 11.82
CA ILE A 53 -5.09 10.72 12.00
C ILE A 53 -4.17 9.90 11.09
N ARG A 54 -3.01 10.48 10.79
CA ARG A 54 -1.97 9.85 9.99
C ARG A 54 -1.30 8.71 10.79
N ILE A 55 -0.86 7.67 10.08
CA ILE A 55 -0.27 6.47 10.67
C ILE A 55 1.17 6.78 11.15
N SER A 56 1.35 6.78 12.48
CA SER A 56 2.58 7.24 13.13
C SER A 56 3.69 6.13 13.08
N PRO A 57 5.01 6.53 13.04
CA PRO A 57 6.13 5.56 12.95
C PRO A 57 6.14 4.56 14.12
N GLY A 58 6.18 3.26 13.80
CA GLY A 58 6.11 2.20 14.80
C GLY A 58 4.84 1.37 14.66
N ASP A 59 3.84 1.88 13.91
CA ASP A 59 2.59 1.14 13.64
C ASP A 59 2.83 0.05 12.59
N LYS A 60 2.21 -1.11 12.80
CA LYS A 60 2.18 -2.19 11.81
C LYS A 60 1.18 -1.82 10.71
N VAL A 61 1.56 -2.05 9.45
CA VAL A 61 0.80 -1.62 8.29
C VAL A 61 0.84 -2.69 7.20
N THR A 62 -0.29 -2.89 6.54
CA THR A 62 -0.40 -3.76 5.37
C THR A 62 -0.62 -2.85 4.16
N VAL A 63 0.18 -3.01 3.09
CA VAL A 63 0.04 -2.22 1.85
C VAL A 63 0.06 -3.15 0.63
N GLU A 64 -0.73 -2.81 -0.38
CA GLU A 64 -0.89 -3.58 -1.62
C GLU A 64 -0.04 -2.93 -2.72
N LEU A 65 1.04 -3.62 -3.09
CA LEU A 65 2.07 -3.15 -4.02
C LEU A 65 1.91 -3.79 -5.41
N THR A 66 2.02 -2.96 -6.45
CA THR A 66 2.02 -3.45 -7.84
C THR A 66 3.43 -3.97 -8.20
N PRO A 67 3.54 -5.16 -8.89
CA PRO A 67 4.83 -5.72 -9.35
C PRO A 67 5.42 -4.91 -10.51
N TYR A 68 4.58 -4.05 -11.11
CA TYR A 68 4.97 -3.19 -12.24
C TYR A 68 5.75 -1.96 -11.75
N ASP A 69 5.45 -1.48 -10.53
CA ASP A 69 6.07 -0.28 -9.96
C ASP A 69 6.30 -0.46 -8.45
N LEU A 70 7.56 -0.35 -8.04
CA LEU A 70 7.98 -0.59 -6.65
C LEU A 70 8.30 0.74 -5.92
N THR A 71 8.14 1.89 -6.61
CA THR A 71 8.47 3.21 -6.03
C THR A 71 7.43 3.61 -4.96
N ARG A 72 6.17 3.16 -5.16
CA ARG A 72 5.09 3.34 -4.16
C ARG A 72 4.13 2.14 -4.21
N ALA A 73 3.51 1.87 -3.06
CA ALA A 73 2.37 0.95 -2.90
C ALA A 73 1.14 1.74 -2.45
N ARG A 74 0.03 1.03 -2.30
CA ARG A 74 -1.24 1.60 -1.79
C ARG A 74 -1.53 0.96 -0.44
N ILE A 75 -2.25 1.66 0.44
CA ILE A 75 -2.62 1.15 1.76
C ILE A 75 -3.69 0.03 1.61
N VAL A 76 -3.61 -1.01 2.45
CA VAL A 76 -4.71 -1.98 2.59
C VAL A 76 -5.59 -1.49 3.76
N PHE A 77 -6.48 -0.55 3.44
CA PHE A 77 -7.26 0.21 4.43
C PHE A 77 -8.67 -0.37 4.60
N ARG A 78 -9.23 -0.22 5.81
CA ARG A 78 -10.66 -0.44 6.09
C ARG A 78 -11.08 0.48 7.25
N ALA A 79 -12.40 0.58 7.46
CA ALA A 79 -12.98 1.30 8.59
C ALA A 79 -14.02 0.42 9.28
N ARG A 80 -14.40 0.84 10.49
CA ARG A 80 -15.51 0.27 11.27
C ARG A 80 -16.79 1.11 10.99
N MET A 1 -3.53 -31.71 -28.55
CA MET A 1 -4.48 -30.62 -28.87
C MET A 1 -5.81 -30.88 -28.14
N ALA A 2 -6.40 -29.80 -27.60
CA ALA A 2 -7.66 -29.87 -26.82
C ALA A 2 -8.54 -28.67 -27.18
N HIS A 3 -9.65 -28.91 -27.89
CA HIS A 3 -10.62 -27.85 -28.22
C HIS A 3 -11.45 -27.47 -26.97
N HIS A 4 -10.85 -26.64 -26.12
CA HIS A 4 -11.46 -26.19 -24.86
C HIS A 4 -10.93 -24.79 -24.54
N HIS A 5 -11.84 -23.81 -24.50
CA HIS A 5 -11.53 -22.45 -24.08
C HIS A 5 -11.32 -22.43 -22.55
N HIS A 6 -10.21 -21.83 -22.09
CA HIS A 6 -9.98 -21.60 -20.66
C HIS A 6 -10.68 -20.28 -20.26
N HIS A 7 -10.64 -19.30 -21.19
CA HIS A 7 -11.32 -18.00 -21.09
C HIS A 7 -10.93 -17.23 -19.80
N HIS A 8 -9.74 -16.60 -19.83
CA HIS A 8 -9.23 -15.73 -18.75
C HIS A 8 -7.83 -15.18 -19.11
N MET A 9 -7.59 -13.93 -18.70
CA MET A 9 -6.25 -13.31 -18.73
C MET A 9 -6.21 -12.15 -17.70
N ALA A 10 -5.23 -12.21 -16.77
CA ALA A 10 -5.02 -11.16 -15.77
C ALA A 10 -4.11 -10.05 -16.32
N LYS A 11 -4.33 -8.82 -15.86
CA LYS A 11 -3.56 -7.63 -16.32
C LYS A 11 -2.63 -7.14 -15.21
N GLU A 12 -3.09 -7.30 -13.96
CA GLU A 12 -2.39 -6.81 -12.77
C GLU A 12 -2.53 -7.84 -11.63
N ASP A 13 -1.60 -7.79 -10.67
CA ASP A 13 -1.64 -8.64 -9.49
C ASP A 13 -0.84 -7.98 -8.37
N THR A 14 -1.53 -7.18 -7.56
CA THR A 14 -0.94 -6.48 -6.42
C THR A 14 -0.64 -7.47 -5.29
N ILE A 15 0.57 -7.35 -4.72
CA ILE A 15 1.05 -8.23 -3.66
C ILE A 15 0.89 -7.50 -2.32
N GLN A 16 -0.05 -7.96 -1.48
CA GLN A 16 -0.30 -7.38 -0.17
C GLN A 16 0.70 -7.94 0.85
N MET A 17 1.47 -7.02 1.41
CA MET A 17 2.57 -7.27 2.33
C MET A 17 2.44 -6.30 3.48
N GLN A 18 2.62 -6.79 4.69
CA GLN A 18 2.48 -5.97 5.91
C GLN A 18 3.86 -5.54 6.39
N GLY A 19 4.14 -4.25 6.17
CA GLY A 19 5.37 -3.62 6.61
C GLY A 19 5.19 -2.93 7.93
N GLU A 20 6.05 -1.97 8.22
CA GLU A 20 5.99 -1.17 9.44
C GLU A 20 6.35 0.27 9.08
N ILE A 21 5.68 1.24 9.69
CA ILE A 21 5.87 2.66 9.35
C ILE A 21 7.27 3.11 9.81
N LEU A 22 8.08 3.53 8.83
CA LEU A 22 9.43 4.02 9.06
C LEU A 22 9.38 5.52 9.38
N GLU A 23 8.69 6.26 8.50
CA GLU A 23 8.62 7.73 8.59
C GLU A 23 7.24 8.21 8.14
N THR A 24 6.69 9.17 8.91
CA THR A 24 5.41 9.81 8.59
C THR A 24 5.67 10.99 7.65
N LEU A 25 4.90 11.08 6.56
CA LEU A 25 5.06 12.12 5.54
C LEU A 25 3.69 12.81 5.28
N PRO A 26 3.67 14.07 4.73
CA PRO A 26 2.42 14.72 4.25
C PRO A 26 1.91 14.10 2.93
N ASN A 27 1.00 14.83 2.23
CA ASN A 27 0.51 14.48 0.87
C ASN A 27 -0.35 13.19 0.89
N ALA A 28 -0.81 12.79 2.09
CA ALA A 28 -1.54 11.52 2.33
C ALA A 28 -0.69 10.33 1.85
N THR A 29 0.54 10.30 2.35
CA THR A 29 1.56 9.33 1.93
C THR A 29 2.51 9.08 3.10
N PHE A 30 2.94 7.82 3.30
CA PHE A 30 3.84 7.42 4.41
C PHE A 30 5.00 6.60 3.87
N LYS A 31 6.16 6.74 4.52
CA LYS A 31 7.35 5.95 4.21
C LYS A 31 7.28 4.66 5.03
N VAL A 32 6.90 3.55 4.36
CA VAL A 32 6.71 2.25 5.01
C VAL A 32 7.96 1.39 4.74
N LYS A 33 8.43 0.70 5.75
CA LYS A 33 9.57 -0.22 5.64
C LYS A 33 9.11 -1.62 6.05
N LEU A 34 9.09 -2.54 5.08
CA LEU A 34 8.91 -3.98 5.32
C LEU A 34 10.02 -4.47 6.26
N GLU A 35 9.65 -5.35 7.19
CA GLU A 35 10.59 -6.04 8.11
C GLU A 35 11.43 -7.08 7.34
N ASN A 36 11.01 -7.31 6.09
CA ASN A 36 11.79 -8.01 5.05
C ASN A 36 12.83 -7.04 4.40
N ASP A 37 13.03 -5.86 5.02
CA ASP A 37 14.07 -4.86 4.65
C ASP A 37 13.81 -4.24 3.27
N HIS A 38 12.56 -3.87 3.00
CA HIS A 38 12.16 -3.18 1.75
C HIS A 38 11.43 -1.88 2.07
N ILE A 39 12.08 -0.74 1.76
CA ILE A 39 11.56 0.60 2.04
C ILE A 39 10.81 1.07 0.79
N VAL A 40 9.54 1.36 0.98
CA VAL A 40 8.58 1.66 -0.08
C VAL A 40 7.68 2.82 0.37
N LEU A 41 7.18 3.58 -0.59
CA LEU A 41 6.36 4.76 -0.31
C LEU A 41 4.87 4.37 -0.42
N GLY A 42 4.22 4.17 0.76
CA GLY A 42 2.81 3.72 0.83
C GLY A 42 1.84 4.87 0.76
N HIS A 43 1.09 4.97 -0.34
CA HIS A 43 0.19 6.10 -0.60
C HIS A 43 -1.21 5.79 -0.05
N ILE A 44 -1.76 6.74 0.75
CA ILE A 44 -3.12 6.63 1.32
C ILE A 44 -4.18 6.93 0.24
N SER A 45 -5.22 6.10 0.19
CA SER A 45 -6.33 6.24 -0.74
C SER A 45 -7.65 6.02 0.03
N GLY A 46 -8.46 7.09 0.14
CA GLY A 46 -9.72 7.05 0.88
C GLY A 46 -9.84 8.18 1.88
N LYS A 47 -11.05 8.38 2.41
CA LYS A 47 -11.38 9.45 3.39
C LYS A 47 -10.75 9.16 4.76
N MET A 48 -10.17 7.97 4.92
CA MET A 48 -9.42 7.53 6.12
C MET A 48 -8.34 8.55 6.53
N ARG A 49 -7.76 9.23 5.53
CA ARG A 49 -6.71 10.25 5.73
C ARG A 49 -7.21 11.47 6.55
N MET A 50 -8.54 11.76 6.50
CA MET A 50 -9.12 12.89 7.26
C MET A 50 -9.84 12.41 8.52
N HIS A 51 -10.37 11.17 8.48
CA HIS A 51 -11.17 10.61 9.60
C HIS A 51 -10.26 10.07 10.72
N TYR A 52 -9.14 9.43 10.35
CA TYR A 52 -8.22 8.80 11.31
C TYR A 52 -6.97 9.65 11.51
N ILE A 53 -6.17 9.24 12.49
CA ILE A 53 -4.87 9.87 12.83
C ILE A 53 -3.80 9.28 11.90
N ARG A 54 -2.69 10.02 11.69
CA ARG A 54 -1.55 9.51 10.90
C ARG A 54 -1.00 8.21 11.55
N ILE A 55 -0.75 7.21 10.70
CA ILE A 55 -0.21 5.92 11.15
C ILE A 55 1.24 6.15 11.61
N SER A 56 1.40 6.15 12.93
CA SER A 56 2.64 6.54 13.63
C SER A 56 3.78 5.52 13.40
N PRO A 57 5.09 5.95 13.54
CA PRO A 57 6.26 5.03 13.35
C PRO A 57 6.23 3.87 14.36
N GLY A 58 6.55 2.66 13.87
CA GLY A 58 6.52 1.44 14.67
C GLY A 58 5.24 0.67 14.50
N ASP A 59 4.21 1.28 13.87
CA ASP A 59 2.94 0.58 13.60
C ASP A 59 3.09 -0.27 12.32
N LYS A 60 2.88 -1.58 12.46
CA LYS A 60 2.95 -2.52 11.33
C LYS A 60 1.69 -2.38 10.48
N VAL A 61 1.84 -2.00 9.21
CA VAL A 61 0.71 -1.67 8.32
C VAL A 61 0.77 -2.49 7.03
N THR A 62 -0.42 -2.89 6.54
CA THR A 62 -0.55 -3.70 5.33
C THR A 62 -0.69 -2.76 4.11
N VAL A 63 0.08 -3.06 3.06
CA VAL A 63 0.10 -2.29 1.80
C VAL A 63 0.25 -3.27 0.61
N GLU A 64 -0.40 -2.97 -0.53
CA GLU A 64 -0.27 -3.78 -1.76
C GLU A 64 0.66 -3.04 -2.74
N LEU A 65 1.60 -3.79 -3.27
CA LEU A 65 2.54 -3.30 -4.27
C LEU A 65 2.64 -4.32 -5.41
N THR A 66 2.44 -3.84 -6.64
CA THR A 66 2.51 -4.65 -7.85
C THR A 66 3.96 -5.11 -8.12
N PRO A 67 4.18 -6.34 -8.71
CA PRO A 67 5.53 -6.79 -9.13
C PRO A 67 6.10 -5.94 -10.29
N TYR A 68 5.23 -5.12 -10.91
CA TYR A 68 5.59 -4.21 -12.00
C TYR A 68 6.41 -3.00 -11.46
N ASP A 69 6.12 -2.62 -10.20
CA ASP A 69 6.80 -1.50 -9.51
C ASP A 69 6.97 -1.84 -8.02
N LEU A 70 8.20 -2.18 -7.64
CA LEU A 70 8.55 -2.64 -6.28
C LEU A 70 8.86 -1.44 -5.34
N THR A 71 8.96 -0.24 -5.90
CA THR A 71 9.39 0.98 -5.16
C THR A 71 8.21 1.75 -4.56
N ARG A 72 6.98 1.52 -5.05
CA ARG A 72 5.76 2.17 -4.52
C ARG A 72 4.84 1.12 -3.92
N ALA A 73 4.17 1.50 -2.82
CA ALA A 73 3.11 0.72 -2.20
C ALA A 73 1.81 1.57 -2.17
N ARG A 74 0.69 0.88 -2.11
CA ARG A 74 -0.65 1.46 -1.99
C ARG A 74 -1.23 0.94 -0.67
N ILE A 75 -1.83 1.81 0.14
CA ILE A 75 -2.30 1.42 1.47
C ILE A 75 -3.41 0.34 1.38
N VAL A 76 -3.35 -0.66 2.28
CA VAL A 76 -4.41 -1.66 2.44
C VAL A 76 -5.01 -1.54 3.83
N PHE A 77 -6.24 -1.02 3.90
CA PHE A 77 -7.01 -1.01 5.14
C PHE A 77 -7.61 -2.40 5.33
N ARG A 78 -7.28 -3.05 6.46
CA ARG A 78 -7.80 -4.38 6.80
C ARG A 78 -9.25 -4.23 7.32
N ALA A 79 -10.21 -4.64 6.45
CA ALA A 79 -11.66 -4.55 6.72
C ALA A 79 -12.06 -5.40 7.94
N ARG A 80 -12.44 -4.73 9.03
CA ARG A 80 -12.87 -5.37 10.28
C ARG A 80 -13.78 -4.40 11.06
N MET A 1 -7.65 -13.50 -11.08
CA MET A 1 -8.65 -12.41 -11.06
C MET A 1 -8.54 -11.61 -12.37
N ALA A 2 -9.40 -11.94 -13.35
CA ALA A 2 -9.51 -11.19 -14.60
C ALA A 2 -10.11 -9.81 -14.33
N HIS A 3 -9.27 -8.76 -14.38
CA HIS A 3 -9.68 -7.37 -14.08
C HIS A 3 -10.76 -6.89 -15.07
N HIS A 4 -12.03 -7.04 -14.64
CA HIS A 4 -13.21 -6.58 -15.41
C HIS A 4 -13.70 -5.27 -14.79
N HIS A 5 -13.77 -4.21 -15.59
CA HIS A 5 -14.02 -2.84 -15.10
C HIS A 5 -14.48 -1.93 -16.25
N HIS A 6 -14.96 -0.72 -15.87
CA HIS A 6 -15.25 0.37 -16.82
C HIS A 6 -13.95 0.81 -17.54
N HIS A 7 -14.07 1.41 -18.73
CA HIS A 7 -12.92 1.86 -19.55
C HIS A 7 -11.99 2.80 -18.75
N HIS A 8 -10.91 2.19 -18.24
CA HIS A 8 -9.91 2.82 -17.38
C HIS A 8 -8.72 1.86 -17.28
N MET A 9 -7.50 2.36 -17.43
CA MET A 9 -6.28 1.53 -17.34
C MET A 9 -6.10 1.01 -15.91
N ALA A 10 -6.58 -0.23 -15.65
CA ALA A 10 -6.64 -0.83 -14.32
C ALA A 10 -6.31 -2.33 -14.40
N LYS A 11 -5.03 -2.66 -14.23
CA LYS A 11 -4.53 -4.03 -14.31
C LYS A 11 -3.24 -4.12 -13.48
N GLU A 12 -3.44 -4.36 -12.17
CA GLU A 12 -2.37 -4.44 -11.19
C GLU A 12 -2.64 -5.63 -10.25
N ASP A 13 -1.87 -6.71 -10.42
CA ASP A 13 -1.94 -7.89 -9.53
C ASP A 13 -1.15 -7.59 -8.25
N THR A 14 -1.77 -6.78 -7.40
CA THR A 14 -1.12 -6.16 -6.23
C THR A 14 -1.09 -7.17 -5.05
N ILE A 15 -0.08 -7.03 -4.16
CA ILE A 15 0.21 -8.04 -3.09
C ILE A 15 0.19 -7.35 -1.73
N GLN A 16 -0.56 -7.91 -0.76
CA GLN A 16 -0.60 -7.36 0.61
C GLN A 16 0.62 -7.90 1.38
N MET A 17 1.45 -6.95 1.82
CA MET A 17 2.63 -7.18 2.61
C MET A 17 2.56 -6.30 3.85
N GLN A 18 2.74 -6.92 5.01
CA GLN A 18 2.70 -6.21 6.29
C GLN A 18 4.12 -5.90 6.75
N GLY A 19 4.48 -4.61 6.69
CA GLY A 19 5.76 -4.13 7.19
C GLY A 19 5.54 -3.27 8.43
N GLU A 20 6.22 -2.13 8.49
CA GLU A 20 6.16 -1.21 9.61
C GLU A 20 6.49 0.20 9.11
N ILE A 21 5.88 1.21 9.72
CA ILE A 21 6.13 2.62 9.39
C ILE A 21 7.55 3.00 9.86
N LEU A 22 8.45 3.22 8.89
CA LEU A 22 9.81 3.71 9.17
C LEU A 22 9.70 5.18 9.58
N GLU A 23 8.94 5.95 8.78
CA GLU A 23 8.69 7.36 9.05
C GLU A 23 7.33 7.75 8.44
N THR A 24 6.59 8.64 9.12
CA THR A 24 5.33 9.20 8.61
C THR A 24 5.58 10.62 8.08
N LEU A 25 4.98 10.93 6.92
CA LEU A 25 5.06 12.24 6.30
C LEU A 25 3.61 12.78 6.16
N PRO A 26 3.37 14.11 6.40
CA PRO A 26 2.07 14.75 6.13
C PRO A 26 1.91 15.11 4.63
N ASN A 27 2.38 14.22 3.74
CA ASN A 27 2.32 14.37 2.27
C ASN A 27 1.46 13.21 1.70
N ALA A 28 0.49 12.72 2.53
CA ALA A 28 -0.41 11.59 2.21
C ALA A 28 0.36 10.28 1.96
N THR A 29 1.61 10.25 2.42
CA THR A 29 2.55 9.17 2.18
C THR A 29 3.27 8.81 3.49
N PHE A 30 3.39 7.52 3.74
CA PHE A 30 4.14 6.98 4.88
C PHE A 30 5.31 6.18 4.33
N LYS A 31 6.52 6.50 4.81
CA LYS A 31 7.72 5.74 4.50
C LYS A 31 7.65 4.42 5.27
N VAL A 32 7.21 3.36 4.59
CA VAL A 32 7.05 2.02 5.17
C VAL A 32 8.28 1.20 4.81
N LYS A 33 8.77 0.42 5.75
CA LYS A 33 9.82 -0.57 5.51
C LYS A 33 9.18 -1.95 5.63
N LEU A 34 9.43 -2.82 4.65
CA LEU A 34 8.96 -4.21 4.69
C LEU A 34 10.04 -5.05 5.41
N GLU A 35 9.59 -6.16 6.02
CA GLU A 35 10.47 -7.10 6.76
C GLU A 35 11.45 -7.79 5.80
N ASN A 36 11.12 -7.74 4.51
CA ASN A 36 11.96 -8.24 3.38
C ASN A 36 13.16 -7.30 3.09
N ASP A 37 13.34 -6.23 3.92
CA ASP A 37 14.42 -5.23 3.80
C ASP A 37 14.24 -4.35 2.54
N HIS A 38 12.98 -4.01 2.22
CA HIS A 38 12.63 -3.13 1.08
C HIS A 38 11.71 -2.00 1.57
N ILE A 39 12.21 -0.76 1.51
CA ILE A 39 11.47 0.43 1.96
C ILE A 39 10.59 0.93 0.81
N VAL A 40 9.27 0.95 1.02
CA VAL A 40 8.27 1.38 0.04
C VAL A 40 7.45 2.57 0.61
N LEU A 41 7.00 3.46 -0.27
CA LEU A 41 6.16 4.61 0.10
C LEU A 41 4.68 4.20 0.00
N GLY A 42 4.05 3.98 1.18
CA GLY A 42 2.63 3.63 1.25
C GLY A 42 1.74 4.86 1.07
N HIS A 43 0.81 4.82 0.10
CA HIS A 43 -0.04 5.96 -0.26
C HIS A 43 -1.48 5.68 0.14
N ILE A 44 -2.13 6.69 0.71
CA ILE A 44 -3.53 6.60 1.14
C ILE A 44 -4.43 7.01 -0.04
N SER A 45 -5.10 6.03 -0.64
CA SER A 45 -5.94 6.24 -1.85
C SER A 45 -7.37 6.61 -1.45
N GLY A 46 -7.98 7.57 -2.19
CA GLY A 46 -9.37 7.98 -1.99
C GLY A 46 -9.59 8.84 -0.75
N LYS A 47 -10.82 8.79 -0.20
CA LYS A 47 -11.22 9.58 1.00
C LYS A 47 -10.64 9.01 2.30
N MET A 48 -9.99 7.82 2.22
CA MET A 48 -9.33 7.13 3.34
C MET A 48 -8.35 8.08 4.07
N ARG A 49 -7.76 9.02 3.29
CA ARG A 49 -6.83 10.06 3.77
C ARG A 49 -7.31 10.75 5.07
N MET A 50 -8.53 11.30 5.03
CA MET A 50 -9.13 12.00 6.19
C MET A 50 -10.05 11.05 6.99
N HIS A 51 -10.46 9.92 6.35
CA HIS A 51 -11.36 8.91 6.96
C HIS A 51 -10.62 8.06 8.02
N TYR A 52 -9.31 7.89 7.82
CA TYR A 52 -8.46 7.05 8.70
C TYR A 52 -7.40 7.92 9.39
N ILE A 53 -7.11 7.60 10.66
CA ILE A 53 -6.13 8.35 11.48
C ILE A 53 -4.69 8.11 10.98
N ARG A 54 -3.86 9.18 11.03
CA ARG A 54 -2.45 9.14 10.64
C ARG A 54 -1.68 8.12 11.50
N ILE A 55 -0.95 7.22 10.83
CA ILE A 55 -0.19 6.15 11.50
C ILE A 55 1.16 6.70 12.00
N SER A 56 1.61 6.19 13.15
CA SER A 56 2.83 6.62 13.83
C SER A 56 4.02 5.67 13.48
N PRO A 57 5.31 6.16 13.55
CA PRO A 57 6.51 5.33 13.31
C PRO A 57 6.66 4.22 14.36
N GLY A 58 6.99 3.00 13.90
CA GLY A 58 7.13 1.84 14.77
C GLY A 58 5.85 1.00 14.82
N ASP A 59 4.79 1.45 14.14
CA ASP A 59 3.54 0.68 14.03
C ASP A 59 3.64 -0.30 12.86
N LYS A 60 3.24 -1.56 13.11
CA LYS A 60 3.20 -2.60 12.09
C LYS A 60 1.98 -2.35 11.18
N VAL A 61 2.22 -2.23 9.87
CA VAL A 61 1.21 -1.78 8.92
C VAL A 61 1.17 -2.70 7.70
N THR A 62 -0.05 -2.98 7.24
CA THR A 62 -0.30 -3.75 6.03
C THR A 62 -0.54 -2.78 4.86
N VAL A 63 0.22 -2.95 3.78
CA VAL A 63 0.04 -2.17 2.54
C VAL A 63 0.07 -3.14 1.35
N GLU A 64 -0.66 -2.80 0.28
CA GLU A 64 -0.72 -3.63 -0.92
C GLU A 64 0.23 -3.02 -1.96
N LEU A 65 1.37 -3.72 -2.18
CA LEU A 65 2.42 -3.31 -3.11
C LEU A 65 2.30 -4.07 -4.45
N THR A 66 2.30 -3.31 -5.55
CA THR A 66 2.25 -3.86 -6.90
C THR A 66 3.64 -4.42 -7.31
N PRO A 67 3.70 -5.56 -8.06
CA PRO A 67 4.99 -6.15 -8.48
C PRO A 67 5.62 -5.33 -9.63
N TYR A 68 4.81 -4.46 -10.25
CA TYR A 68 5.18 -3.70 -11.44
C TYR A 68 6.01 -2.45 -11.07
N ASP A 69 5.85 -1.99 -9.82
CA ASP A 69 6.55 -0.81 -9.31
C ASP A 69 6.69 -0.89 -7.78
N LEU A 70 7.89 -0.55 -7.27
CA LEU A 70 8.24 -0.72 -5.84
C LEU A 70 8.30 0.62 -5.10
N THR A 71 8.23 1.75 -5.83
CA THR A 71 8.33 3.09 -5.22
C THR A 71 7.01 3.45 -4.51
N ARG A 72 5.89 2.81 -4.94
CA ARG A 72 4.55 3.14 -4.46
C ARG A 72 3.75 1.87 -4.10
N ALA A 73 3.28 1.83 -2.86
CA ALA A 73 2.26 0.88 -2.39
C ALA A 73 0.99 1.66 -2.05
N ARG A 74 -0.09 0.92 -1.78
CA ARG A 74 -1.37 1.50 -1.32
C ARG A 74 -1.60 1.01 0.11
N ILE A 75 -2.18 1.85 0.96
CA ILE A 75 -2.51 1.49 2.34
C ILE A 75 -3.55 0.36 2.39
N VAL A 76 -3.35 -0.61 3.29
CA VAL A 76 -4.39 -1.59 3.65
C VAL A 76 -4.77 -1.33 5.12
N PHE A 77 -6.01 -1.67 5.48
CA PHE A 77 -6.46 -1.67 6.88
C PHE A 77 -5.64 -2.70 7.69
N ARG A 78 -5.63 -2.54 9.01
CA ARG A 78 -4.89 -3.45 9.90
C ARG A 78 -5.71 -4.74 10.05
N ALA A 79 -5.45 -5.71 9.15
CA ALA A 79 -6.20 -6.97 9.06
C ALA A 79 -5.95 -7.84 10.30
N ARG A 80 -6.85 -7.69 11.28
CA ARG A 80 -6.82 -8.43 12.55
C ARG A 80 -7.60 -9.76 12.37
N MET A 1 -31.80 -19.54 -22.92
CA MET A 1 -30.34 -19.54 -23.17
C MET A 1 -29.70 -18.29 -22.53
N ALA A 2 -28.39 -18.35 -22.26
CA ALA A 2 -27.65 -17.28 -21.55
C ALA A 2 -26.57 -16.67 -22.46
N HIS A 3 -26.49 -15.34 -22.46
CA HIS A 3 -25.43 -14.58 -23.15
C HIS A 3 -24.60 -13.83 -22.11
N HIS A 4 -23.49 -14.43 -21.67
CA HIS A 4 -22.59 -13.80 -20.70
C HIS A 4 -21.73 -12.73 -21.39
N HIS A 5 -21.73 -11.52 -20.82
CA HIS A 5 -20.85 -10.41 -21.22
C HIS A 5 -20.06 -9.93 -19.99
N HIS A 6 -18.93 -9.26 -20.23
CA HIS A 6 -18.06 -8.73 -19.17
C HIS A 6 -18.56 -7.36 -18.70
N HIS A 7 -18.39 -7.07 -17.40
CA HIS A 7 -18.77 -5.78 -16.79
C HIS A 7 -17.56 -5.20 -16.05
N HIS A 8 -16.71 -4.47 -16.80
CA HIS A 8 -15.48 -3.79 -16.30
C HIS A 8 -14.52 -4.77 -15.58
N MET A 9 -14.53 -6.05 -16.01
CA MET A 9 -13.78 -7.14 -15.35
C MET A 9 -12.27 -6.91 -15.50
N ALA A 10 -11.70 -6.19 -14.52
CA ALA A 10 -10.28 -5.88 -14.43
C ALA A 10 -9.89 -5.85 -12.95
N LYS A 11 -9.48 -7.02 -12.45
CA LYS A 11 -9.06 -7.18 -11.05
C LYS A 11 -7.67 -6.56 -10.83
N GLU A 12 -7.31 -6.37 -9.56
CA GLU A 12 -5.97 -5.86 -9.17
C GLU A 12 -4.87 -6.88 -9.51
N ASP A 13 -3.69 -6.37 -9.87
CA ASP A 13 -2.45 -7.17 -10.04
C ASP A 13 -1.49 -6.84 -8.88
N THR A 14 -2.03 -6.24 -7.83
CA THR A 14 -1.28 -5.70 -6.70
C THR A 14 -1.14 -6.77 -5.60
N ILE A 15 0.01 -6.76 -4.90
CA ILE A 15 0.40 -7.81 -3.91
C ILE A 15 0.49 -7.18 -2.50
N GLN A 16 -0.23 -7.74 -1.53
CA GLN A 16 -0.28 -7.19 -0.17
C GLN A 16 0.94 -7.66 0.63
N MET A 17 1.72 -6.68 1.06
CA MET A 17 2.89 -6.85 1.91
C MET A 17 2.56 -6.28 3.29
N GLN A 18 3.39 -6.56 4.28
CA GLN A 18 3.19 -6.04 5.65
C GLN A 18 4.53 -5.58 6.21
N GLY A 19 4.52 -4.41 6.87
CA GLY A 19 5.69 -3.88 7.52
C GLY A 19 5.34 -2.90 8.62
N GLU A 20 6.23 -1.92 8.85
CA GLU A 20 6.06 -0.89 9.90
C GLU A 20 6.38 0.49 9.32
N ILE A 21 5.78 1.56 9.85
CA ILE A 21 6.07 2.93 9.38
C ILE A 21 7.46 3.36 9.91
N LEU A 22 8.44 3.39 9.01
CA LEU A 22 9.80 3.88 9.29
C LEU A 22 9.77 5.41 9.32
N GLU A 23 9.29 6.01 8.21
CA GLU A 23 9.33 7.48 8.03
C GLU A 23 7.92 7.99 7.60
N THR A 24 7.54 9.18 8.08
CA THR A 24 6.26 9.82 7.76
C THR A 24 6.50 11.00 6.78
N LEU A 25 5.97 10.87 5.55
CA LEU A 25 6.14 11.89 4.48
C LEU A 25 4.83 12.69 4.30
N PRO A 26 4.86 13.88 3.61
CA PRO A 26 3.64 14.58 3.14
C PRO A 26 2.89 13.79 2.04
N ASN A 27 1.79 14.38 1.53
CA ASN A 27 0.99 13.84 0.41
C ASN A 27 0.32 12.50 0.75
N ALA A 28 0.13 12.24 2.08
CA ALA A 28 -0.48 10.99 2.63
C ALA A 28 0.41 9.74 2.37
N THR A 29 1.70 9.99 2.19
CA THR A 29 2.69 8.96 1.85
C THR A 29 3.55 8.66 3.09
N PHE A 30 3.88 7.37 3.29
CA PHE A 30 4.69 6.91 4.44
C PHE A 30 5.71 5.87 3.97
N LYS A 31 6.98 6.04 4.37
CA LYS A 31 8.01 5.02 4.15
C LYS A 31 7.78 3.87 5.14
N VAL A 32 7.24 2.80 4.58
CA VAL A 32 6.93 1.57 5.31
C VAL A 32 8.05 0.55 5.06
N LYS A 33 8.67 0.12 6.13
CA LYS A 33 9.69 -0.92 6.15
C LYS A 33 9.01 -2.30 6.23
N LEU A 34 8.84 -2.92 5.04
CA LEU A 34 8.30 -4.28 4.87
C LEU A 34 9.15 -5.29 5.66
N GLU A 35 8.49 -6.31 6.25
CA GLU A 35 9.13 -7.34 7.12
C GLU A 35 10.28 -8.07 6.40
N ASN A 36 10.25 -8.04 5.06
CA ASN A 36 11.28 -8.63 4.17
C ASN A 36 12.49 -7.68 3.95
N ASP A 37 12.66 -6.71 4.89
CA ASP A 37 13.85 -5.82 4.99
C ASP A 37 14.00 -4.91 3.74
N HIS A 38 12.86 -4.43 3.22
CA HIS A 38 12.80 -3.40 2.16
C HIS A 38 11.84 -2.29 2.60
N ILE A 39 12.20 -1.02 2.33
CA ILE A 39 11.32 0.12 2.59
C ILE A 39 10.67 0.58 1.27
N VAL A 40 9.34 0.53 1.24
CA VAL A 40 8.51 1.05 0.13
C VAL A 40 7.57 2.12 0.70
N LEU A 41 7.28 3.16 -0.09
CA LEU A 41 6.46 4.28 0.36
C LEU A 41 4.96 3.99 0.09
N GLY A 42 4.24 3.59 1.16
CA GLY A 42 2.80 3.34 1.11
C GLY A 42 2.01 4.64 1.10
N HIS A 43 1.19 4.83 0.04
CA HIS A 43 0.40 6.07 -0.15
C HIS A 43 -1.07 5.75 0.11
N ILE A 44 -1.76 6.66 0.83
CA ILE A 44 -3.17 6.50 1.17
C ILE A 44 -4.07 6.77 -0.05
N SER A 45 -4.81 5.73 -0.43
CA SER A 45 -5.72 5.76 -1.57
C SER A 45 -7.14 6.08 -1.06
N GLY A 46 -7.57 7.33 -1.29
CA GLY A 46 -8.93 7.77 -0.98
C GLY A 46 -9.03 8.54 0.34
N LYS A 47 -10.29 8.74 0.78
CA LYS A 47 -10.64 9.53 1.99
C LYS A 47 -10.42 8.72 3.29
N MET A 48 -9.88 7.48 3.15
CA MET A 48 -9.74 6.50 4.25
C MET A 48 -9.05 7.09 5.50
N ARG A 49 -8.00 7.91 5.29
CA ARG A 49 -7.18 8.48 6.39
C ARG A 49 -7.96 9.45 7.29
N MET A 50 -9.01 10.06 6.73
CA MET A 50 -9.77 11.14 7.40
C MET A 50 -10.68 10.55 8.49
N HIS A 51 -11.14 9.30 8.29
CA HIS A 51 -12.00 8.57 9.26
C HIS A 51 -11.16 7.59 10.11
N TYR A 52 -10.17 6.97 9.45
CA TYR A 52 -9.22 6.02 10.09
C TYR A 52 -8.17 6.81 10.90
N ILE A 53 -7.53 6.15 11.87
CA ILE A 53 -6.55 6.79 12.78
C ILE A 53 -5.33 7.36 12.02
N ARG A 54 -4.78 8.47 12.55
CA ARG A 54 -3.55 9.11 12.01
C ARG A 54 -2.38 8.10 12.09
N ILE A 55 -1.90 7.66 10.92
CA ILE A 55 -0.81 6.70 10.80
C ILE A 55 0.52 7.35 11.24
N SER A 56 1.17 6.73 12.24
CA SER A 56 2.31 7.30 12.99
C SER A 56 3.58 6.43 12.82
N PRO A 57 4.81 7.00 13.07
CA PRO A 57 6.08 6.22 12.96
C PRO A 57 6.19 5.17 14.09
N GLY A 58 6.25 3.88 13.70
CA GLY A 58 6.29 2.77 14.65
C GLY A 58 5.02 1.92 14.59
N ASP A 59 4.02 2.34 13.78
CA ASP A 59 2.80 1.55 13.57
C ASP A 59 3.06 0.47 12.51
N LYS A 60 2.87 -0.81 12.88
CA LYS A 60 2.93 -1.94 11.93
C LYS A 60 1.63 -1.92 11.11
N VAL A 61 1.78 -1.81 9.78
CA VAL A 61 0.65 -1.66 8.87
C VAL A 61 0.83 -2.60 7.68
N THR A 62 -0.30 -3.00 7.10
CA THR A 62 -0.34 -3.73 5.83
C THR A 62 -0.39 -2.69 4.70
N VAL A 63 0.26 -2.99 3.57
CA VAL A 63 0.21 -2.16 2.35
C VAL A 63 0.05 -3.09 1.15
N GLU A 64 -0.11 -2.52 -0.03
CA GLU A 64 -0.41 -3.26 -1.25
C GLU A 64 0.51 -2.72 -2.34
N LEU A 65 1.52 -3.51 -2.70
CA LEU A 65 2.54 -3.15 -3.67
C LEU A 65 2.45 -4.02 -4.94
N THR A 66 2.30 -3.35 -6.08
CA THR A 66 2.35 -4.00 -7.40
C THR A 66 3.79 -4.53 -7.68
N PRO A 67 3.94 -5.74 -8.30
CA PRO A 67 5.26 -6.30 -8.66
C PRO A 67 5.93 -5.53 -9.82
N TYR A 68 5.16 -4.67 -10.52
CA TYR A 68 5.63 -3.92 -11.70
C TYR A 68 6.42 -2.65 -11.32
N ASP A 69 6.19 -2.12 -10.10
CA ASP A 69 7.03 -1.04 -9.54
C ASP A 69 6.98 -1.05 -8.01
N LEU A 70 8.14 -0.79 -7.37
CA LEU A 70 8.24 -0.58 -5.91
C LEU A 70 8.21 0.93 -5.57
N THR A 71 8.04 1.77 -6.63
CA THR A 71 8.14 3.24 -6.51
C THR A 71 7.04 3.81 -5.59
N ARG A 72 5.92 3.08 -5.41
CA ARG A 72 4.85 3.47 -4.48
C ARG A 72 3.93 2.26 -4.19
N ALA A 73 3.67 2.00 -2.90
CA ALA A 73 2.63 1.06 -2.45
C ALA A 73 1.32 1.82 -2.16
N ARG A 74 0.29 1.08 -1.76
CA ARG A 74 -1.01 1.60 -1.37
C ARG A 74 -1.26 1.19 0.09
N ILE A 75 -1.73 2.11 0.95
CA ILE A 75 -2.06 1.79 2.33
C ILE A 75 -3.15 0.69 2.38
N VAL A 76 -3.01 -0.29 3.28
CA VAL A 76 -4.09 -1.19 3.63
C VAL A 76 -4.44 -0.95 5.10
N PHE A 77 -5.57 -0.27 5.31
CA PHE A 77 -6.15 -0.02 6.64
C PHE A 77 -6.38 -1.38 7.34
N ARG A 78 -5.51 -1.70 8.30
CA ARG A 78 -5.51 -3.01 8.97
C ARG A 78 -6.65 -3.02 10.00
N ALA A 79 -7.73 -3.73 9.65
CA ALA A 79 -8.94 -3.85 10.46
C ALA A 79 -8.74 -4.92 11.56
N ARG A 80 -9.08 -4.55 12.81
CA ARG A 80 -9.00 -5.46 13.96
C ARG A 80 -10.24 -6.39 13.98
N MET A 1 4.01 -25.68 -0.96
CA MET A 1 2.54 -25.82 -1.12
C MET A 1 2.04 -25.17 -2.42
N ALA A 2 2.85 -24.24 -2.98
CA ALA A 2 2.53 -23.55 -4.24
C ALA A 2 3.77 -23.60 -5.15
N HIS A 3 3.69 -24.43 -6.21
CA HIS A 3 4.75 -24.55 -7.23
C HIS A 3 4.78 -23.26 -8.08
N HIS A 4 5.51 -22.26 -7.55
CA HIS A 4 5.60 -20.94 -8.17
C HIS A 4 6.28 -21.06 -9.55
N HIS A 5 5.64 -20.47 -10.55
CA HIS A 5 6.14 -20.43 -11.93
C HIS A 5 6.24 -18.97 -12.35
N HIS A 6 7.21 -18.64 -13.18
CA HIS A 6 7.43 -17.26 -13.65
C HIS A 6 6.35 -16.89 -14.70
N HIS A 7 5.20 -16.43 -14.21
CA HIS A 7 4.05 -16.04 -15.05
C HIS A 7 4.10 -14.53 -15.36
N HIS A 8 5.07 -14.15 -16.20
CA HIS A 8 5.24 -12.78 -16.68
C HIS A 8 4.20 -12.51 -17.79
N MET A 9 2.99 -12.09 -17.36
CA MET A 9 1.84 -11.87 -18.26
C MET A 9 1.33 -10.41 -18.22
N ALA A 10 2.15 -9.50 -17.64
CA ALA A 10 1.82 -8.06 -17.46
C ALA A 10 0.51 -7.90 -16.68
N LYS A 11 0.58 -8.18 -15.36
CA LYS A 11 -0.60 -8.17 -14.47
C LYS A 11 -0.42 -7.12 -13.35
N GLU A 12 -1.55 -6.50 -12.94
CA GLU A 12 -1.61 -5.64 -11.75
C GLU A 12 -1.85 -6.52 -10.51
N ASP A 13 -0.96 -7.49 -10.33
CA ASP A 13 -1.07 -8.53 -9.33
C ASP A 13 -0.60 -7.97 -7.99
N THR A 14 -1.58 -7.51 -7.22
CA THR A 14 -1.35 -6.88 -5.92
C THR A 14 -0.63 -7.81 -4.95
N ILE A 15 0.40 -7.26 -4.30
CA ILE A 15 1.20 -7.97 -3.30
C ILE A 15 0.98 -7.23 -1.97
N GLN A 16 0.22 -7.85 -1.06
CA GLN A 16 -0.04 -7.25 0.25
C GLN A 16 1.04 -7.73 1.21
N MET A 17 1.80 -6.77 1.75
CA MET A 17 2.99 -7.02 2.54
C MET A 17 2.90 -6.22 3.83
N GLN A 18 3.21 -6.89 4.95
CA GLN A 18 3.14 -6.29 6.29
C GLN A 18 4.54 -5.88 6.75
N GLY A 19 4.77 -4.57 6.81
CA GLY A 19 5.99 -4.00 7.33
C GLY A 19 5.74 -3.19 8.58
N GLU A 20 6.53 -2.11 8.77
CA GLU A 20 6.45 -1.23 9.95
C GLU A 20 6.86 0.18 9.54
N ILE A 21 6.24 1.20 10.16
CA ILE A 21 6.50 2.61 9.82
C ILE A 21 7.91 3.01 10.28
N LEU A 22 8.80 3.18 9.29
CA LEU A 22 10.20 3.60 9.50
C LEU A 22 10.21 5.13 9.69
N GLU A 23 9.35 5.84 8.92
CA GLU A 23 9.23 7.32 9.00
C GLU A 23 7.85 7.78 8.48
N THR A 24 7.31 8.87 9.08
CA THR A 24 6.03 9.47 8.69
C THR A 24 6.27 10.73 7.83
N LEU A 25 5.74 10.72 6.59
CA LEU A 25 5.82 11.86 5.64
C LEU A 25 4.42 12.50 5.51
N PRO A 26 4.29 13.75 4.92
CA PRO A 26 2.98 14.33 4.56
C PRO A 26 2.43 13.73 3.23
N ASN A 27 1.27 14.28 2.80
CA ASN A 27 0.60 13.96 1.51
C ASN A 27 0.06 12.50 1.51
N ALA A 28 -0.29 12.02 2.73
CA ALA A 28 -0.80 10.64 3.00
C ALA A 28 0.24 9.54 2.68
N THR A 29 1.49 9.97 2.50
CA THR A 29 2.60 9.09 2.12
C THR A 29 3.41 8.75 3.37
N PHE A 30 3.76 7.47 3.56
CA PHE A 30 4.51 7.00 4.74
C PHE A 30 5.64 6.05 4.34
N LYS A 31 6.84 6.28 4.93
CA LYS A 31 8.03 5.46 4.66
C LYS A 31 7.95 4.18 5.51
N VAL A 32 7.48 3.09 4.87
CA VAL A 32 7.29 1.80 5.54
C VAL A 32 8.47 0.87 5.19
N LYS A 33 9.05 0.29 6.21
CA LYS A 33 10.08 -0.74 6.12
C LYS A 33 9.37 -2.10 6.11
N LEU A 34 9.36 -2.76 4.93
CA LEU A 34 8.60 -4.00 4.71
C LEU A 34 9.35 -5.23 5.22
N GLU A 35 8.59 -6.34 5.28
CA GLU A 35 9.06 -7.67 5.76
C GLU A 35 10.22 -8.22 4.90
N ASN A 36 10.30 -7.78 3.63
CA ASN A 36 11.38 -8.17 2.70
C ASN A 36 12.52 -7.12 2.71
N ASP A 37 12.71 -6.45 3.88
CA ASP A 37 13.89 -5.60 4.20
C ASP A 37 13.99 -4.33 3.33
N HIS A 38 12.90 -3.93 2.63
CA HIS A 38 12.97 -2.80 1.68
C HIS A 38 11.91 -1.74 2.01
N ILE A 39 12.29 -0.48 1.80
CA ILE A 39 11.45 0.69 2.00
C ILE A 39 10.50 0.87 0.80
N VAL A 40 9.21 1.03 1.10
CA VAL A 40 8.19 1.45 0.11
C VAL A 40 7.39 2.62 0.71
N LEU A 41 6.98 3.55 -0.16
CA LEU A 41 6.17 4.71 0.22
C LEU A 41 4.68 4.33 0.12
N GLY A 42 4.06 4.02 1.28
CA GLY A 42 2.65 3.67 1.36
C GLY A 42 1.77 4.90 1.25
N HIS A 43 0.86 4.89 0.25
CA HIS A 43 -0.10 5.98 0.00
C HIS A 43 -1.49 5.57 0.51
N ILE A 44 -2.03 6.39 1.43
CA ILE A 44 -3.41 6.24 1.91
C ILE A 44 -4.37 6.84 0.87
N SER A 45 -5.46 6.13 0.57
CA SER A 45 -6.50 6.58 -0.36
C SER A 45 -7.88 6.18 0.18
N GLY A 46 -8.95 6.66 -0.47
CA GLY A 46 -10.32 6.40 -0.05
C GLY A 46 -10.79 7.35 1.05
N LYS A 47 -11.82 6.90 1.80
CA LYS A 47 -12.51 7.70 2.84
C LYS A 47 -11.57 8.06 4.00
N MET A 48 -10.67 7.12 4.32
CA MET A 48 -9.65 7.30 5.39
C MET A 48 -8.69 8.47 5.06
N ARG A 49 -8.35 8.65 3.76
CA ARG A 49 -7.52 9.79 3.31
C ARG A 49 -8.34 11.08 3.33
N MET A 50 -9.65 10.98 3.01
CA MET A 50 -10.58 12.13 3.08
C MET A 50 -10.72 12.63 4.54
N HIS A 51 -10.71 11.68 5.49
CA HIS A 51 -10.74 11.97 6.95
C HIS A 51 -9.32 12.24 7.47
N TYR A 52 -8.29 11.84 6.69
CA TYR A 52 -6.85 12.14 6.95
C TYR A 52 -6.33 11.37 8.16
N ILE A 53 -6.93 10.18 8.35
CA ILE A 53 -6.45 9.19 9.31
C ILE A 53 -5.04 8.72 8.91
N ARG A 54 -4.04 9.30 9.59
CA ARG A 54 -2.62 9.02 9.31
C ARG A 54 -2.16 7.74 10.05
N ILE A 55 -0.84 7.45 9.98
CA ILE A 55 -0.21 6.37 10.74
C ILE A 55 0.89 6.99 11.61
N SER A 56 1.16 6.34 12.74
CA SER A 56 2.15 6.79 13.73
C SER A 56 3.44 5.94 13.61
N PRO A 57 4.65 6.52 13.91
CA PRO A 57 5.93 5.79 13.80
C PRO A 57 6.07 4.73 14.92
N GLY A 58 6.35 3.48 14.52
CA GLY A 58 6.45 2.36 15.47
C GLY A 58 5.34 1.34 15.29
N ASP A 59 4.35 1.65 14.43
CA ASP A 59 3.23 0.73 14.13
C ASP A 59 3.59 -0.17 12.95
N LYS A 60 3.43 -1.51 13.14
CA LYS A 60 3.52 -2.47 12.02
C LYS A 60 2.22 -2.39 11.21
N VAL A 61 2.32 -2.24 9.88
CA VAL A 61 1.17 -2.01 9.01
C VAL A 61 1.30 -2.81 7.71
N THR A 62 0.16 -3.12 7.09
CA THR A 62 0.11 -3.81 5.79
C THR A 62 -0.18 -2.79 4.67
N VAL A 63 0.48 -2.97 3.52
CA VAL A 63 0.31 -2.14 2.30
C VAL A 63 0.24 -3.08 1.08
N GLU A 64 0.00 -2.49 -0.11
CA GLU A 64 -0.32 -3.23 -1.34
C GLU A 64 0.48 -2.66 -2.52
N LEU A 65 1.49 -3.41 -3.00
CA LEU A 65 2.34 -2.98 -4.13
C LEU A 65 2.30 -4.02 -5.26
N THR A 66 2.40 -3.53 -6.50
CA THR A 66 2.30 -4.37 -7.71
C THR A 66 3.72 -4.72 -8.23
N PRO A 67 3.87 -5.75 -9.12
CA PRO A 67 5.14 -5.99 -9.87
C PRO A 67 5.46 -4.83 -10.86
N TYR A 68 4.42 -4.07 -11.20
CA TYR A 68 4.52 -2.90 -12.10
C TYR A 68 5.18 -1.71 -11.38
N ASP A 69 4.97 -1.61 -10.06
CA ASP A 69 5.46 -0.48 -9.24
C ASP A 69 5.81 -0.99 -7.83
N LEU A 70 7.10 -0.90 -7.47
CA LEU A 70 7.62 -1.37 -6.16
C LEU A 70 7.95 -0.19 -5.24
N THR A 71 8.20 1.00 -5.82
CA THR A 71 8.71 2.17 -5.05
C THR A 71 7.62 2.81 -4.19
N ARG A 72 6.35 2.66 -4.62
CA ARG A 72 5.19 3.23 -3.91
C ARG A 72 4.05 2.21 -3.89
N ALA A 73 3.47 2.03 -2.71
CA ALA A 73 2.36 1.09 -2.46
C ALA A 73 1.08 1.86 -2.08
N ARG A 74 0.02 1.11 -1.82
CA ARG A 74 -1.27 1.63 -1.36
C ARG A 74 -1.60 0.96 -0.04
N ILE A 75 -1.99 1.73 0.98
CA ILE A 75 -2.22 1.22 2.33
C ILE A 75 -3.31 0.11 2.34
N VAL A 76 -3.14 -0.91 3.19
CA VAL A 76 -4.17 -1.92 3.44
C VAL A 76 -4.70 -1.80 4.89
N PHE A 77 -5.60 -0.82 5.09
CA PHE A 77 -6.41 -0.72 6.31
C PHE A 77 -7.70 -1.52 6.10
N ARG A 78 -7.85 -2.63 6.84
CA ARG A 78 -9.03 -3.52 6.77
C ARG A 78 -10.20 -2.91 7.55
N ALA A 79 -11.08 -2.20 6.82
CA ALA A 79 -12.32 -1.62 7.37
C ALA A 79 -13.44 -2.65 7.30
N ARG A 80 -14.07 -2.95 8.46
CA ARG A 80 -15.16 -3.95 8.54
C ARG A 80 -16.40 -3.49 7.71
#